data_9AWK
#
_entry.id   9AWK
#
_cell.length_a   1.00
_cell.length_b   1.00
_cell.length_c   1.00
_cell.angle_alpha   90.00
_cell.angle_beta   90.00
_cell.angle_gamma   90.00
#
_symmetry.space_group_name_H-M   'P 1'
#
loop_
_entity.id
_entity.type
_entity.pdbx_description
1 polymer 'Acetylcholine receptor subunit alpha'
2 polymer 'Acetylcholine receptor subunit beta'
3 polymer 'Acetylcholine receptor subunit delta'
4 polymer Toxin
5 polymer 'Acetylcholine receptor subunit gamma'
6 branched alpha-D-mannopyranose-(1-2)-alpha-D-mannopyranose-(1-3)-[alpha-D-mannopyranose-(1-2)-alpha-D-mannopyranose-(1-6)]alpha-D-mannopyranose-(1-6)-[alpha-D-mannopyranose-(1-2)-alpha-D-mannopyranose-(1-3)]beta-D-mannopyranose-(1-4)-2-acetamido-2-deoxy-beta-D-glucopyranose-(1-4)-2-acetamido-2-deoxy-beta-D-glucopyranose
7 branched alpha-D-mannopyranose-(1-6)-beta-D-mannopyranose-(1-4)-2-acetamido-2-deoxy-beta-D-glucopyranose-(1-4)-2-acetamido-2-deoxy-beta-D-glucopyranose
8 branched alpha-D-mannopyranose-(1-2)-alpha-D-mannopyranose-(1-2)-alpha-D-mannopyranose-(1-3)-[alpha-D-mannopyranose-(1-2)-alpha-D-mannopyranose-(1-3)-[alpha-D-mannopyranose-(1-2)-alpha-D-mannopyranose-(1-6)]alpha-D-mannopyranose-(1-6)]beta-D-mannopyranose-(1-4)-2-acetamido-2-deoxy-beta-D-glucopyranose-(1-4)-2-acetamido-2-deoxy-beta-D-glucopyranose
9 branched alpha-D-mannopyranose-(1-3)-alpha-D-mannopyranose-(1-6)-[alpha-D-mannopyranose-(1-3)]beta-D-mannopyranose-(1-4)-2-acetamido-2-deoxy-beta-D-glucopyranose-(1-4)-2-acetamido-2-deoxy-beta-D-glucopyranose
10 branched 2-acetamido-2-deoxy-beta-D-glucopyranose-(1-4)-2-acetamido-2-deoxy-beta-D-glucopyranose
11 non-polymer '(2S)-3-(hexadecanoyloxy)-2-[(9Z)-octadec-9-enoyloxy]propyl 2-(trimethylammonio)ethyl phosphate'
12 non-polymer 2-acetamido-2-deoxy-beta-D-glucopyranose
#
loop_
_entity_poly.entity_id
_entity_poly.type
_entity_poly.pdbx_seq_one_letter_code
_entity_poly.pdbx_strand_id
1 'polypeptide(L)'
;SEHETRLVAKLFEDYNSVVRPVEDHRQAVEVTVGLQLIQLINVDEVNQIVTTNVRLKQQWVDYNLKWNPDDYGGVKKIHI
PSEKIWRPDLVLYNNADGDFAIVKFTKVLLDYTGHITWTPPAIFKSYCEIIVTHFPFDEQNCSMKLGTWTYDGSVVVINP
ESDQPDLSNFMESGEWVIKESRGWKHWVFYACCPSTPYLDITYHFVMQRLPLYFIVNVIIPCLLFSFLTGLVFYLPTDSG
EKMTLSISVLLSLTVFLLVIVELIPSTSSAVPLIGKYMLFTMVFVIASIIITVIVINTHHRSPSTHVMPEWVRKVFIDTI
PNIMFFSTMKRPSREKQDKKIFTEDIDISDISGKPGPPPMGFHSPLIKHPEVKSAIEGIKYIAETMKSDQESNNAAEEWK
YVAMVMDHILLAVFMLVCIIGTLAVFAGRLIELNQQG
;
A,C
2 'polypeptide(L)'
;SEAEGRLREKLFSGYDSTVRPAREVGDRVWVSIGLTLAQLISLNEKDEEMSTKVYLDLEWTDYRLSWDPEEHEGIDSLRI
SAESVWLPDVVLLNNNDGNFDVALDINVVVSSDGSMRWQPPGIYRSSCSIQVTYFPFDWQNCTMVFSSYSYDSSEVSLQT
GLSPEGQERQEVYIHEGTFIENGQWEIIHKPSRLIQPSVDPRGGGEGRREEVTFYLIIRRKPLFYLVNVIAPCILITLLA
IFVFYLPPDAGEKMGLSIFALLTLTVFLLLLADKVPETSLSVPIIIKYLMFTMVLVTFSVILSVVVLNLHHRSPHTHQMP
LWVRQIFIHKLPLYLGLKRPKPERDQMQEPPSIAPRDSPGSGWGRGTDEYFIRKPPNDFLFPKPNRFQPELSAPDLRRFI
DGPNRAVGLPPELREVVSSISYIARQLQEQEDHDVLKEDWQFVAMVVDRLFLWTFIIFTSVGTLVIFLDATYHLPPADPF
P
;
E
3 'polypeptide(L)'
;LNEEERLIRHLFEEKAYNKELRPAAHKESVEISLALTLSNLISLKEVEETLTTNVWIEQGWTDSRLQWDAEDFGNISVLR
LPADMVWLPEIVLENNNDGSFQISYSCNVLIYPSGSVYWLPPAIFRSSCPISVTYFPFDWQNCSLKFSSLKYTTKEITLS
LKQAEEDGRSYPVEWIIIDPEGFTENGEWEIVHRPARVNVDPSVPLDSPNRQDVTFYLIIRRKPLFYVINILVPCVLISF
MINLVFYLPADCGEKTSMAISVLLAQSVFLLLISKRLPATSMAIPLIGKFLLFGMVLVTMVVVICVIVLNIHFRTPSTHV
LSEPVKKLFLETLPEILHMSRPAEDGPSPGTLIRRSSSLGYISKAEEYFSLKSRSDLMFEKQSERHGLARRLTTARRPPA
GSEQAQQELFSELKPAVDGANFIVNHMKDQNNYNEEKDCWNRVARTVDRLCLFVVTPIMVVGTAWIFLQGAYNQPPPQPF
PGDPFSYLEKDKRFI
;
D
4 'polypeptide(L)' GSMICYNQQSSQPPTTKTCSETSCYKKTWRDHRGTIIERGCGCPKVKPGIKLHCCRTDKCNN F,G
5 'polypeptide(L)'
;RNQEERLLGDLMQGYNPHLRPAEHDSDVVNVSLKLTLTNLISLNEREEALTTNVWIEMQWCDYRLRWDPRDYGGLWVLRV
PSTMVWRPDIVLENNVDGVFEVALYCNVLVSPDGCVYWLPPAIFRSSCPVSVTFFPFDWQNCSLIFQSQTYSTNEINLQL
SQEDGQTIEWIFIDPEAFTENGEWAIRHRPAKMLLDEAAPAEEAGHQKVVFYLLIQRKPLFYVINIIAPCVLISSVAILI
YFLPAKAGGQKCTVAINVLLAQTVFLFLVAKKVPETSQAVPLISKYLTFLLVVTILIVVNAVVVLNVSLRSPHTHSMARG
VRKVFLRLLPQLLRMHVRPLAPVAVQDAHPRLQNGSSSGWPITAGEEVALCLPRSELLFRQRQRNGLVRAALEKLEKGPE
SGQSPEWCGSLKQAAPAIQACVEACNLIARARHQQTHFDSGNKEWFLVGRVLDRVCFLAMLSLFVCGTAGIFLMAHYNRV
PALPFPGDPRSYLPSSD
;
B
#
# COMPACT_ATOMS: atom_id res chain seq x y z
N SER A 1 54.31 17.11 -0.07
CA SER A 1 53.76 15.75 -0.23
C SER A 1 54.70 14.83 -1.03
N GLU A 2 55.88 15.34 -1.38
CA GLU A 2 56.88 14.47 -1.98
C GLU A 2 57.37 13.43 -0.99
N HIS A 3 57.50 13.81 0.29
CA HIS A 3 57.88 12.83 1.31
C HIS A 3 56.82 11.74 1.45
N GLU A 4 55.55 12.13 1.50
CA GLU A 4 54.49 11.13 1.63
C GLU A 4 54.34 10.31 0.37
N THR A 5 54.56 10.91 -0.81
CA THR A 5 54.54 10.13 -2.04
C THR A 5 55.65 9.09 -2.04
N ARG A 6 56.85 9.49 -1.62
CA ARG A 6 57.96 8.54 -1.51
C ARG A 6 57.64 7.43 -0.52
N LEU A 7 57.05 7.79 0.63
CA LEU A 7 56.71 6.80 1.64
C LEU A 7 55.67 5.81 1.11
N VAL A 8 54.64 6.32 0.42
CA VAL A 8 53.59 5.44 -0.07
C VAL A 8 54.11 4.53 -1.17
N ALA A 9 55.00 5.04 -2.02
CA ALA A 9 55.63 4.18 -3.02
C ALA A 9 56.51 3.11 -2.37
N LYS A 10 57.25 3.47 -1.32
CA LYS A 10 58.11 2.50 -0.67
C LYS A 10 57.30 1.44 0.07
N LEU A 11 56.17 1.82 0.66
CA LEU A 11 55.44 0.91 1.53
C LEU A 11 54.73 -0.19 0.74
N PHE A 12 54.26 0.12 -0.47
CA PHE A 12 53.45 -0.78 -1.27
C PHE A 12 54.17 -1.25 -2.52
N GLU A 13 55.50 -1.39 -2.45
CA GLU A 13 56.28 -1.94 -3.55
C GLU A 13 56.46 -3.45 -3.44
N ASP A 14 56.41 -4.01 -2.23
CA ASP A 14 56.58 -5.44 -1.99
C ASP A 14 55.55 -5.91 -0.98
N TYR A 15 54.34 -5.37 -1.07
CA TYR A 15 53.29 -5.63 -0.10
C TYR A 15 52.29 -6.62 -0.68
N ASN A 16 51.91 -7.60 0.13
CA ASN A 16 50.91 -8.59 -0.23
C ASN A 16 49.79 -8.53 0.81
N SER A 17 48.57 -8.25 0.34
CA SER A 17 47.43 -7.98 1.19
C SER A 17 46.61 -9.22 1.52
N VAL A 18 47.07 -10.41 1.12
CA VAL A 18 46.30 -11.63 1.36
C VAL A 18 46.62 -12.21 2.73
N VAL A 19 47.90 -12.34 3.07
CA VAL A 19 48.29 -13.03 4.29
C VAL A 19 48.30 -12.06 5.47
N ARG A 20 48.26 -12.62 6.67
CA ARG A 20 48.07 -11.81 7.86
C ARG A 20 49.31 -10.95 8.13
N PRO A 21 49.16 -9.78 8.78
CA PRO A 21 50.34 -8.92 9.02
C PRO A 21 51.05 -9.28 10.33
N VAL A 22 51.84 -10.35 10.30
CA VAL A 22 52.54 -10.84 11.47
C VAL A 22 53.93 -11.33 11.07
N GLU A 23 54.94 -10.87 11.82
CA GLU A 23 56.33 -11.17 11.50
C GLU A 23 56.56 -12.68 11.40
N ASP A 24 55.95 -13.44 12.31
CA ASP A 24 55.92 -14.89 12.28
C ASP A 24 54.48 -15.35 12.13
N HIS A 25 54.29 -16.42 11.36
CA HIS A 25 52.95 -16.92 11.11
C HIS A 25 52.31 -17.58 12.31
N ARG A 26 53.06 -17.84 13.38
CA ARG A 26 52.54 -18.52 14.56
C ARG A 26 51.92 -17.57 15.59
N GLN A 27 52.07 -16.26 15.42
CA GLN A 27 51.43 -15.29 16.31
C GLN A 27 50.15 -14.77 15.67
N ALA A 28 49.18 -14.44 16.51
CA ALA A 28 47.89 -13.97 16.06
C ALA A 28 47.91 -12.46 15.86
N VAL A 29 46.97 -11.98 15.04
CA VAL A 29 46.75 -10.56 14.85
C VAL A 29 45.81 -10.09 15.95
N GLU A 30 46.25 -9.10 16.73
CA GLU A 30 45.43 -8.50 17.77
C GLU A 30 44.61 -7.36 17.15
N VAL A 31 43.29 -7.51 17.17
CA VAL A 31 42.37 -6.51 16.63
C VAL A 31 41.51 -6.01 17.77
N THR A 32 41.35 -4.69 17.87
CA THR A 32 40.47 -4.05 18.82
C THR A 32 39.24 -3.57 18.06
N VAL A 33 38.06 -4.00 18.50
CA VAL A 33 36.80 -3.73 17.82
C VAL A 33 35.93 -2.90 18.74
N GLY A 34 35.42 -1.79 18.22
CA GLY A 34 34.43 -0.99 18.93
C GLY A 34 33.30 -0.63 18.00
N LEU A 35 32.10 -0.57 18.57
CA LEU A 35 30.88 -0.27 17.84
C LEU A 35 30.33 1.07 18.32
N GLN A 36 30.04 1.97 17.38
CA GLN A 36 29.39 3.23 17.66
C GLN A 36 28.03 3.22 16.99
N LEU A 37 26.98 3.43 17.77
CA LEU A 37 25.61 3.47 17.28
C LEU A 37 25.24 4.92 17.01
N ILE A 38 25.09 5.28 15.74
CA ILE A 38 24.74 6.64 15.37
C ILE A 38 23.22 6.84 15.37
N GLN A 39 22.48 5.86 14.87
CA GLN A 39 21.04 6.01 14.71
C GLN A 39 20.39 4.63 14.69
N LEU A 40 19.33 4.48 15.48
CA LEU A 40 18.47 3.30 15.40
C LEU A 40 17.38 3.63 14.38
N ILE A 41 17.44 3.00 13.21
CA ILE A 41 16.60 3.40 12.09
C ILE A 41 15.21 2.77 12.19
N ASN A 42 15.12 1.46 12.41
CA ASN A 42 13.82 0.80 12.38
C ASN A 42 13.83 -0.46 13.21
N VAL A 43 12.66 -0.80 13.73
CA VAL A 43 12.38 -2.09 14.35
C VAL A 43 11.20 -2.68 13.59
N ASP A 44 11.44 -3.77 12.85
CA ASP A 44 10.43 -4.46 12.06
C ASP A 44 10.03 -5.67 12.89
N GLU A 45 8.86 -5.59 13.53
CA GLU A 45 8.39 -6.66 14.40
C GLU A 45 7.87 -7.85 13.61
N VAL A 46 7.39 -7.64 12.39
CA VAL A 46 6.87 -8.74 11.58
C VAL A 46 8.01 -9.64 11.11
N ASN A 47 8.97 -9.06 10.39
CA ASN A 47 10.14 -9.81 9.93
C ASN A 47 11.22 -9.93 11.00
N GLN A 48 11.07 -9.24 12.14
CA GLN A 48 12.01 -9.36 13.26
C GLN A 48 13.41 -8.89 12.86
N ILE A 49 13.48 -7.67 12.33
CA ILE A 49 14.73 -7.10 11.82
C ILE A 49 14.92 -5.72 12.44
N VAL A 50 16.11 -5.46 12.97
CA VAL A 50 16.47 -4.16 13.51
C VAL A 50 17.46 -3.52 12.56
N THR A 51 17.12 -2.33 12.07
CA THR A 51 17.96 -1.56 11.16
C THR A 51 18.61 -0.43 11.95
N THR A 52 19.94 -0.41 11.94
CA THR A 52 20.73 0.57 12.68
C THR A 52 21.82 1.15 11.80
N ASN A 53 22.21 2.37 12.12
CA ASN A 53 23.36 3.04 11.52
C ASN A 53 24.52 2.95 12.49
N VAL A 54 25.65 2.38 12.04
CA VAL A 54 26.76 2.10 12.92
C VAL A 54 28.08 2.51 12.29
N ARG A 55 29.08 2.70 13.14
CA ARG A 55 30.48 2.84 12.75
C ARG A 55 31.25 1.75 13.46
N LEU A 56 32.05 1.00 12.70
CA LEU A 56 32.75 -0.18 13.23
C LEU A 56 34.24 0.11 13.29
N LYS A 57 34.70 0.65 14.41
CA LYS A 57 36.09 1.02 14.57
C LYS A 57 36.93 -0.22 14.81
N GLN A 58 37.91 -0.45 13.94
CA GLN A 58 38.83 -1.58 14.04
C GLN A 58 40.25 -1.04 14.10
N GLN A 59 41.02 -1.52 15.07
CA GLN A 59 42.40 -1.09 15.28
C GLN A 59 43.31 -2.31 15.30
N TRP A 60 44.42 -2.24 14.56
CA TRP A 60 45.39 -3.33 14.62
C TRP A 60 46.74 -2.85 14.08
N VAL A 61 47.78 -3.60 14.40
CA VAL A 61 49.15 -3.24 14.02
C VAL A 61 49.53 -4.06 12.78
N ASP A 62 49.96 -3.37 11.73
CA ASP A 62 50.52 -4.01 10.55
C ASP A 62 52.04 -4.02 10.63
N TYR A 63 52.62 -5.21 10.51
CA TYR A 63 54.06 -5.33 10.73
C TYR A 63 54.87 -4.68 9.61
N ASN A 64 54.35 -4.67 8.38
CA ASN A 64 55.10 -4.22 7.22
C ASN A 64 54.78 -2.79 6.79
N LEU A 65 54.03 -2.04 7.60
CA LEU A 65 53.66 -0.66 7.30
C LEU A 65 54.22 0.29 8.34
N LYS A 66 55.46 0.02 8.76
CA LYS A 66 56.19 0.86 9.70
C LYS A 66 57.28 1.62 8.96
N TRP A 67 57.59 2.81 9.45
CA TRP A 67 58.64 3.64 8.85
C TRP A 67 59.23 4.54 9.92
N ASN A 68 60.41 5.07 9.63
CA ASN A 68 61.07 6.03 10.50
C ASN A 68 60.72 7.43 9.99
N PRO A 69 60.06 8.30 10.78
CA PRO A 69 59.67 9.61 10.24
C PRO A 69 60.84 10.47 9.80
N ASP A 70 62.04 10.25 10.32
CA ASP A 70 63.18 11.10 9.97
C ASP A 70 63.58 10.94 8.51
N ASP A 71 63.28 9.82 7.88
CA ASP A 71 63.59 9.59 6.48
C ASP A 71 62.53 10.13 5.53
N TYR A 72 61.44 10.70 6.06
CA TYR A 72 60.33 11.20 5.25
C TYR A 72 59.85 12.54 5.77
N GLY A 73 60.79 13.41 6.14
CA GLY A 73 60.47 14.77 6.50
C GLY A 73 59.68 14.94 7.78
N GLY A 74 59.65 13.93 8.64
CA GLY A 74 58.86 13.98 9.85
C GLY A 74 57.43 13.53 9.72
N VAL A 75 57.09 12.84 8.64
CA VAL A 75 55.73 12.33 8.45
C VAL A 75 55.53 11.18 9.43
N LYS A 76 54.54 11.33 10.32
CA LYS A 76 54.23 10.34 11.34
C LYS A 76 52.88 9.67 11.16
N LYS A 77 51.98 10.29 10.41
CA LYS A 77 50.61 9.77 10.27
C LYS A 77 50.18 10.04 8.83
N ILE A 78 49.53 9.08 8.21
CA ILE A 78 49.05 9.20 6.84
C ILE A 78 47.69 8.56 6.72
N HIS A 79 47.02 8.84 5.60
CA HIS A 79 45.73 8.26 5.25
C HIS A 79 45.88 7.51 3.93
N ILE A 80 45.56 6.22 3.94
CA ILE A 80 45.75 5.37 2.76
C ILE A 80 44.44 4.65 2.44
N PRO A 81 44.16 4.27 1.19
CA PRO A 81 42.95 3.49 0.92
C PRO A 81 42.99 2.14 1.64
N SER A 82 41.81 1.71 2.11
CA SER A 82 41.71 0.44 2.83
C SER A 82 41.74 -0.77 1.92
N GLU A 83 41.45 -0.61 0.62
CA GLU A 83 41.36 -1.75 -0.27
C GLU A 83 42.72 -2.38 -0.58
N LYS A 84 43.83 -1.69 -0.30
CA LYS A 84 45.16 -2.17 -0.68
C LYS A 84 45.92 -2.77 0.50
N ILE A 85 45.27 -2.96 1.65
CA ILE A 85 45.89 -3.58 2.81
C ILE A 85 45.04 -4.76 3.27
N TRP A 86 45.68 -5.64 4.04
CA TRP A 86 44.94 -6.68 4.75
C TRP A 86 44.00 -6.04 5.76
N ARG A 87 42.82 -6.61 5.89
CA ARG A 87 41.82 -6.19 6.88
C ARG A 87 41.23 -7.41 7.54
N PRO A 88 40.71 -7.29 8.76
CA PRO A 88 39.88 -8.38 9.29
C PRO A 88 38.59 -8.50 8.49
N ASP A 89 38.09 -9.74 8.40
CA ASP A 89 36.84 -10.02 7.69
C ASP A 89 35.71 -10.10 8.71
N LEU A 90 35.46 -8.97 9.35
CA LEU A 90 34.42 -8.91 10.37
C LEU A 90 33.05 -9.04 9.71
N VAL A 91 32.31 -10.06 10.12
CA VAL A 91 30.96 -10.36 9.62
C VAL A 91 29.99 -10.27 10.79
N LEU A 92 28.83 -9.71 10.52
CA LEU A 92 27.70 -9.72 11.45
C LEU A 92 26.98 -11.04 11.31
N TYR A 93 27.16 -11.93 12.30
CA TYR A 93 26.67 -13.30 12.17
C TYR A 93 25.16 -13.37 12.08
N ASN A 94 24.46 -12.49 12.80
CA ASN A 94 23.00 -12.46 12.82
C ASN A 94 22.42 -11.45 11.84
N ASN A 95 23.08 -11.24 10.70
CA ASN A 95 22.56 -10.38 9.66
C ASN A 95 21.28 -10.98 9.10
N ALA A 96 20.21 -10.19 9.04
CA ALA A 96 18.92 -10.70 8.59
C ALA A 96 18.83 -10.68 7.06
N ASP A 97 18.79 -9.49 6.47
CA ASP A 97 18.70 -9.35 5.01
C ASP A 97 19.51 -8.18 4.48
N GLY A 98 20.53 -7.73 5.22
CA GLY A 98 21.36 -6.62 4.79
C GLY A 98 22.68 -7.07 4.19
N ASP A 99 23.77 -6.43 4.63
CA ASP A 99 25.12 -6.79 4.20
C ASP A 99 25.79 -7.57 5.33
N PHE A 100 26.45 -8.67 4.97
CA PHE A 100 27.09 -9.50 5.99
C PHE A 100 28.35 -8.84 6.53
N ALA A 101 29.06 -8.08 5.69
CA ALA A 101 30.31 -7.43 6.10
C ALA A 101 30.33 -5.97 5.64
N ILE A 102 31.44 -5.29 5.90
CA ILE A 102 31.58 -3.88 5.52
C ILE A 102 31.69 -3.79 4.01
N VAL A 103 30.87 -2.93 3.41
CA VAL A 103 30.89 -2.69 1.97
C VAL A 103 31.43 -1.32 1.61
N LYS A 104 31.51 -0.39 2.56
CA LYS A 104 31.99 0.97 2.33
C LYS A 104 33.43 1.06 2.84
N PHE A 105 34.37 1.18 1.90
CA PHE A 105 35.80 1.06 2.20
C PHE A 105 36.39 2.45 2.31
N THR A 106 36.25 3.02 3.51
CA THR A 106 36.78 4.35 3.80
C THR A 106 38.28 4.27 4.06
N LYS A 107 38.89 5.42 4.35
CA LYS A 107 40.34 5.50 4.44
C LYS A 107 40.84 4.97 5.77
N VAL A 108 42.02 4.35 5.72
CA VAL A 108 42.74 3.88 6.89
C VAL A 108 43.70 4.96 7.38
N LEU A 109 43.66 5.26 8.67
CA LEU A 109 44.65 6.09 9.34
C LEU A 109 45.81 5.21 9.78
N LEU A 110 47.01 5.53 9.30
CA LEU A 110 48.20 4.71 9.51
C LEU A 110 49.26 5.52 10.22
N ASP A 111 49.73 5.00 11.35
CA ASP A 111 50.81 5.57 12.13
C ASP A 111 52.15 5.04 11.64
N TYR A 112 53.23 5.72 12.04
CA TYR A 112 54.57 5.26 11.67
C TYR A 112 54.96 3.97 12.37
N THR A 113 54.30 3.62 13.47
CA THR A 113 54.55 2.37 14.16
C THR A 113 53.80 1.19 13.56
N GLY A 114 53.12 1.38 12.43
CA GLY A 114 52.31 0.34 11.83
C GLY A 114 50.91 0.25 12.38
N HIS A 115 50.53 1.12 13.31
CA HIS A 115 49.17 1.09 13.84
C HIS A 115 48.17 1.57 12.80
N ILE A 116 47.07 0.84 12.67
CA ILE A 116 46.02 1.09 11.71
C ILE A 116 44.75 1.33 12.50
N THR A 117 44.06 2.42 12.18
CA THR A 117 42.71 2.70 12.63
C THR A 117 41.81 2.79 11.40
N TRP A 118 40.70 2.05 11.43
CA TRP A 118 39.77 2.00 10.30
C TRP A 118 38.35 2.04 10.86
N THR A 119 37.60 3.09 10.53
CA THR A 119 36.28 3.34 11.10
C THR A 119 35.26 3.48 9.97
N PRO A 120 34.94 2.39 9.28
CA PRO A 120 33.94 2.46 8.23
C PRO A 120 32.54 2.52 8.79
N PRO A 121 31.58 3.06 8.03
CA PRO A 121 30.18 3.01 8.45
C PRO A 121 29.48 1.78 7.89
N ALA A 122 28.29 1.52 8.42
CA ALA A 122 27.48 0.41 7.94
C ALA A 122 26.03 0.63 8.32
N ILE A 123 25.15 0.02 7.54
CA ILE A 123 23.74 -0.14 7.88
C ILE A 123 23.56 -1.61 8.26
N PHE A 124 23.32 -1.86 9.54
CA PHE A 124 23.21 -3.21 10.07
C PHE A 124 21.73 -3.58 10.14
N LYS A 125 21.35 -4.62 9.42
CA LYS A 125 20.02 -5.21 9.47
C LYS A 125 20.16 -6.56 10.19
N SER A 126 19.90 -6.56 11.49
CA SER A 126 20.18 -7.70 12.35
C SER A 126 18.88 -8.40 12.75
N TYR A 127 18.89 -9.73 12.69
CA TYR A 127 17.77 -10.50 13.19
C TYR A 127 17.74 -10.45 14.71
N CYS A 128 16.57 -10.15 15.27
CA CYS A 128 16.37 -10.06 16.71
C CYS A 128 14.99 -10.62 17.04
N GLU A 129 14.93 -11.53 18.01
CA GLU A 129 13.65 -12.07 18.45
C GLU A 129 12.82 -10.95 19.07
N ILE A 130 11.65 -10.70 18.52
CA ILE A 130 10.76 -9.64 18.98
C ILE A 130 9.62 -10.27 19.76
N ILE A 131 9.45 -9.83 21.00
CA ILE A 131 8.31 -10.22 21.82
C ILE A 131 7.24 -9.15 21.70
N VAL A 132 6.07 -9.53 21.21
CA VAL A 132 4.95 -8.61 21.01
C VAL A 132 3.89 -8.76 22.10
N THR A 133 4.21 -9.43 23.20
CA THR A 133 3.20 -9.73 24.21
C THR A 133 2.69 -8.44 24.87
N HIS A 134 3.60 -7.57 25.29
CA HIS A 134 3.27 -6.35 26.01
C HIS A 134 3.21 -5.13 25.09
N PHE A 135 3.12 -5.32 23.79
CA PHE A 135 3.02 -4.21 22.85
C PHE A 135 1.75 -3.41 23.13
N PRO A 136 1.79 -2.06 23.15
CA PRO A 136 2.88 -1.14 22.83
C PRO A 136 3.76 -0.76 24.01
N PHE A 137 3.63 -1.45 25.14
CA PHE A 137 4.46 -1.24 26.32
C PHE A 137 5.56 -2.28 26.40
N ASP A 138 6.07 -2.69 25.25
CA ASP A 138 6.97 -3.82 25.15
C ASP A 138 8.43 -3.38 25.27
N GLU A 139 9.27 -4.32 25.67
CA GLU A 139 10.70 -4.13 25.84
C GLU A 139 11.42 -5.18 25.03
N GLN A 140 12.40 -4.75 24.24
CA GLN A 140 13.17 -5.64 23.37
C GLN A 140 14.63 -5.62 23.76
N ASN A 141 15.30 -6.75 23.55
CA ASN A 141 16.74 -6.88 23.74
C ASN A 141 17.29 -7.43 22.43
N CYS A 142 17.99 -6.57 21.68
CA CYS A 142 18.44 -6.90 20.33
C CYS A 142 19.96 -6.78 20.24
N SER A 143 20.57 -7.73 19.55
CA SER A 143 22.00 -7.96 19.59
C SER A 143 22.61 -7.92 18.19
N MET A 144 23.93 -7.78 18.19
CA MET A 144 24.76 -7.73 16.98
C MET A 144 25.99 -8.57 17.29
N LYS A 145 26.02 -9.78 16.75
CA LYS A 145 27.16 -10.67 16.90
C LYS A 145 28.15 -10.43 15.77
N LEU A 146 29.37 -10.05 16.12
CA LEU A 146 30.40 -9.72 15.15
C LEU A 146 31.61 -10.62 15.35
N GLY A 147 32.17 -11.14 14.26
CA GLY A 147 33.35 -11.97 14.37
C GLY A 147 34.06 -12.11 13.05
N THR A 148 35.32 -12.52 13.12
CA THR A 148 36.09 -12.79 11.91
C THR A 148 35.56 -14.05 11.26
N TRP A 149 35.13 -13.93 10.00
CA TRP A 149 34.42 -15.02 9.34
C TRP A 149 35.32 -16.23 9.13
N THR A 150 36.50 -16.02 8.56
CA THR A 150 37.37 -17.11 8.11
C THR A 150 38.60 -17.30 8.99
N TYR A 151 38.76 -16.52 10.05
CA TYR A 151 39.88 -16.62 10.97
C TYR A 151 39.37 -17.05 12.33
N ASP A 152 40.02 -18.05 12.92
CA ASP A 152 39.71 -18.46 14.28
C ASP A 152 40.56 -17.66 15.26
N GLY A 153 40.41 -17.96 16.56
CA GLY A 153 41.07 -17.17 17.59
C GLY A 153 42.56 -17.38 17.68
N SER A 154 43.11 -18.39 17.02
CA SER A 154 44.54 -18.67 17.08
C SER A 154 45.36 -17.89 16.04
N VAL A 155 44.72 -17.27 15.05
CA VAL A 155 45.41 -16.52 14.01
C VAL A 155 45.00 -15.05 14.04
N VAL A 156 43.77 -14.77 14.49
CA VAL A 156 43.28 -13.42 14.69
C VAL A 156 42.54 -13.35 16.01
N VAL A 157 42.96 -12.46 16.89
CA VAL A 157 42.31 -12.21 18.17
C VAL A 157 41.58 -10.88 18.06
N ILE A 158 40.28 -10.89 18.34
CA ILE A 158 39.46 -9.69 18.41
C ILE A 158 39.21 -9.36 19.87
N ASN A 159 39.32 -8.08 20.22
CA ASN A 159 39.15 -7.59 21.59
C ASN A 159 38.13 -6.46 21.59
N PRO A 160 37.27 -6.37 22.61
CA PRO A 160 36.39 -5.19 22.69
C PRO A 160 37.18 -3.95 23.07
N GLU A 161 36.86 -2.83 22.42
CA GLU A 161 37.51 -1.57 22.77
C GLU A 161 37.02 -1.09 24.15
N SER A 162 35.75 -1.34 24.47
CA SER A 162 35.20 -0.99 25.77
C SER A 162 34.03 -1.91 26.06
N ASP A 163 33.62 -1.94 27.33
CA ASP A 163 32.50 -2.78 27.73
C ASP A 163 31.17 -2.29 27.17
N GLN A 164 31.10 -1.02 26.74
CA GLN A 164 29.86 -0.40 26.31
C GLN A 164 29.95 -0.01 24.83
N PRO A 165 28.86 -0.14 24.05
CA PRO A 165 28.84 0.52 22.75
C PRO A 165 28.93 2.03 22.89
N ASP A 166 29.60 2.66 21.94
CA ASP A 166 29.75 4.11 21.97
C ASP A 166 28.45 4.77 21.53
N LEU A 167 27.83 5.54 22.43
CA LEU A 167 26.55 6.19 22.19
C LEU A 167 26.67 7.72 22.23
N SER A 168 27.89 8.25 22.14
CA SER A 168 28.07 9.69 22.25
C SER A 168 27.47 10.44 21.06
N ASN A 169 27.53 9.85 19.87
CA ASN A 169 26.98 10.45 18.65
C ASN A 169 25.64 9.84 18.26
N PHE A 170 24.90 9.30 19.23
CA PHE A 170 23.64 8.62 18.95
C PHE A 170 22.53 9.65 18.79
N MET A 171 21.87 9.63 17.63
CA MET A 171 20.71 10.48 17.42
C MET A 171 19.52 9.90 18.19
N GLU A 172 18.84 10.75 18.96
CA GLU A 172 17.73 10.29 19.77
C GLU A 172 16.58 9.83 18.88
N SER A 173 15.97 8.72 19.26
CA SER A 173 14.88 8.12 18.50
C SER A 173 13.54 8.64 19.00
N GLY A 174 12.60 8.76 18.07
CA GLY A 174 11.24 9.16 18.38
C GLY A 174 10.29 8.04 18.73
N GLU A 175 10.78 6.80 18.78
CA GLU A 175 9.95 5.64 19.10
C GLU A 175 10.55 4.70 20.13
N TRP A 176 11.86 4.80 20.42
CA TRP A 176 12.55 3.85 21.28
C TRP A 176 13.50 4.60 22.20
N VAL A 177 13.65 4.09 23.42
CA VAL A 177 14.63 4.56 24.39
C VAL A 177 15.50 3.38 24.77
N ILE A 178 16.81 3.54 24.64
CA ILE A 178 17.77 2.50 25.00
C ILE A 178 18.08 2.63 26.48
N LYS A 179 17.63 1.67 27.28
CA LYS A 179 17.86 1.73 28.72
C LYS A 179 19.28 1.31 29.07
N GLU A 180 19.73 0.17 28.55
CA GLU A 180 21.07 -0.34 28.82
C GLU A 180 21.66 -0.90 27.53
N SER A 181 22.99 -0.96 27.50
CA SER A 181 23.71 -1.53 26.38
C SER A 181 25.02 -2.10 26.88
N ARG A 182 25.49 -3.17 26.30
CA ARG A 182 26.75 -3.80 26.75
C ARG A 182 27.33 -4.56 25.58
N GLY A 183 28.59 -4.91 25.64
CA GLY A 183 29.28 -5.75 24.68
C GLY A 183 30.09 -6.84 25.36
N TRP A 184 29.80 -8.10 25.02
CA TRP A 184 30.42 -9.26 25.65
C TRP A 184 31.24 -10.04 24.63
N LYS A 185 32.49 -10.35 24.98
CA LYS A 185 33.31 -11.25 24.20
C LYS A 185 33.05 -12.69 24.62
N HIS A 186 32.95 -13.58 23.63
CA HIS A 186 32.69 -15.00 23.85
C HIS A 186 33.76 -15.83 23.17
N TRP A 187 34.29 -16.80 23.91
CA TRP A 187 35.17 -17.84 23.41
C TRP A 187 34.35 -19.11 23.24
N VAL A 188 34.49 -19.77 22.08
CA VAL A 188 33.78 -21.00 21.79
C VAL A 188 34.82 -22.06 21.46
N PHE A 189 34.78 -23.17 22.19
CA PHE A 189 35.67 -24.31 21.99
C PHE A 189 34.85 -25.50 21.53
N TYR A 190 35.38 -26.24 20.56
CA TYR A 190 34.72 -27.40 19.99
C TYR A 190 35.39 -28.69 20.42
N ALA A 191 34.61 -29.76 20.42
CA ALA A 191 35.09 -31.04 20.92
C ALA A 191 36.24 -31.58 20.06
N CYS A 192 36.16 -31.41 18.74
CA CYS A 192 37.17 -31.97 17.86
C CYS A 192 38.51 -31.23 17.96
N CYS A 193 38.48 -29.91 18.14
CA CYS A 193 39.68 -29.08 18.16
C CYS A 193 39.80 -28.40 19.52
N PRO A 194 40.53 -28.97 20.49
CA PRO A 194 40.61 -28.35 21.81
C PRO A 194 41.62 -27.21 21.92
N SER A 195 42.31 -26.85 20.83
CA SER A 195 43.35 -25.82 20.88
C SER A 195 42.96 -24.53 20.18
N THR A 196 42.00 -24.56 19.25
CA THR A 196 41.64 -23.39 18.46
C THR A 196 40.34 -22.79 18.96
N PRO A 197 40.34 -21.63 19.61
CA PRO A 197 39.07 -20.98 19.97
C PRO A 197 38.46 -20.25 18.78
N TYR A 198 37.16 -20.03 18.88
CA TYR A 198 36.41 -19.19 17.96
C TYR A 198 35.81 -18.04 18.75
N LEU A 199 36.19 -16.82 18.40
CA LEU A 199 35.85 -15.64 19.16
C LEU A 199 34.71 -14.87 18.50
N ASP A 200 33.90 -14.22 19.33
CA ASP A 200 32.94 -13.26 18.82
C ASP A 200 32.74 -12.16 19.87
N ILE A 201 32.23 -11.02 19.42
CA ILE A 201 31.82 -9.94 20.30
C ILE A 201 30.36 -9.65 19.98
N THR A 202 29.50 -9.77 20.99
CA THR A 202 28.07 -9.53 20.84
C THR A 202 27.74 -8.24 21.59
N TYR A 203 27.34 -7.21 20.83
CA TYR A 203 26.82 -5.99 21.43
C TYR A 203 25.30 -6.05 21.48
N HIS A 204 24.72 -5.87 22.66
CA HIS A 204 23.27 -5.90 22.84
C HIS A 204 22.79 -4.57 23.39
N PHE A 205 21.56 -4.24 22.99
CA PHE A 205 20.87 -3.02 23.41
C PHE A 205 19.48 -3.40 23.89
N VAL A 206 19.09 -2.87 25.05
CA VAL A 206 17.76 -3.06 25.59
C VAL A 206 16.96 -1.79 25.33
N MET A 207 15.89 -1.91 24.56
CA MET A 207 15.08 -0.79 24.10
C MET A 207 13.68 -0.89 24.68
N GLN A 208 13.10 0.27 24.98
CA GLN A 208 11.73 0.40 25.46
C GLN A 208 10.96 1.26 24.46
N ARG A 209 9.80 0.76 24.03
CA ARG A 209 8.97 1.49 23.09
C ARG A 209 8.29 2.67 23.78
N LEU A 210 8.29 3.81 23.12
CA LEU A 210 7.49 4.94 23.56
C LEU A 210 6.04 4.71 23.12
N PRO A 211 5.06 4.58 24.03
CA PRO A 211 3.73 4.13 23.63
C PRO A 211 2.72 5.22 23.30
N LEU A 212 3.12 6.49 23.24
CA LEU A 212 2.15 7.58 23.12
C LEU A 212 1.36 7.48 21.81
N TYR A 213 2.03 7.16 20.70
CA TYR A 213 1.38 7.10 19.41
C TYR A 213 0.24 6.09 19.40
N PHE A 214 0.50 4.88 19.90
CA PHE A 214 -0.52 3.85 19.96
C PHE A 214 -1.54 4.11 21.05
N ILE A 215 -1.18 4.82 22.12
CA ILE A 215 -2.17 5.18 23.12
C ILE A 215 -3.20 6.14 22.53
N VAL A 216 -2.73 7.16 21.82
CA VAL A 216 -3.64 8.16 21.28
C VAL A 216 -4.45 7.59 20.11
N ASN A 217 -3.78 6.89 19.20
CA ASN A 217 -4.40 6.54 17.93
C ASN A 217 -5.18 5.24 17.95
N VAL A 218 -5.06 4.42 19.00
CA VAL A 218 -5.74 3.13 19.05
C VAL A 218 -6.55 3.00 20.33
N ILE A 219 -5.92 3.26 21.47
CA ILE A 219 -6.56 2.95 22.76
C ILE A 219 -7.73 3.90 23.03
N ILE A 220 -7.57 5.19 22.72
CA ILE A 220 -8.59 6.18 23.07
C ILE A 220 -9.88 5.95 22.28
N PRO A 221 -9.87 5.77 20.96
CA PRO A 221 -11.12 5.44 20.27
C PRO A 221 -11.73 4.13 20.73
N CYS A 222 -10.93 3.14 21.08
CA CYS A 222 -11.46 1.91 21.64
C CYS A 222 -12.17 2.18 22.97
N LEU A 223 -11.59 3.04 23.80
CA LEU A 223 -12.23 3.43 25.05
C LEU A 223 -13.57 4.12 24.78
N LEU A 224 -13.59 5.01 23.80
CA LEU A 224 -14.82 5.73 23.48
C LEU A 224 -15.91 4.77 22.98
N PHE A 225 -15.54 3.82 22.12
CA PHE A 225 -16.52 2.84 21.65
C PHE A 225 -16.97 1.92 22.78
N SER A 226 -16.06 1.59 23.71
CA SER A 226 -16.45 0.77 24.85
C SER A 226 -17.41 1.50 25.77
N PHE A 227 -17.23 2.81 25.96
CA PHE A 227 -18.10 3.54 26.87
C PHE A 227 -19.51 3.62 26.32
N LEU A 228 -19.64 3.81 24.99
CA LEU A 228 -20.94 3.85 24.34
C LEU A 228 -21.61 2.49 24.26
N THR A 229 -20.90 1.40 24.57
CA THR A 229 -21.50 0.07 24.47
C THR A 229 -22.60 -0.12 25.49
N GLY A 230 -22.33 0.19 26.76
CA GLY A 230 -23.32 0.00 27.81
C GLY A 230 -24.45 1.00 27.79
N LEU A 231 -24.27 2.12 27.09
CA LEU A 231 -25.29 3.17 27.10
C LEU A 231 -26.59 2.75 26.43
N VAL A 232 -26.61 1.66 25.67
CA VAL A 232 -27.86 1.16 25.14
C VAL A 232 -28.80 0.74 26.26
N PHE A 233 -28.27 0.40 27.44
CA PHE A 233 -29.10 -0.02 28.56
C PHE A 233 -29.73 1.13 29.32
N TYR A 234 -29.38 2.38 29.00
CA TYR A 234 -30.13 3.55 29.44
C TYR A 234 -31.11 4.06 28.39
N LEU A 235 -31.08 3.51 27.18
CA LEU A 235 -32.06 3.85 26.16
C LEU A 235 -33.36 3.09 26.41
N PRO A 236 -34.50 3.76 26.58
CA PRO A 236 -35.75 3.01 26.68
C PRO A 236 -36.08 2.27 25.39
N THR A 237 -36.75 1.13 25.56
CA THR A 237 -37.13 0.32 24.40
C THR A 237 -38.21 0.99 23.56
N ASP A 238 -39.07 1.80 24.20
CA ASP A 238 -40.13 2.46 23.46
C ASP A 238 -39.60 3.50 22.47
N SER A 239 -38.35 3.92 22.61
CA SER A 239 -37.78 4.86 21.65
C SER A 239 -37.61 4.22 20.28
N GLY A 240 -37.32 2.93 20.24
CA GLY A 240 -37.09 2.27 18.96
C GLY A 240 -35.74 2.57 18.34
N GLU A 241 -34.75 2.97 19.15
CA GLU A 241 -33.42 3.32 18.67
C GLU A 241 -32.33 2.50 19.35
N LYS A 242 -32.68 1.47 20.11
CA LYS A 242 -31.67 0.71 20.85
C LYS A 242 -30.71 0.00 19.91
N MET A 243 -31.24 -0.76 18.95
CA MET A 243 -30.37 -1.56 18.12
C MET A 243 -29.72 -0.73 17.04
N THR A 244 -30.32 0.42 16.68
CA THR A 244 -29.59 1.40 15.89
C THR A 244 -28.29 1.79 16.56
N LEU A 245 -28.37 2.19 17.83
CA LEU A 245 -27.19 2.56 18.59
C LEU A 245 -26.20 1.41 18.67
N SER A 246 -26.68 0.22 19.03
CA SER A 246 -25.77 -0.91 19.25
C SER A 246 -25.07 -1.33 17.96
N ILE A 247 -25.85 -1.57 16.90
CA ILE A 247 -25.28 -2.03 15.64
C ILE A 247 -24.43 -0.94 14.99
N SER A 248 -24.74 0.34 15.20
CA SER A 248 -23.93 1.39 14.62
C SER A 248 -22.62 1.59 15.37
N VAL A 249 -22.62 1.37 16.69
CA VAL A 249 -21.35 1.30 17.42
C VAL A 249 -20.52 0.12 16.93
N LEU A 250 -21.17 -1.02 16.67
CA LEU A 250 -20.46 -2.15 16.08
C LEU A 250 -19.86 -1.77 14.72
N LEU A 251 -20.61 -1.03 13.92
CA LEU A 251 -20.09 -0.59 12.63
C LEU A 251 -18.87 0.32 12.80
N SER A 252 -18.94 1.24 13.76
CA SER A 252 -17.78 2.11 14.02
C SER A 252 -16.56 1.30 14.44
N LEU A 253 -16.77 0.30 15.29
CA LEU A 253 -15.67 -0.59 15.67
C LEU A 253 -15.11 -1.34 14.46
N THR A 254 -16.00 -1.81 13.58
CA THR A 254 -15.54 -2.58 12.43
C THR A 254 -14.77 -1.70 11.45
N VAL A 255 -15.15 -0.44 11.31
CA VAL A 255 -14.40 0.46 10.45
C VAL A 255 -13.06 0.84 11.09
N PHE A 256 -13.05 1.00 12.42
CA PHE A 256 -11.80 1.30 13.11
C PHE A 256 -10.85 0.11 13.13
N LEU A 257 -11.37 -1.10 12.95
CA LEU A 257 -10.51 -2.26 12.73
C LEU A 257 -9.54 -2.03 11.57
N LEU A 258 -9.99 -1.35 10.52
CA LEU A 258 -9.08 -1.01 9.42
C LEU A 258 -7.93 -0.15 9.91
N VAL A 259 -8.23 0.84 10.75
CA VAL A 259 -7.21 1.72 11.29
C VAL A 259 -6.21 0.92 12.13
N ILE A 260 -6.73 0.04 12.99
CA ILE A 260 -5.84 -0.72 13.88
C ILE A 260 -4.93 -1.63 13.06
N VAL A 261 -5.49 -2.32 12.06
CA VAL A 261 -4.68 -3.22 11.25
C VAL A 261 -3.66 -2.43 10.45
N GLU A 262 -4.02 -1.24 9.99
CA GLU A 262 -3.04 -0.40 9.29
C GLU A 262 -1.93 0.06 10.22
N LEU A 263 -2.23 0.26 11.51
CA LEU A 263 -1.26 0.85 12.42
C LEU A 263 -0.36 -0.18 13.11
N ILE A 264 -0.92 -1.27 13.63
CA ILE A 264 -0.12 -2.20 14.43
C ILE A 264 0.66 -3.14 13.52
N PRO A 265 1.80 -3.68 13.95
CA PRO A 265 2.44 -4.75 13.17
C PRO A 265 1.60 -6.02 13.17
N SER A 266 1.65 -6.73 12.05
CA SER A 266 0.87 -7.96 11.86
C SER A 266 1.79 -9.17 12.07
N THR A 267 1.82 -9.65 13.32
CA THR A 267 2.65 -10.78 13.72
C THR A 267 1.78 -11.86 14.34
N SER A 268 2.24 -13.11 14.23
CA SER A 268 1.54 -14.28 14.77
C SER A 268 2.36 -14.99 15.85
N SER A 269 3.38 -14.33 16.40
CA SER A 269 4.19 -14.96 17.44
C SER A 269 3.45 -15.01 18.77
N ALA A 270 2.69 -13.95 19.08
CA ALA A 270 1.89 -13.92 20.30
C ALA A 270 0.80 -12.87 20.14
N VAL A 271 -0.22 -12.97 20.97
CA VAL A 271 -1.31 -11.99 20.96
C VAL A 271 -0.84 -10.74 21.69
N PRO A 272 -0.85 -9.55 21.07
CA PRO A 272 -0.45 -8.35 21.81
C PRO A 272 -1.54 -7.88 22.76
N LEU A 273 -1.16 -6.93 23.61
CA LEU A 273 -2.12 -6.34 24.54
C LEU A 273 -3.18 -5.53 23.80
N ILE A 274 -2.78 -4.86 22.71
CA ILE A 274 -3.74 -4.15 21.89
C ILE A 274 -4.72 -5.12 21.23
N GLY A 275 -4.21 -6.26 20.76
CA GLY A 275 -5.10 -7.26 20.22
C GLY A 275 -6.08 -7.79 21.25
N LYS A 276 -5.60 -8.03 22.46
CA LYS A 276 -6.50 -8.47 23.54
C LYS A 276 -7.54 -7.41 23.87
N TYR A 277 -7.14 -6.14 23.93
CA TYR A 277 -8.11 -5.09 24.22
C TYR A 277 -9.13 -4.94 23.09
N MET A 278 -8.68 -5.06 21.85
CA MET A 278 -9.58 -5.00 20.71
C MET A 278 -10.60 -6.13 20.76
N LEU A 279 -10.13 -7.35 21.02
CA LEU A 279 -11.05 -8.48 21.10
C LEU A 279 -12.00 -8.33 22.28
N PHE A 280 -11.52 -7.83 23.42
CA PHE A 280 -12.40 -7.59 24.55
C PHE A 280 -13.47 -6.57 24.20
N THR A 281 -13.09 -5.48 23.53
CA THR A 281 -14.06 -4.46 23.16
C THR A 281 -15.11 -5.04 22.20
N MET A 282 -14.67 -5.83 21.24
CA MET A 282 -15.61 -6.42 20.30
C MET A 282 -16.55 -7.39 21.01
N VAL A 283 -16.02 -8.28 21.86
CA VAL A 283 -16.88 -9.21 22.60
C VAL A 283 -17.83 -8.45 23.51
N PHE A 284 -17.37 -7.34 24.09
CA PHE A 284 -18.23 -6.48 24.89
C PHE A 284 -19.42 -5.99 24.07
N VAL A 285 -19.15 -5.51 22.85
CA VAL A 285 -20.23 -5.00 22.00
C VAL A 285 -21.18 -6.12 21.63
N ILE A 286 -20.66 -7.31 21.31
CA ILE A 286 -21.53 -8.41 20.90
C ILE A 286 -22.39 -8.86 22.07
N ALA A 287 -21.82 -8.93 23.28
CA ALA A 287 -22.61 -9.28 24.45
C ALA A 287 -23.69 -8.24 24.71
N SER A 288 -23.35 -6.96 24.54
CA SER A 288 -24.36 -5.91 24.68
C SER A 288 -25.48 -6.09 23.66
N ILE A 289 -25.13 -6.46 22.43
CA ILE A 289 -26.14 -6.66 21.40
C ILE A 289 -27.05 -7.84 21.76
N ILE A 290 -26.47 -8.95 22.20
CA ILE A 290 -27.27 -10.13 22.55
C ILE A 290 -28.21 -9.81 23.69
N ILE A 291 -27.69 -9.16 24.73
CA ILE A 291 -28.50 -8.89 25.91
C ILE A 291 -29.55 -7.82 25.61
N THR A 292 -29.23 -6.88 24.72
CA THR A 292 -30.22 -5.90 24.29
C THR A 292 -31.34 -6.56 23.51
N VAL A 293 -31.01 -7.56 22.68
CA VAL A 293 -32.05 -8.30 21.98
C VAL A 293 -32.93 -9.03 22.98
N ILE A 294 -32.32 -9.61 24.02
CA ILE A 294 -33.11 -10.28 25.05
C ILE A 294 -34.04 -9.29 25.74
N VAL A 295 -33.53 -8.10 26.06
CA VAL A 295 -34.34 -7.08 26.72
C VAL A 295 -35.50 -6.65 25.83
N ILE A 296 -35.23 -6.44 24.53
CA ILE A 296 -36.28 -6.01 23.61
C ILE A 296 -37.33 -7.11 23.45
N ASN A 297 -36.89 -8.37 23.41
CA ASN A 297 -37.85 -9.47 23.36
C ASN A 297 -38.70 -9.53 24.61
N THR A 298 -38.10 -9.32 25.79
CA THR A 298 -38.86 -9.29 27.03
C THR A 298 -39.86 -8.14 27.04
N HIS A 299 -39.47 -7.00 26.48
CA HIS A 299 -40.33 -5.82 26.48
C HIS A 299 -41.58 -6.03 25.65
N HIS A 300 -41.46 -6.67 24.48
CA HIS A 300 -42.57 -6.82 23.55
C HIS A 300 -43.33 -8.12 23.72
N ARG A 301 -43.25 -8.76 24.88
CA ARG A 301 -43.96 -10.02 25.10
C ARG A 301 -45.46 -9.74 25.18
N SER A 302 -46.23 -10.43 24.34
CA SER A 302 -47.66 -10.19 24.30
C SER A 302 -48.32 -10.77 25.55
N PRO A 303 -49.37 -10.12 26.07
CA PRO A 303 -50.01 -10.66 27.29
C PRO A 303 -50.74 -11.96 27.04
N SER A 304 -51.26 -12.17 25.83
CA SER A 304 -52.09 -13.35 25.55
C SER A 304 -51.26 -14.58 25.23
N THR A 305 -50.33 -14.47 24.28
CA THR A 305 -49.58 -15.65 23.87
C THR A 305 -48.61 -16.09 24.96
N HIS A 306 -47.94 -15.15 25.61
CA HIS A 306 -46.96 -15.44 26.65
C HIS A 306 -47.59 -15.16 28.02
N VAL A 307 -47.88 -16.23 28.75
CA VAL A 307 -48.32 -16.11 30.13
C VAL A 307 -47.10 -15.81 31.00
N MET A 308 -47.31 -15.05 32.06
CA MET A 308 -46.21 -14.60 32.91
C MET A 308 -45.79 -15.73 33.85
N PRO A 309 -44.51 -16.15 33.86
CA PRO A 309 -44.08 -17.08 34.90
C PRO A 309 -44.16 -16.45 36.28
N GLU A 310 -44.39 -17.31 37.28
CA GLU A 310 -44.41 -16.83 38.66
C GLU A 310 -43.00 -16.47 39.14
N TRP A 311 -41.98 -17.21 38.68
CA TRP A 311 -40.62 -16.92 39.11
C TRP A 311 -40.16 -15.57 38.57
N VAL A 312 -40.53 -15.22 37.34
CA VAL A 312 -40.13 -13.93 36.78
C VAL A 312 -40.76 -12.80 37.57
N ARG A 313 -42.05 -12.91 37.86
CA ARG A 313 -42.73 -11.89 38.65
C ARG A 313 -42.15 -11.80 40.05
N LYS A 314 -41.74 -12.94 40.62
CA LYS A 314 -41.16 -12.92 41.96
C LYS A 314 -39.78 -12.25 41.95
N VAL A 315 -38.95 -12.56 40.97
CA VAL A 315 -37.59 -12.03 40.95
C VAL A 315 -37.58 -10.55 40.60
N PHE A 316 -38.31 -10.16 39.56
CA PHE A 316 -38.16 -8.83 38.98
C PHE A 316 -39.23 -7.82 39.40
N ILE A 317 -40.26 -8.25 40.13
CA ILE A 317 -41.30 -7.34 40.61
C ILE A 317 -41.47 -7.41 42.13
N ASP A 318 -41.23 -8.56 42.76
CA ASP A 318 -41.50 -8.73 44.19
C ASP A 318 -40.27 -8.51 45.05
N THR A 319 -39.14 -9.11 44.67
CA THR A 319 -37.86 -8.94 45.42
C THR A 319 -37.09 -7.75 44.82
N ILE A 320 -37.70 -6.56 44.79
CA ILE A 320 -37.05 -5.33 44.24
C ILE A 320 -36.91 -4.31 45.38
N PRO A 321 -35.88 -4.44 46.27
CA PRO A 321 -35.63 -3.45 47.31
C PRO A 321 -34.80 -2.29 46.76
N ASN A 322 -34.48 -2.31 45.47
CA ASN A 322 -33.69 -1.24 44.80
C ASN A 322 -34.44 0.08 44.86
N ILE A 323 -33.85 1.17 44.36
CA ILE A 323 -34.48 2.53 44.40
C ILE A 323 -35.99 2.39 44.16
N MET A 324 -36.83 3.00 45.01
CA MET A 324 -38.31 2.88 44.94
C MET A 324 -38.87 4.04 44.12
N PHE A 325 -38.03 4.76 43.37
CA PHE A 325 -38.47 5.83 42.44
C PHE A 325 -39.49 5.17 41.51
N PHE A 326 -39.40 3.84 41.37
CA PHE A 326 -40.33 3.04 40.54
C PHE A 326 -41.67 2.81 41.20
N SER A 327 -42.70 2.44 40.43
CA SER A 327 -44.03 2.06 40.95
C SER A 327 -44.22 0.60 40.57
N THR A 328 -44.18 -0.32 41.54
CA THR A 328 -44.25 -1.78 41.29
C THR A 328 -45.35 -2.07 40.26
N MET A 329 -45.14 -3.03 39.37
CA MET A 329 -46.12 -3.43 38.31
C MET A 329 -46.21 -2.32 37.27
N PRO A 365 -92.58 1.24 30.56
CA PRO A 365 -92.10 2.58 30.21
C PRO A 365 -91.00 2.59 29.15
N LEU A 366 -90.54 1.42 28.72
CA LEU A 366 -89.42 1.29 27.80
C LEU A 366 -89.94 0.92 26.41
N ILE A 367 -89.29 1.48 25.39
CA ILE A 367 -89.75 1.27 24.02
C ILE A 367 -89.52 -0.17 23.60
N LYS A 368 -88.36 -0.72 23.91
CA LYS A 368 -87.97 -2.09 23.58
C LYS A 368 -87.96 -2.35 22.06
N HIS A 369 -87.78 -1.30 21.26
CA HIS A 369 -87.60 -1.49 19.83
C HIS A 369 -86.20 -2.06 19.59
N PRO A 370 -86.00 -2.85 18.51
CA PRO A 370 -84.67 -3.43 18.30
C PRO A 370 -83.53 -2.41 18.22
N GLU A 371 -83.79 -1.21 17.69
CA GLU A 371 -82.74 -0.19 17.64
C GLU A 371 -82.34 0.25 19.06
N VAL A 372 -83.30 0.42 19.95
CA VAL A 372 -82.98 0.86 21.31
C VAL A 372 -82.19 -0.21 22.05
N LYS A 373 -82.64 -1.46 21.93
CA LYS A 373 -81.92 -2.56 22.57
C LYS A 373 -80.53 -2.73 21.98
N SER A 374 -80.40 -2.54 20.67
CA SER A 374 -79.09 -2.61 20.03
C SER A 374 -78.18 -1.49 20.51
N ALA A 375 -78.74 -0.30 20.73
CA ALA A 375 -77.93 0.79 21.27
C ALA A 375 -77.45 0.50 22.68
N ILE A 376 -78.34 -0.08 23.51
CA ILE A 376 -77.95 -0.43 24.87
C ILE A 376 -76.85 -1.48 24.85
N GLU A 377 -77.03 -2.52 24.04
CA GLU A 377 -76.01 -3.56 23.90
C GLU A 377 -74.72 -2.98 23.34
N GLY A 378 -74.82 -1.99 22.47
CA GLY A 378 -73.62 -1.36 21.92
C GLY A 378 -72.85 -0.61 22.98
N ILE A 379 -73.55 0.14 23.84
CA ILE A 379 -72.86 0.86 24.92
C ILE A 379 -72.18 -0.15 25.85
N LYS A 380 -72.89 -1.22 26.18
CA LYS A 380 -72.28 -2.29 26.98
C LYS A 380 -71.06 -2.88 26.28
N TYR A 381 -71.11 -2.97 24.96
CA TYR A 381 -69.99 -3.52 24.19
C TYR A 381 -68.79 -2.58 24.22
N ILE A 382 -69.01 -1.27 24.11
CA ILE A 382 -67.92 -0.31 24.25
C ILE A 382 -67.26 -0.48 25.61
N ALA A 383 -68.08 -0.57 26.66
CA ALA A 383 -67.53 -0.70 28.01
C ALA A 383 -66.72 -1.98 28.16
N GLU A 384 -67.26 -3.11 27.66
CA GLU A 384 -66.55 -4.38 27.79
C GLU A 384 -65.26 -4.39 26.99
N THR A 385 -65.27 -3.81 25.77
CA THR A 385 -64.07 -3.76 24.96
C THR A 385 -62.99 -2.93 25.63
N MET A 386 -63.36 -1.78 26.21
CA MET A 386 -62.37 -0.98 26.90
C MET A 386 -61.84 -1.69 28.14
N LYS A 387 -62.71 -2.45 28.82
CA LYS A 387 -62.25 -3.24 29.96
C LYS A 387 -61.20 -4.26 29.53
N SER A 388 -61.46 -4.98 28.43
CA SER A 388 -60.51 -5.97 27.94
C SER A 388 -59.20 -5.31 27.52
N ASP A 389 -59.28 -4.14 26.89
CA ASP A 389 -58.08 -3.44 26.47
C ASP A 389 -57.24 -3.03 27.68
N GLN A 390 -57.88 -2.53 28.75
CA GLN A 390 -57.11 -2.19 29.94
C GLN A 390 -56.47 -3.43 30.55
N GLU A 391 -57.21 -4.54 30.59
CA GLU A 391 -56.67 -5.75 31.20
C GLU A 391 -55.45 -6.25 30.43
N SER A 392 -55.50 -6.19 29.10
CA SER A 392 -54.33 -6.56 28.30
C SER A 392 -53.17 -5.60 28.55
N ASN A 393 -53.46 -4.30 28.61
CA ASN A 393 -52.41 -3.31 28.80
C ASN A 393 -51.73 -3.47 30.15
N ASN A 394 -52.45 -3.94 31.16
CA ASN A 394 -51.84 -4.13 32.48
C ASN A 394 -50.71 -5.16 32.42
N ALA A 395 -50.97 -6.31 31.79
CA ALA A 395 -49.93 -7.33 31.69
C ALA A 395 -48.81 -6.90 30.74
N ALA A 396 -49.16 -6.17 29.67
CA ALA A 396 -48.11 -5.61 28.82
C ALA A 396 -47.20 -4.68 29.62
N GLU A 397 -47.78 -3.85 30.49
CA GLU A 397 -46.97 -2.97 31.33
C GLU A 397 -46.16 -3.76 32.34
N GLU A 398 -46.67 -4.90 32.81
CA GLU A 398 -45.87 -5.76 33.69
C GLU A 398 -44.61 -6.24 32.98
N TRP A 399 -44.75 -6.73 31.75
CA TRP A 399 -43.58 -7.17 30.98
C TRP A 399 -42.64 -6.00 30.73
N LYS A 400 -43.19 -4.82 30.45
CA LYS A 400 -42.38 -3.62 30.24
C LYS A 400 -41.58 -3.28 31.49
N TYR A 401 -42.21 -3.38 32.66
CA TYR A 401 -41.52 -3.10 33.91
C TYR A 401 -40.39 -4.09 34.14
N VAL A 402 -40.61 -5.37 33.83
CA VAL A 402 -39.55 -6.36 33.99
C VAL A 402 -38.36 -6.01 33.11
N ALA A 403 -38.63 -5.68 31.84
CA ALA A 403 -37.55 -5.30 30.93
C ALA A 403 -36.83 -4.04 31.43
N MET A 404 -37.57 -3.08 31.98
CA MET A 404 -36.97 -1.88 32.56
C MET A 404 -36.01 -2.24 33.70
N VAL A 405 -36.43 -3.15 34.56
CA VAL A 405 -35.59 -3.51 35.71
C VAL A 405 -34.30 -4.18 35.23
N MET A 406 -34.41 -5.07 34.25
CA MET A 406 -33.18 -5.70 33.75
C MET A 406 -32.28 -4.66 33.09
N ASP A 407 -32.87 -3.67 32.41
CA ASP A 407 -32.07 -2.60 31.81
C ASP A 407 -31.32 -1.82 32.88
N HIS A 408 -32.01 -1.47 33.97
CA HIS A 408 -31.39 -0.66 35.04
C HIS A 408 -30.25 -1.47 35.67
N ILE A 409 -30.41 -2.78 35.87
CA ILE A 409 -29.32 -3.58 36.42
C ILE A 409 -28.15 -3.65 35.45
N LEU A 410 -28.44 -3.94 34.18
CA LEU A 410 -27.36 -4.23 33.25
C LEU A 410 -26.61 -3.00 32.79
N LEU A 411 -27.20 -1.81 32.91
CA LEU A 411 -26.41 -0.59 32.66
C LEU A 411 -25.24 -0.51 33.63
N ALA A 412 -25.52 -0.69 34.93
CA ALA A 412 -24.46 -0.66 35.93
C ALA A 412 -23.48 -1.80 35.72
N VAL A 413 -23.99 -3.00 35.40
CA VAL A 413 -23.10 -4.14 35.19
C VAL A 413 -22.15 -3.85 34.02
N PHE A 414 -22.67 -3.31 32.92
CA PHE A 414 -21.83 -3.08 31.75
C PHE A 414 -20.85 -1.94 31.97
N MET A 415 -21.24 -0.88 32.68
CA MET A 415 -20.26 0.17 33.00
C MET A 415 -19.13 -0.38 33.88
N LEU A 416 -19.50 -1.21 34.86
CA LEU A 416 -18.48 -1.81 35.72
C LEU A 416 -17.55 -2.70 34.91
N VAL A 417 -18.10 -3.49 33.99
CA VAL A 417 -17.26 -4.35 33.16
C VAL A 417 -16.38 -3.51 32.25
N CYS A 418 -16.89 -2.39 31.74
CA CYS A 418 -16.08 -1.53 30.88
C CYS A 418 -14.87 -0.99 31.63
N ILE A 419 -15.06 -0.60 32.89
CA ILE A 419 -13.92 -0.14 33.68
C ILE A 419 -12.98 -1.31 33.99
N ILE A 420 -13.56 -2.43 34.44
CA ILE A 420 -12.78 -3.51 35.03
C ILE A 420 -11.95 -4.22 33.96
N GLY A 421 -12.53 -4.46 32.78
CA GLY A 421 -11.80 -5.16 31.74
C GLY A 421 -10.64 -4.34 31.21
N THR A 422 -10.85 -3.03 31.03
CA THR A 422 -9.75 -2.16 30.62
C THR A 422 -8.63 -2.18 31.65
N LEU A 423 -8.98 -2.05 32.94
CA LEU A 423 -7.96 -2.08 33.96
C LEU A 423 -7.26 -3.44 34.01
N ALA A 424 -8.02 -4.54 33.88
CA ALA A 424 -7.41 -5.86 33.92
C ALA A 424 -6.47 -6.07 32.73
N VAL A 425 -6.81 -5.53 31.57
CA VAL A 425 -5.97 -5.71 30.39
C VAL A 425 -4.67 -4.92 30.55
N PHE A 426 -4.76 -3.66 30.99
CA PHE A 426 -3.60 -2.76 30.92
C PHE A 426 -2.80 -2.64 32.21
N ALA A 427 -3.45 -2.71 33.39
CA ALA A 427 -2.73 -2.52 34.64
C ALA A 427 -1.70 -3.60 34.89
N GLY A 428 -1.92 -4.81 34.38
CA GLY A 428 -0.96 -5.89 34.57
C GLY A 428 0.42 -5.58 34.04
N ARG A 429 0.51 -4.74 33.01
CA ARG A 429 1.79 -4.24 32.51
C ARG A 429 2.11 -2.84 33.00
N LEU A 430 1.11 -1.98 33.23
CA LEU A 430 1.40 -0.62 33.68
C LEU A 430 1.96 -0.60 35.10
N ILE A 431 1.43 -1.44 35.99
CA ILE A 431 1.96 -1.51 37.35
C ILE A 431 3.37 -2.07 37.34
N GLU A 432 3.63 -3.04 36.45
CA GLU A 432 5.00 -3.55 36.29
C GLU A 432 5.94 -2.45 35.82
N LEU A 433 5.49 -1.65 34.85
CA LEU A 433 6.29 -0.53 34.37
C LEU A 433 6.49 0.52 35.45
N ASN A 434 5.54 0.64 36.38
CA ASN A 434 5.69 1.56 37.49
C ASN A 434 6.66 1.01 38.53
N GLN A 435 6.70 -0.31 38.69
CA GLN A 435 7.60 -0.92 39.66
C GLN A 435 9.04 -0.92 39.17
N GLN A 436 9.26 -1.10 37.86
CA GLN A 436 10.63 -1.27 37.37
C GLN A 436 11.46 -0.01 37.56
N GLY A 437 10.84 1.17 37.44
CA GLY A 437 11.57 2.41 37.60
C GLY A 437 11.64 2.87 39.05
N SER B 1 43.78 18.23 -27.95
CA SER B 1 44.95 19.12 -28.21
C SER B 1 46.25 18.46 -27.78
N GLU B 2 47.27 18.57 -28.62
CA GLU B 2 48.56 17.94 -28.31
C GLU B 2 49.21 18.60 -27.10
N ALA B 3 49.21 19.94 -27.05
CA ALA B 3 49.79 20.64 -25.92
C ALA B 3 49.07 20.30 -24.63
N GLU B 4 47.76 20.10 -24.69
CA GLU B 4 47.02 19.66 -23.52
C GLU B 4 47.50 18.28 -23.07
N GLY B 5 47.78 17.39 -24.02
CA GLY B 5 48.28 16.08 -23.66
C GLY B 5 49.65 16.14 -23.00
N ARG B 6 50.55 16.95 -23.55
CA ARG B 6 51.88 17.08 -22.94
C ARG B 6 51.79 17.71 -21.56
N LEU B 7 50.92 18.72 -21.40
CA LEU B 7 50.74 19.31 -20.08
C LEU B 7 50.20 18.28 -19.09
N ARG B 8 49.24 17.46 -19.51
CA ARG B 8 48.69 16.45 -18.62
C ARG B 8 49.75 15.43 -18.23
N GLU B 9 50.59 15.01 -19.18
CA GLU B 9 51.63 14.06 -18.84
C GLU B 9 52.67 14.68 -17.92
N LYS B 10 52.96 15.98 -18.08
CA LYS B 10 53.90 16.65 -17.19
C LYS B 10 53.34 16.74 -15.77
N LEU B 11 52.06 17.10 -15.64
CA LEU B 11 51.49 17.29 -14.31
C LEU B 11 51.38 15.99 -13.54
N PHE B 12 51.09 14.89 -14.23
CA PHE B 12 50.81 13.61 -13.60
C PHE B 12 52.00 12.66 -13.62
N SER B 13 53.21 13.15 -13.91
CA SER B 13 54.42 12.37 -13.72
C SER B 13 54.80 12.44 -12.25
N GLY B 14 54.70 11.30 -11.55
CA GLY B 14 54.98 11.27 -10.13
C GLY B 14 53.87 11.79 -9.24
N TYR B 15 52.67 11.99 -9.78
CA TYR B 15 51.54 12.48 -9.01
C TYR B 15 50.76 11.31 -8.46
N ASP B 16 50.55 11.31 -7.13
CA ASP B 16 49.75 10.30 -6.46
C ASP B 16 48.47 10.97 -5.95
N SER B 17 47.33 10.50 -6.45
CA SER B 17 46.05 11.12 -6.13
C SER B 17 45.51 10.70 -4.77
N THR B 18 46.13 9.74 -4.10
CA THR B 18 45.73 9.34 -2.75
C THR B 18 46.48 10.10 -1.66
N VAL B 19 47.39 11.00 -2.02
CA VAL B 19 48.22 11.72 -1.06
C VAL B 19 47.71 13.16 -0.98
N ARG B 20 47.42 13.59 0.24
CA ARG B 20 46.93 14.94 0.46
C ARG B 20 48.00 15.96 0.08
N PRO B 21 47.67 17.04 -0.66
CA PRO B 21 48.72 18.02 -1.00
C PRO B 21 49.14 18.86 0.20
N ALA B 22 50.36 18.62 0.68
CA ALA B 22 50.94 19.39 1.78
C ALA B 22 52.43 19.50 1.52
N ARG B 23 52.87 20.69 1.07
CA ARG B 23 54.26 20.85 0.69
C ARG B 23 55.20 20.64 1.87
N GLU B 24 54.77 21.07 3.06
CA GLU B 24 55.50 20.85 4.30
C GLU B 24 54.65 20.01 5.24
N VAL B 25 55.31 19.34 6.17
CA VAL B 25 54.61 18.55 7.18
C VAL B 25 53.97 19.50 8.18
N GLY B 26 52.67 19.32 8.41
CA GLY B 26 51.88 20.23 9.21
C GLY B 26 51.08 21.25 8.42
N ASP B 27 51.22 21.27 7.09
CA ASP B 27 50.45 22.19 6.27
C ASP B 27 49.02 21.69 6.15
N ARG B 28 48.07 22.61 6.24
CA ARG B 28 46.66 22.30 6.08
C ARG B 28 46.22 22.55 4.65
N VAL B 29 45.17 21.83 4.23
CA VAL B 29 44.49 22.07 2.98
C VAL B 29 43.17 22.76 3.31
N TRP B 30 43.05 24.01 2.89
CA TRP B 30 41.86 24.81 3.17
C TRP B 30 40.81 24.52 2.10
N VAL B 31 39.74 23.84 2.49
CA VAL B 31 38.67 23.44 1.59
C VAL B 31 37.48 24.32 1.86
N SER B 32 36.92 24.90 0.80
CA SER B 32 35.78 25.81 0.89
C SER B 32 34.58 25.08 0.29
N ILE B 33 33.50 24.98 1.07
CA ILE B 33 32.35 24.14 0.74
C ILE B 33 31.12 25.03 0.63
N GLY B 34 30.44 24.97 -0.51
CA GLY B 34 29.15 25.59 -0.68
C GLY B 34 28.18 24.61 -1.32
N LEU B 35 26.92 25.01 -1.38
CA LEU B 35 25.86 24.11 -1.85
C LEU B 35 24.82 24.91 -2.62
N THR B 36 24.32 24.31 -3.70
CA THR B 36 23.24 24.87 -4.51
C THR B 36 22.10 23.87 -4.52
N LEU B 37 20.92 24.30 -4.10
CA LEU B 37 19.76 23.41 -4.03
C LEU B 37 19.05 23.44 -5.38
N ALA B 38 19.21 22.36 -6.17
CA ALA B 38 18.50 22.27 -7.43
C ALA B 38 17.02 21.99 -7.22
N GLN B 39 16.70 21.07 -6.31
CA GLN B 39 15.32 20.71 -6.04
C GLN B 39 15.21 20.17 -4.62
N LEU B 40 14.20 20.66 -3.89
CA LEU B 40 13.81 20.06 -2.61
C LEU B 40 12.81 18.95 -2.94
N ILE B 41 13.28 17.70 -2.98
CA ILE B 41 12.45 16.62 -3.49
C ILE B 41 11.33 16.29 -2.52
N SER B 42 11.67 15.99 -1.26
CA SER B 42 10.63 15.60 -0.33
C SER B 42 11.11 15.71 1.11
N LEU B 43 10.15 15.67 2.03
CA LEU B 43 10.41 15.43 3.45
C LEU B 43 9.47 14.33 3.91
N ASN B 44 9.97 13.09 3.90
CA ASN B 44 9.19 11.96 4.35
C ASN B 44 9.19 11.92 5.87
N GLU B 45 8.01 12.12 6.47
CA GLU B 45 7.88 12.14 7.92
C GLU B 45 7.94 10.76 8.52
N LYS B 46 7.33 9.77 7.87
CA LYS B 46 7.34 8.40 8.39
C LYS B 46 8.75 7.82 8.44
N ASP B 47 9.65 8.31 7.57
CA ASP B 47 11.05 7.92 7.61
C ASP B 47 11.95 8.98 8.23
N GLU B 48 11.42 10.18 8.52
CA GLU B 48 12.20 11.27 9.11
C GLU B 48 13.42 11.60 8.25
N GLU B 49 13.16 11.81 6.95
CA GLU B 49 14.24 11.93 5.98
C GLU B 49 13.89 12.98 4.93
N MET B 50 14.82 13.91 4.69
CA MET B 50 14.67 14.94 3.66
C MET B 50 15.48 14.53 2.44
N SER B 51 14.80 14.45 1.30
CA SER B 51 15.41 14.12 0.02
C SER B 51 15.62 15.42 -0.76
N THR B 52 16.86 15.68 -1.15
CA THR B 52 17.24 16.87 -1.92
C THR B 52 18.15 16.48 -3.07
N LYS B 53 18.08 17.29 -4.13
CA LYS B 53 19.03 17.28 -5.24
C LYS B 53 19.84 18.56 -5.15
N VAL B 54 21.16 18.43 -5.12
CA VAL B 54 22.05 19.56 -4.86
C VAL B 54 23.25 19.47 -5.80
N TYR B 55 23.93 20.61 -5.92
CA TYR B 55 25.25 20.71 -6.52
C TYR B 55 26.21 21.22 -5.45
N LEU B 56 27.23 20.43 -5.14
CA LEU B 56 28.25 20.91 -4.23
C LEU B 56 29.14 21.91 -4.94
N ASP B 57 29.92 22.64 -4.16
CA ASP B 57 30.88 23.61 -4.69
C ASP B 57 32.10 23.54 -3.78
N LEU B 58 33.12 22.81 -4.22
CA LEU B 58 34.29 22.52 -3.41
C LEU B 58 35.49 23.20 -4.06
N GLU B 59 36.17 24.06 -3.29
CA GLU B 59 37.32 24.80 -3.77
C GLU B 59 38.51 24.56 -2.86
N TRP B 60 39.65 24.24 -3.45
CA TRP B 60 40.88 24.10 -2.66
C TRP B 60 42.07 24.39 -3.57
N THR B 61 43.28 24.07 -3.09
CA THR B 61 44.52 24.37 -3.81
C THR B 61 45.42 23.15 -3.75
N ASP B 62 45.82 22.66 -4.92
CA ASP B 62 46.80 21.59 -5.06
C ASP B 62 48.06 22.17 -5.69
N TYR B 63 49.12 22.29 -4.89
CA TYR B 63 50.35 22.92 -5.38
C TYR B 63 51.03 22.09 -6.46
N ARG B 64 50.75 20.78 -6.53
CA ARG B 64 51.39 19.92 -7.52
C ARG B 64 50.84 20.09 -8.92
N LEU B 65 49.70 20.76 -9.08
CA LEU B 65 49.00 20.89 -10.35
C LEU B 65 49.03 22.32 -10.87
N SER B 66 50.18 22.97 -10.73
CA SER B 66 50.41 24.32 -11.23
C SER B 66 51.40 24.28 -12.38
N TRP B 67 51.23 25.23 -13.31
CA TRP B 67 52.08 25.29 -14.49
C TRP B 67 52.15 26.72 -14.98
N ASP B 68 53.12 26.99 -15.84
CA ASP B 68 53.26 28.29 -16.48
C ASP B 68 52.48 28.28 -17.79
N PRO B 69 51.41 29.08 -17.94
CA PRO B 69 50.63 29.02 -19.20
C PRO B 69 51.43 29.39 -20.44
N GLU B 70 52.40 30.30 -20.34
CA GLU B 70 53.14 30.70 -21.53
C GLU B 70 54.11 29.62 -22.00
N GLU B 71 54.38 28.60 -21.20
CA GLU B 71 55.16 27.45 -21.61
C GLU B 71 54.32 26.34 -22.22
N HIS B 72 53.01 26.50 -22.30
CA HIS B 72 52.10 25.48 -22.81
C HIS B 72 51.05 26.10 -23.73
N GLU B 73 51.46 27.10 -24.51
CA GLU B 73 50.60 27.72 -25.51
C GLU B 73 49.34 28.33 -24.90
N GLY B 74 49.50 29.01 -23.77
CA GLY B 74 48.42 29.80 -23.21
C GLY B 74 47.34 29.02 -22.49
N ILE B 75 47.53 27.72 -22.28
CA ILE B 75 46.53 26.94 -21.54
C ILE B 75 46.59 27.36 -20.08
N ASP B 76 45.49 27.92 -19.59
CA ASP B 76 45.38 28.39 -18.21
C ASP B 76 44.36 27.61 -17.38
N SER B 77 43.65 26.66 -17.97
CA SER B 77 42.67 25.87 -17.25
C SER B 77 42.61 24.48 -17.86
N LEU B 78 42.28 23.50 -17.02
CA LEU B 78 42.18 22.11 -17.42
C LEU B 78 40.92 21.52 -16.80
N ARG B 79 40.35 20.52 -17.47
CA ARG B 79 39.19 19.77 -16.96
C ARG B 79 39.63 18.32 -16.83
N ILE B 80 39.91 17.89 -15.61
CA ILE B 80 40.53 16.59 -15.35
C ILE B 80 39.53 15.72 -14.60
N SER B 81 39.44 14.44 -14.97
CA SER B 81 38.52 13.54 -14.29
C SER B 81 38.84 13.47 -12.80
N ALA B 82 37.78 13.48 -11.98
CA ALA B 82 37.94 13.61 -10.54
C ALA B 82 38.73 12.45 -9.93
N GLU B 83 38.65 11.26 -10.53
CA GLU B 83 39.42 10.13 -10.01
C GLU B 83 40.92 10.30 -10.20
N SER B 84 41.35 11.19 -11.10
CA SER B 84 42.76 11.36 -11.39
C SER B 84 43.47 12.33 -10.45
N VAL B 85 42.73 13.12 -9.67
CA VAL B 85 43.30 14.12 -8.77
C VAL B 85 42.91 13.76 -7.35
N TRP B 86 43.63 14.36 -6.40
CA TRP B 86 43.28 14.21 -4.99
C TRP B 86 42.03 15.02 -4.68
N LEU B 87 41.01 14.35 -4.18
CA LEU B 87 39.79 14.97 -3.73
C LEU B 87 39.79 15.06 -2.21
N PRO B 88 39.21 16.10 -1.60
CA PRO B 88 38.87 15.98 -0.18
C PRO B 88 37.80 14.93 0.00
N ASP B 89 37.87 14.22 1.12
CA ASP B 89 36.92 13.14 1.39
C ASP B 89 35.64 13.68 2.01
N VAL B 90 35.04 14.68 1.36
CA VAL B 90 33.87 15.36 1.90
C VAL B 90 32.65 14.49 1.65
N VAL B 91 31.94 14.16 2.73
CA VAL B 91 30.75 13.34 2.70
C VAL B 91 29.68 14.04 3.51
N LEU B 92 28.42 13.69 3.22
CA LEU B 92 27.30 14.10 4.04
C LEU B 92 27.26 13.17 5.25
N LEU B 93 27.50 13.73 6.44
CA LEU B 93 27.65 12.90 7.63
C LEU B 93 26.31 12.38 8.12
N ASN B 94 25.24 13.17 7.99
CA ASN B 94 23.93 12.84 8.54
C ASN B 94 23.00 12.24 7.50
N ASN B 95 23.53 11.48 6.56
CA ASN B 95 22.69 10.76 5.61
C ASN B 95 21.90 9.67 6.32
N ASN B 96 20.68 9.42 5.83
CA ASN B 96 19.77 8.48 6.44
C ASN B 96 19.78 7.10 5.77
N ASP B 97 20.28 7.00 4.55
CA ASP B 97 20.25 5.75 3.78
C ASP B 97 21.60 5.06 3.71
N GLY B 98 22.62 5.58 4.38
CA GLY B 98 23.95 5.02 4.29
C GLY B 98 24.77 5.50 3.12
N ASN B 99 24.21 6.33 2.24
CA ASN B 99 24.92 6.84 1.08
C ASN B 99 25.66 8.11 1.47
N PHE B 100 26.98 8.09 1.31
CA PHE B 100 27.84 9.20 1.70
C PHE B 100 28.34 10.05 0.54
N ASP B 101 28.26 9.54 -0.69
CA ASP B 101 29.02 10.07 -1.81
C ASP B 101 28.14 10.89 -2.74
N VAL B 102 28.78 11.49 -3.75
CA VAL B 102 28.09 12.33 -4.72
C VAL B 102 27.47 11.45 -5.80
N ALA B 103 26.55 12.04 -6.57
CA ALA B 103 25.74 11.27 -7.50
C ALA B 103 26.49 10.86 -8.76
N LEU B 104 27.41 11.70 -9.25
CA LEU B 104 28.04 11.49 -10.54
C LEU B 104 29.49 11.93 -10.48
N ASP B 105 30.35 11.19 -11.17
CA ASP B 105 31.78 11.50 -11.26
C ASP B 105 31.99 12.41 -12.47
N ILE B 106 32.38 13.66 -12.21
CA ILE B 106 32.55 14.66 -13.26
C ILE B 106 33.97 15.21 -13.21
N ASN B 107 34.26 16.19 -14.05
CA ASN B 107 35.57 16.80 -14.09
C ASN B 107 35.77 17.79 -12.94
N VAL B 108 37.04 18.03 -12.64
CA VAL B 108 37.50 19.07 -11.73
C VAL B 108 38.21 20.10 -12.59
N VAL B 109 37.90 21.38 -12.38
CA VAL B 109 38.54 22.46 -13.10
C VAL B 109 39.81 22.84 -12.34
N VAL B 110 40.94 22.78 -13.03
CA VAL B 110 42.26 23.00 -12.44
C VAL B 110 42.85 24.23 -13.11
N SER B 111 43.13 25.26 -12.33
CA SER B 111 43.74 26.48 -12.85
C SER B 111 45.26 26.35 -12.84
N SER B 112 45.91 27.24 -13.59
CA SER B 112 47.36 27.17 -13.72
C SER B 112 48.09 27.50 -12.43
N ASP B 113 47.46 28.23 -11.51
CA ASP B 113 48.05 28.49 -10.20
C ASP B 113 47.82 27.37 -9.20
N GLY B 114 47.09 26.31 -9.58
CA GLY B 114 46.80 25.21 -8.71
C GLY B 114 45.44 25.26 -8.04
N SER B 115 44.59 26.22 -8.37
CA SER B 115 43.25 26.26 -7.81
C SER B 115 42.43 25.10 -8.36
N MET B 116 41.60 24.52 -7.49
CA MET B 116 40.90 23.26 -7.75
C MET B 116 39.44 23.53 -7.46
N ARG B 117 38.59 23.48 -8.48
CA ARG B 117 37.15 23.70 -8.34
C ARG B 117 36.40 22.47 -8.82
N TRP B 118 35.61 21.87 -7.92
CA TRP B 118 34.85 20.67 -8.22
C TRP B 118 33.40 20.90 -7.79
N GLN B 119 32.46 20.68 -8.71
CA GLN B 119 31.05 20.96 -8.48
C GLN B 119 30.21 19.73 -8.83
N PRO B 120 30.36 18.64 -8.06
CA PRO B 120 29.63 17.42 -8.40
C PRO B 120 28.16 17.56 -8.09
N PRO B 121 27.28 16.81 -8.77
CA PRO B 121 25.90 16.71 -8.33
C PRO B 121 25.73 15.65 -7.25
N GLY B 122 24.67 15.80 -6.47
CA GLY B 122 24.37 14.84 -5.43
C GLY B 122 22.88 14.75 -5.19
N ILE B 123 22.42 13.53 -4.89
CA ILE B 123 21.08 13.29 -4.40
C ILE B 123 21.22 12.71 -3.00
N TYR B 124 20.71 13.44 -2.02
CA TYR B 124 20.99 13.19 -0.61
C TYR B 124 19.70 13.00 0.16
N ARG B 125 19.64 11.89 0.89
CA ARG B 125 18.53 11.62 1.83
C ARG B 125 19.18 11.87 3.18
N SER B 126 18.81 12.92 3.91
CA SER B 126 19.45 13.30 5.16
C SER B 126 18.47 13.20 6.32
N SER B 127 19.01 12.89 7.50
CA SER B 127 18.18 12.71 8.68
C SER B 127 17.60 14.05 9.13
N CYS B 128 16.27 14.08 9.32
CA CYS B 128 15.56 15.24 9.83
C CYS B 128 14.64 14.79 10.95
N SER B 129 14.92 15.20 12.17
CA SER B 129 14.05 14.91 13.30
C SER B 129 12.81 15.79 13.20
N ILE B 130 11.65 15.18 13.03
CA ILE B 130 10.41 15.90 12.77
C ILE B 130 9.79 16.31 14.10
N GLN B 131 9.52 17.60 14.25
CA GLN B 131 8.70 18.10 15.35
C GLN B 131 7.25 17.96 14.95
N VAL B 132 6.53 17.04 15.59
CA VAL B 132 5.20 16.66 15.13
C VAL B 132 4.08 17.48 15.79
N THR B 133 4.41 18.40 16.71
CA THR B 133 3.41 18.96 17.60
C THR B 133 2.34 19.73 16.83
N TYR B 134 2.74 20.52 15.83
CA TYR B 134 1.84 21.40 15.09
C TYR B 134 1.58 20.91 13.66
N PHE B 135 1.80 19.63 13.41
CA PHE B 135 1.51 19.07 12.09
C PHE B 135 0.00 19.13 11.83
N PRO B 136 -0.45 19.49 10.61
CA PRO B 136 0.26 19.88 9.39
C PRO B 136 0.46 21.38 9.22
N PHE B 137 0.34 22.16 10.30
CA PHE B 137 0.70 23.58 10.32
C PHE B 137 2.11 23.78 10.85
N ASP B 138 2.97 22.78 10.68
CA ASP B 138 4.29 22.77 11.28
C ASP B 138 5.32 23.41 10.35
N TRP B 139 6.46 23.76 10.95
CA TRP B 139 7.68 24.08 10.22
C TRP B 139 8.79 23.19 10.76
N GLN B 140 9.75 22.87 9.90
CA GLN B 140 10.81 21.93 10.22
C GLN B 140 12.17 22.56 9.93
N ASN B 141 13.15 22.17 10.73
CA ASN B 141 14.52 22.67 10.66
C ASN B 141 15.41 21.50 10.25
N CYS B 142 15.52 21.26 8.95
CA CYS B 142 16.29 20.14 8.44
C CYS B 142 17.72 20.58 8.17
N THR B 143 18.64 19.61 8.20
CA THR B 143 20.07 19.88 8.28
C THR B 143 20.82 18.96 7.34
N MET B 144 21.89 19.49 6.74
CA MET B 144 22.81 18.71 5.92
C MET B 144 24.22 19.03 6.37
N VAL B 145 24.90 18.05 6.97
CA VAL B 145 26.21 18.22 7.58
C VAL B 145 27.24 17.60 6.64
N PHE B 146 28.12 18.43 6.10
CA PHE B 146 29.18 17.98 5.20
C PHE B 146 30.52 18.11 5.89
N SER B 147 31.34 17.06 5.81
CA SER B 147 32.63 17.07 6.48
C SER B 147 33.55 16.05 5.85
N SER B 148 34.85 16.22 6.07
CA SER B 148 35.81 15.22 5.65
C SER B 148 35.71 14.00 6.56
N TYR B 149 35.52 12.82 5.97
CA TYR B 149 35.31 11.62 6.76
C TYR B 149 36.57 11.17 7.49
N SER B 150 37.74 11.36 6.86
CA SER B 150 39.00 10.84 7.38
C SER B 150 39.93 11.91 7.93
N TYR B 151 40.23 12.94 7.14
CA TYR B 151 41.18 13.96 7.58
C TYR B 151 40.60 14.78 8.72
N ASP B 152 41.46 15.12 9.69
CA ASP B 152 41.09 15.91 10.84
C ASP B 152 41.43 17.38 10.59
N SER B 153 41.22 18.21 11.61
CA SER B 153 41.39 19.65 11.46
C SER B 153 42.85 20.03 11.20
N SER B 154 43.80 19.24 11.67
CA SER B 154 45.21 19.52 11.42
C SER B 154 45.62 19.26 9.98
N GLU B 155 44.77 18.61 9.18
CA GLU B 155 45.08 18.25 7.81
C GLU B 155 44.19 18.98 6.80
N VAL B 156 42.88 19.00 7.03
CA VAL B 156 41.93 19.68 6.15
C VAL B 156 41.10 20.63 7.00
N SER B 157 41.14 21.92 6.67
CA SER B 157 40.37 22.94 7.34
C SER B 157 39.23 23.40 6.43
N LEU B 158 38.02 23.43 6.98
CA LEU B 158 36.82 23.75 6.21
C LEU B 158 36.45 25.22 6.36
N GLN B 159 35.81 25.75 5.32
CA GLN B 159 35.24 27.09 5.34
C GLN B 159 33.99 27.09 4.48
N THR B 160 33.13 28.08 4.70
CA THR B 160 31.88 28.18 3.96
C THR B 160 32.16 28.62 2.52
N GLY B 161 31.39 28.06 1.58
CA GLY B 161 31.60 28.33 0.18
C GLY B 161 31.11 29.70 -0.22
N LEU B 162 32.00 30.54 -0.72
CA LEU B 162 31.59 31.84 -1.24
C LEU B 162 30.90 31.68 -2.59
N SER B 163 29.80 32.39 -2.77
CA SER B 163 29.05 32.38 -4.01
C SER B 163 29.70 33.35 -4.99
N PRO B 164 29.19 33.45 -6.22
CA PRO B 164 29.65 34.54 -7.10
C PRO B 164 29.46 35.91 -6.51
N GLU B 165 28.44 36.09 -5.67
CA GLU B 165 28.33 37.34 -4.91
C GLU B 165 29.51 37.52 -3.97
N GLY B 166 29.95 36.43 -3.34
CA GLY B 166 31.08 36.54 -2.42
C GLY B 166 30.68 37.25 -1.15
N GLN B 167 31.56 38.13 -0.68
CA GLN B 167 31.31 38.95 0.51
C GLN B 167 31.07 38.08 1.75
N GLU B 168 31.75 36.94 1.83
CA GLU B 168 31.63 36.01 2.96
C GLU B 168 30.19 35.56 3.14
N ARG B 169 29.70 34.82 2.14
CA ARG B 169 28.33 34.33 2.18
C ARG B 169 28.13 33.26 3.24
N GLN B 170 26.89 33.12 3.71
CA GLN B 170 26.52 32.14 4.72
C GLN B 170 25.20 31.47 4.35
N GLU B 171 24.97 31.25 3.05
CA GLU B 171 23.66 30.89 2.54
C GLU B 171 23.77 29.78 1.50
N VAL B 172 22.75 28.92 1.48
CA VAL B 172 22.53 28.04 0.34
C VAL B 172 22.13 28.89 -0.86
N TYR B 173 22.70 28.59 -2.02
CA TYR B 173 22.38 29.32 -3.23
C TYR B 173 21.23 28.64 -3.95
N ILE B 174 20.20 29.41 -4.30
CA ILE B 174 19.09 28.92 -5.11
C ILE B 174 18.98 29.85 -6.32
N HIS B 175 19.17 29.29 -7.52
CA HIS B 175 18.99 30.05 -8.74
C HIS B 175 17.49 30.24 -8.97
N GLU B 176 17.04 31.49 -8.98
CA GLU B 176 15.61 31.77 -8.86
C GLU B 176 14.85 31.48 -10.15
N GLY B 177 15.52 31.39 -11.29
CA GLY B 177 14.84 31.15 -12.54
C GLY B 177 14.43 29.71 -12.75
N THR B 178 15.36 28.79 -12.54
CA THR B 178 15.14 27.37 -12.83
C THR B 178 14.66 26.57 -11.63
N PHE B 179 14.54 27.18 -10.45
CA PHE B 179 14.11 26.47 -9.26
C PHE B 179 12.59 26.47 -9.19
N ILE B 180 11.99 25.28 -9.26
CA ILE B 180 10.56 25.10 -9.06
C ILE B 180 10.36 24.74 -7.60
N GLU B 181 9.57 25.56 -6.89
CA GLU B 181 9.37 25.34 -5.47
C GLU B 181 8.59 24.05 -5.23
N ASN B 182 8.92 23.38 -4.13
CA ASN B 182 8.19 22.19 -3.73
C ASN B 182 6.73 22.57 -3.43
N GLY B 183 5.80 21.76 -3.93
CA GLY B 183 4.40 22.06 -3.75
C GLY B 183 3.92 21.96 -2.31
N GLN B 184 4.67 21.27 -1.45
CA GLN B 184 4.31 21.08 -0.05
C GLN B 184 5.09 21.96 0.90
N TRP B 185 6.23 22.51 0.48
CA TRP B 185 7.18 23.15 1.39
C TRP B 185 7.65 24.49 0.83
N GLU B 186 7.74 25.48 1.72
CA GLU B 186 8.24 26.81 1.41
C GLU B 186 9.51 27.05 2.22
N ILE B 187 10.56 27.48 1.55
CA ILE B 187 11.87 27.67 2.20
C ILE B 187 11.90 29.06 2.82
N ILE B 188 11.86 29.11 4.15
CA ILE B 188 11.84 30.39 4.86
C ILE B 188 13.25 30.93 5.02
N HIS B 189 14.14 30.12 5.59
CA HIS B 189 15.55 30.46 5.78
C HIS B 189 16.40 29.33 5.24
N LYS B 190 17.57 29.68 4.68
CA LYS B 190 18.50 28.70 4.12
C LYS B 190 19.94 29.12 4.42
N PRO B 191 20.33 29.18 5.69
CA PRO B 191 21.67 29.62 6.04
C PRO B 191 22.71 28.51 5.94
N SER B 192 23.97 28.90 6.13
CA SER B 192 25.09 27.97 6.14
C SER B 192 26.07 28.42 7.21
N ARG B 193 26.61 27.48 7.97
CA ARG B 193 27.51 27.78 9.08
C ARG B 193 28.66 26.79 9.12
N LEU B 194 29.75 27.21 9.77
CA LEU B 194 30.93 26.39 9.97
C LEU B 194 30.97 26.00 11.45
N ILE B 195 30.70 24.74 11.72
CA ILE B 195 30.70 24.22 13.09
C ILE B 195 32.08 23.65 13.38
N GLN B 196 32.72 24.17 14.44
CA GLN B 196 34.01 23.72 14.90
C GLN B 196 33.84 22.80 16.11
N PRO B 197 34.64 21.75 16.29
CA PRO B 197 34.42 20.85 17.43
C PRO B 197 35.00 21.44 18.71
N SER B 198 34.60 20.84 19.83
CA SER B 198 35.08 21.27 21.13
C SER B 198 36.56 20.94 21.29
N VAL B 199 37.22 21.67 22.19
CA VAL B 199 38.64 21.47 22.42
C VAL B 199 38.86 20.12 23.10
N ASP B 200 39.83 19.37 22.60
CA ASP B 200 40.11 18.04 23.14
C ASP B 200 40.94 18.17 24.42
N PRO B 201 40.51 17.61 25.56
CA PRO B 201 41.40 17.63 26.73
C PRO B 201 42.71 16.90 26.52
N ARG B 202 42.71 15.82 25.75
CA ARG B 202 43.91 15.03 25.48
C ARG B 202 44.24 15.04 23.99
N ARG B 208 34.22 14.43 17.61
CA ARG B 208 33.57 15.14 16.51
C ARG B 208 34.59 15.92 15.69
N ARG B 209 34.29 16.09 14.40
CA ARG B 209 35.19 16.78 13.44
C ARG B 209 34.56 18.09 12.99
N GLU B 210 35.35 19.02 12.48
CA GLU B 210 34.87 20.28 11.95
C GLU B 210 34.02 20.01 10.71
N GLU B 211 32.92 20.75 10.58
CA GLU B 211 31.94 20.48 9.54
C GLU B 211 31.36 21.80 9.02
N VAL B 212 30.82 21.74 7.81
CA VAL B 212 30.03 22.82 7.23
C VAL B 212 28.60 22.33 7.16
N THR B 213 27.69 23.08 7.78
CA THR B 213 26.31 22.66 7.96
C THR B 213 25.40 23.61 7.20
N PHE B 214 24.52 23.05 6.38
CA PHE B 214 23.51 23.81 5.64
C PHE B 214 22.15 23.50 6.24
N TYR B 215 21.43 24.55 6.63
CA TYR B 215 20.13 24.43 7.26
C TYR B 215 19.06 24.84 6.29
N LEU B 216 17.94 24.11 6.30
CA LEU B 216 16.72 24.50 5.58
C LEU B 216 15.60 24.54 6.59
N ILE B 217 15.14 25.75 6.91
CA ILE B 217 13.92 25.94 7.67
C ILE B 217 12.79 26.03 6.65
N ILE B 218 11.86 25.09 6.71
CA ILE B 218 10.83 24.93 5.69
C ILE B 218 9.47 24.83 6.36
N ARG B 219 8.49 25.56 5.82
CA ARG B 219 7.12 25.56 6.31
C ARG B 219 6.23 24.75 5.39
N ARG B 220 5.40 23.90 5.98
CA ARG B 220 4.43 23.14 5.22
C ARG B 220 3.29 24.04 4.77
N LYS B 221 2.75 23.74 3.58
CA LYS B 221 1.61 24.47 3.05
C LYS B 221 0.36 23.62 3.24
N PRO B 222 -0.55 23.96 4.19
CA PRO B 222 -1.50 22.95 4.68
C PRO B 222 -2.82 22.85 3.94
N LEU B 223 -2.91 23.37 2.71
CA LEU B 223 -4.20 23.45 2.00
C LEU B 223 -4.87 22.09 1.86
N PHE B 224 -4.08 21.04 1.60
CA PHE B 224 -4.66 19.72 1.40
C PHE B 224 -5.39 19.25 2.66
N TYR B 225 -4.78 19.43 3.82
CA TYR B 225 -5.39 18.98 5.07
C TYR B 225 -6.54 19.89 5.49
N LEU B 226 -6.49 21.17 5.12
CA LEU B 226 -7.63 22.05 5.36
C LEU B 226 -8.85 21.59 4.57
N VAL B 227 -8.64 21.20 3.31
CA VAL B 227 -9.75 20.78 2.47
C VAL B 227 -10.26 19.40 2.90
N ASN B 228 -9.35 18.47 3.17
CA ASN B 228 -9.72 17.06 3.28
C ASN B 228 -10.07 16.62 4.70
N VAL B 229 -9.59 17.31 5.73
CA VAL B 229 -9.75 16.87 7.11
C VAL B 229 -10.46 17.93 7.95
N ILE B 230 -9.98 19.17 7.93
CA ILE B 230 -10.46 20.17 8.87
C ILE B 230 -11.90 20.58 8.54
N ALA B 231 -12.17 20.90 7.27
CA ALA B 231 -13.51 21.34 6.89
C ALA B 231 -14.57 20.26 7.08
N PRO B 232 -14.36 19.00 6.66
CA PRO B 232 -15.34 17.96 7.02
C PRO B 232 -15.52 17.78 8.51
N CYS B 233 -14.45 17.95 9.30
CA CYS B 233 -14.60 17.86 10.76
C CYS B 233 -15.47 18.99 11.29
N ILE B 234 -15.31 20.20 10.76
CA ILE B 234 -16.16 21.32 11.14
C ILE B 234 -17.61 21.01 10.79
N LEU B 235 -17.85 20.47 9.59
CA LEU B 235 -19.21 20.14 9.18
C LEU B 235 -19.81 19.06 10.08
N ILE B 236 -19.03 18.04 10.42
CA ILE B 236 -19.53 16.97 11.27
C ILE B 236 -19.83 17.50 12.67
N THR B 237 -19.00 18.41 13.18
CA THR B 237 -19.28 19.02 14.47
C THR B 237 -20.56 19.84 14.41
N LEU B 238 -20.76 20.58 13.33
CA LEU B 238 -21.99 21.35 13.16
C LEU B 238 -23.21 20.44 13.16
N LEU B 239 -23.10 19.27 12.51
CA LEU B 239 -24.21 18.32 12.55
C LEU B 239 -24.40 17.74 13.93
N ALA B 240 -23.32 17.52 14.67
CA ALA B 240 -23.44 17.03 16.05
C ALA B 240 -24.10 18.05 16.95
N ILE B 241 -23.99 19.34 16.65
CA ILE B 241 -24.71 20.35 17.42
C ILE B 241 -26.21 20.17 17.24
N PHE B 242 -26.65 19.91 16.02
CA PHE B 242 -28.08 19.98 15.68
C PHE B 242 -28.87 18.73 16.05
N VAL B 243 -28.23 17.70 16.61
CA VAL B 243 -29.00 16.56 17.10
C VAL B 243 -29.90 16.97 18.26
N PHE B 244 -29.50 17.98 19.02
CA PHE B 244 -30.31 18.45 20.15
C PHE B 244 -31.53 19.25 19.70
N TYR B 245 -31.54 19.77 18.48
CA TYR B 245 -32.73 20.39 17.91
C TYR B 245 -33.67 19.38 17.27
N LEU B 246 -33.24 18.14 17.10
CA LEU B 246 -34.11 17.10 16.57
C LEU B 246 -35.14 16.71 17.64
N PRO B 247 -36.43 16.60 17.30
CA PRO B 247 -37.39 16.18 18.31
C PRO B 247 -37.13 14.73 18.73
N PRO B 248 -37.40 14.38 20.00
CA PRO B 248 -37.34 12.96 20.36
C PRO B 248 -38.37 12.10 19.63
N ASP B 249 -39.50 12.66 19.22
CA ASP B 249 -40.55 11.88 18.60
C ASP B 249 -40.22 11.49 17.17
N ALA B 250 -39.25 12.15 16.53
CA ALA B 250 -38.83 11.76 15.19
C ALA B 250 -38.08 10.43 15.19
N GLY B 251 -37.44 10.07 16.31
CA GLY B 251 -36.73 8.81 16.41
C GLY B 251 -35.51 8.71 15.51
N GLU B 252 -34.73 9.80 15.42
CA GLU B 252 -33.57 9.84 14.51
C GLU B 252 -32.37 10.51 15.17
N LYS B 253 -32.26 10.47 16.49
CA LYS B 253 -31.13 11.07 17.18
C LYS B 253 -29.90 10.16 17.15
N MET B 254 -30.09 8.90 17.56
CA MET B 254 -28.99 7.96 17.59
C MET B 254 -28.39 7.74 16.21
N GLY B 255 -29.23 7.64 15.18
CA GLY B 255 -28.75 7.44 13.84
C GLY B 255 -27.83 8.56 13.39
N LEU B 256 -28.30 9.81 13.53
CA LEU B 256 -27.50 10.97 13.14
C LEU B 256 -26.19 11.02 13.92
N SER B 257 -26.25 10.89 15.24
CA SER B 257 -25.05 11.04 16.06
C SER B 257 -24.03 9.94 15.77
N ILE B 258 -24.48 8.68 15.71
CA ILE B 258 -23.52 7.60 15.53
C ILE B 258 -22.99 7.59 14.11
N PHE B 259 -23.78 8.01 13.12
CA PHE B 259 -23.24 8.05 11.76
C PHE B 259 -22.26 9.21 11.61
N ALA B 260 -22.44 10.29 12.38
CA ALA B 260 -21.39 11.30 12.46
C ALA B 260 -20.12 10.71 13.04
N LEU B 261 -20.25 9.89 14.09
CA LEU B 261 -19.07 9.22 14.65
C LEU B 261 -18.42 8.29 13.62
N LEU B 262 -19.24 7.58 12.85
CA LEU B 262 -18.73 6.67 11.82
C LEU B 262 -17.97 7.44 10.75
N THR B 263 -18.49 8.59 10.33
CA THR B 263 -17.77 9.43 9.37
C THR B 263 -16.45 9.91 9.97
N LEU B 264 -16.45 10.23 11.26
CA LEU B 264 -15.20 10.62 11.92
C LEU B 264 -14.19 9.48 11.89
N THR B 265 -14.67 8.25 12.09
CA THR B 265 -13.77 7.10 12.02
C THR B 265 -13.22 6.93 10.60
N VAL B 266 -14.05 7.19 9.58
CA VAL B 266 -13.58 7.13 8.20
C VAL B 266 -12.47 8.17 7.97
N PHE B 267 -12.64 9.37 8.53
CA PHE B 267 -11.58 10.37 8.40
C PHE B 267 -10.34 10.01 9.20
N LEU B 268 -10.49 9.29 10.31
CA LEU B 268 -9.32 8.76 10.99
C LEU B 268 -8.58 7.77 10.11
N LEU B 269 -9.32 6.92 9.39
CA LEU B 269 -8.70 6.02 8.42
C LEU B 269 -7.99 6.81 7.32
N LEU B 270 -8.59 7.91 6.87
CA LEU B 270 -7.93 8.78 5.91
C LEU B 270 -6.62 9.31 6.45
N LEU B 271 -6.61 9.77 7.71
CA LEU B 271 -5.43 10.39 8.28
C LEU B 271 -4.34 9.38 8.64
N ALA B 272 -4.70 8.11 8.84
CA ALA B 272 -3.74 7.13 9.32
C ALA B 272 -2.55 6.97 8.37
N ASP B 273 -2.73 7.24 7.09
CA ASP B 273 -1.67 7.05 6.10
C ASP B 273 -0.69 8.22 6.05
N LYS B 274 -1.02 9.36 6.66
CA LYS B 274 -0.29 10.60 6.46
C LYS B 274 0.48 11.09 7.68
N VAL B 275 0.12 10.64 8.88
CA VAL B 275 0.62 11.27 10.11
C VAL B 275 1.98 10.68 10.45
N PRO B 276 2.89 11.43 11.09
CA PRO B 276 4.12 10.80 11.59
C PRO B 276 3.82 9.80 12.69
N GLU B 277 4.68 8.79 12.81
CA GLU B 277 4.48 7.67 13.72
C GLU B 277 5.33 7.76 14.98
N THR B 278 5.94 8.90 15.26
CA THR B 278 6.74 9.05 16.47
C THR B 278 5.85 9.34 17.67
N SER B 279 6.45 9.24 18.87
CA SER B 279 5.73 9.29 20.13
C SER B 279 6.26 10.36 21.08
N LEU B 280 7.02 11.33 20.57
CA LEU B 280 7.50 12.41 21.42
C LEU B 280 6.45 13.50 21.64
N SER B 281 5.40 13.54 20.81
CA SER B 281 4.32 14.49 20.98
C SER B 281 3.14 14.01 20.15
N VAL B 282 2.03 14.73 20.24
CA VAL B 282 0.80 14.42 19.53
C VAL B 282 0.56 15.54 18.53
N PRO B 283 0.31 15.26 17.24
CA PRO B 283 -0.02 16.35 16.32
C PRO B 283 -1.31 17.05 16.71
N ILE B 284 -1.34 18.37 16.45
CA ILE B 284 -2.50 19.17 16.76
C ILE B 284 -3.72 18.72 15.96
N ILE B 285 -3.52 18.20 14.76
CA ILE B 285 -4.66 17.70 13.98
C ILE B 285 -5.23 16.44 14.63
N ILE B 286 -4.39 15.58 15.19
CA ILE B 286 -4.89 14.44 15.93
C ILE B 286 -5.59 14.88 17.21
N LYS B 287 -5.08 15.92 17.86
CA LYS B 287 -5.77 16.47 19.02
C LYS B 287 -7.15 16.98 18.63
N TYR B 288 -7.25 17.66 17.49
CA TYR B 288 -8.54 18.13 17.01
C TYR B 288 -9.47 16.97 16.68
N LEU B 289 -8.94 15.92 16.05
CA LEU B 289 -9.77 14.77 15.70
C LEU B 289 -10.30 14.08 16.94
N MET B 290 -9.45 13.87 17.95
CA MET B 290 -9.90 13.25 19.18
C MET B 290 -10.87 14.14 19.94
N PHE B 291 -10.66 15.46 19.90
CA PHE B 291 -11.60 16.39 20.51
C PHE B 291 -12.96 16.29 19.84
N THR B 292 -13.00 16.22 18.51
CA THR B 292 -14.25 16.09 17.80
C THR B 292 -14.92 14.75 18.10
N MET B 293 -14.12 13.68 18.20
CA MET B 293 -14.68 12.37 18.55
C MET B 293 -15.30 12.39 19.95
N VAL B 294 -14.63 13.03 20.91
CA VAL B 294 -15.18 13.14 22.25
C VAL B 294 -16.44 13.99 22.25
N LEU B 295 -16.46 15.03 21.41
CA LEU B 295 -17.67 15.86 21.30
C LEU B 295 -18.84 15.05 20.78
N VAL B 296 -18.62 14.24 19.74
CA VAL B 296 -19.71 13.44 19.19
C VAL B 296 -20.14 12.38 20.20
N THR B 297 -19.18 11.80 20.94
CA THR B 297 -19.52 10.83 21.96
C THR B 297 -20.39 11.47 23.04
N PHE B 298 -20.07 12.69 23.44
CA PHE B 298 -20.89 13.38 24.43
C PHE B 298 -22.24 13.76 23.87
N SER B 299 -22.31 14.08 22.58
CA SER B 299 -23.61 14.32 21.95
C SER B 299 -24.46 13.06 22.01
N VAL B 300 -23.86 11.90 21.76
CA VAL B 300 -24.58 10.63 21.91
C VAL B 300 -25.06 10.45 23.35
N ILE B 301 -24.17 10.68 24.31
CA ILE B 301 -24.52 10.44 25.72
C ILE B 301 -25.67 11.32 26.15
N LEU B 302 -25.60 12.61 25.82
CA LEU B 302 -26.66 13.53 26.20
C LEU B 302 -27.94 13.27 25.42
N SER B 303 -27.84 12.80 24.18
CA SER B 303 -29.04 12.41 23.45
C SER B 303 -29.71 11.21 24.10
N VAL B 304 -28.92 10.25 24.58
CA VAL B 304 -29.49 9.11 25.29
C VAL B 304 -30.18 9.57 26.57
N VAL B 305 -29.59 10.52 27.28
CA VAL B 305 -30.24 11.04 28.49
C VAL B 305 -31.56 11.73 28.14
N VAL B 306 -31.57 12.53 27.08
CA VAL B 306 -32.80 13.22 26.69
C VAL B 306 -33.87 12.22 26.28
N LEU B 307 -33.48 11.18 25.51
CA LEU B 307 -34.44 10.17 25.10
C LEU B 307 -34.95 9.39 26.30
N ASN B 308 -34.10 9.14 27.29
CA ASN B 308 -34.56 8.51 28.53
C ASN B 308 -35.61 9.37 29.21
N LEU B 309 -35.36 10.67 29.34
CA LEU B 309 -36.34 11.55 29.99
C LEU B 309 -37.64 11.63 29.19
N HIS B 310 -37.55 11.65 27.85
CA HIS B 310 -38.75 11.77 27.04
C HIS B 310 -39.64 10.54 27.14
N HIS B 311 -39.05 9.35 27.29
CA HIS B 311 -39.77 8.09 27.28
C HIS B 311 -39.88 7.47 28.68
N ARG B 312 -39.76 8.28 29.73
CA ARG B 312 -39.94 7.78 31.12
C ARG B 312 -41.40 7.37 31.29
N SER B 313 -41.68 6.14 31.72
CA SER B 313 -43.02 5.65 31.91
C SER B 313 -43.73 6.50 32.95
N PRO B 314 -44.83 7.20 32.63
CA PRO B 314 -45.45 8.06 33.65
C PRO B 314 -45.99 7.29 34.85
N HIS B 315 -46.57 6.10 34.65
CA HIS B 315 -47.19 5.41 35.77
C HIS B 315 -46.17 4.76 36.68
N THR B 316 -44.96 4.48 36.19
CA THR B 316 -43.90 3.89 37.00
C THR B 316 -43.00 4.95 37.61
N HIS B 317 -42.53 5.90 36.80
CA HIS B 317 -41.61 6.93 37.25
C HIS B 317 -42.41 8.14 37.74
N GLN B 318 -42.28 8.45 39.02
CA GLN B 318 -42.84 9.67 39.60
C GLN B 318 -41.79 10.77 39.64
N MET B 319 -42.25 12.01 39.64
CA MET B 319 -41.40 13.17 39.47
C MET B 319 -40.81 13.59 40.81
N PRO B 320 -39.47 13.65 40.95
CA PRO B 320 -38.92 14.37 42.10
C PRO B 320 -39.34 15.83 42.05
N LEU B 321 -39.68 16.37 43.22
CA LEU B 321 -40.21 17.73 43.26
C LEU B 321 -39.15 18.77 42.92
N TRP B 322 -37.87 18.46 43.12
CA TRP B 322 -36.81 19.37 42.70
C TRP B 322 -36.70 19.43 41.18
N VAL B 323 -36.92 18.30 40.49
CA VAL B 323 -36.95 18.31 39.04
C VAL B 323 -38.08 19.19 38.54
N ARG B 324 -39.26 19.07 39.16
CA ARG B 324 -40.40 19.89 38.77
C ARG B 324 -40.12 21.36 39.04
N GLN B 325 -39.43 21.67 40.15
CA GLN B 325 -39.13 23.06 40.45
C GLN B 325 -38.14 23.65 39.46
N ILE B 326 -37.11 22.88 39.08
CA ILE B 326 -36.06 23.44 38.23
C ILE B 326 -36.47 23.44 36.77
N PHE B 327 -36.76 22.26 36.22
CA PHE B 327 -36.87 22.13 34.78
C PHE B 327 -38.25 22.45 34.21
N ILE B 328 -39.26 22.69 35.05
CA ILE B 328 -40.57 23.11 34.57
C ILE B 328 -40.87 24.57 34.88
N HIS B 329 -40.27 25.14 35.94
CA HIS B 329 -40.61 26.47 36.43
C HIS B 329 -39.46 27.45 36.38
N LYS B 330 -38.26 27.04 36.78
CA LYS B 330 -37.12 27.97 36.86
C LYS B 330 -36.35 28.06 35.55
N LEU B 331 -35.84 26.91 35.06
CA LEU B 331 -34.98 26.94 33.89
C LEU B 331 -35.68 27.33 32.58
N PRO B 332 -36.95 27.01 32.34
CA PRO B 332 -37.56 27.43 31.06
C PRO B 332 -37.55 28.93 30.81
N LEU B 333 -37.73 29.76 31.83
CA LEU B 333 -37.77 31.20 31.57
C LEU B 333 -36.37 31.78 31.42
N TYR B 334 -35.34 31.06 31.85
CA TYR B 334 -33.97 31.39 31.47
C TYR B 334 -33.59 30.92 30.08
N LEU B 335 -34.10 29.77 29.65
CA LEU B 335 -33.76 29.23 28.33
C LEU B 335 -34.69 29.70 27.22
N GLY B 336 -35.66 30.56 27.53
CA GLY B 336 -36.53 31.08 26.49
C GLY B 336 -37.59 30.11 26.02
N LEU B 337 -37.96 29.14 26.85
CA LEU B 337 -38.99 28.17 26.52
C LEU B 337 -40.26 28.51 27.31
N LYS B 338 -41.37 28.69 26.60
CA LYS B 338 -42.66 28.99 27.19
C LYS B 338 -43.57 27.79 27.00
N ARG B 339 -44.16 27.32 28.10
CA ARG B 339 -45.10 26.20 28.04
C ARG B 339 -46.49 26.74 27.75
N PRO B 340 -47.15 26.32 26.66
CA PRO B 340 -48.52 26.79 26.40
C PRO B 340 -49.51 26.55 27.53
N LYS B 341 -49.44 25.42 28.21
CA LYS B 341 -50.48 25.02 29.14
C LYS B 341 -50.48 25.95 30.35
N PRO B 342 -51.56 26.67 30.64
CA PRO B 342 -51.54 27.57 31.80
C PRO B 342 -51.81 26.90 33.15
N GLU B 343 -52.14 25.62 33.15
CA GLU B 343 -52.37 24.86 34.38
C GLU B 343 -53.54 25.45 35.16
N PRO B 410 -84.98 1.37 36.18
CA PRO B 410 -85.14 0.13 35.41
C PRO B 410 -83.82 -0.64 35.30
N PRO B 411 -83.86 -1.97 35.11
CA PRO B 411 -82.61 -2.73 35.01
C PRO B 411 -81.84 -2.47 33.72
N GLU B 412 -82.52 -2.12 32.63
CA GLU B 412 -81.83 -1.92 31.36
C GLU B 412 -81.00 -0.64 31.37
N LEU B 413 -81.57 0.46 31.87
CA LEU B 413 -80.87 1.74 31.86
C LEU B 413 -79.78 1.82 32.92
N ARG B 414 -79.88 1.04 34.01
CA ARG B 414 -78.83 1.08 35.02
C ARG B 414 -77.50 0.62 34.44
N GLU B 415 -77.53 -0.41 33.60
CA GLU B 415 -76.31 -0.85 32.93
C GLU B 415 -75.75 0.25 32.03
N VAL B 416 -76.63 0.98 31.35
CA VAL B 416 -76.17 2.07 30.48
C VAL B 416 -75.49 3.16 31.30
N VAL B 417 -76.10 3.54 32.43
CA VAL B 417 -75.53 4.58 33.27
C VAL B 417 -74.17 4.14 33.81
N SER B 418 -74.08 2.90 34.30
CA SER B 418 -72.81 2.42 34.83
C SER B 418 -71.76 2.33 33.74
N SER B 419 -72.13 1.91 32.52
CA SER B 419 -71.19 1.84 31.43
C SER B 419 -70.64 3.21 31.08
N ILE B 420 -71.53 4.20 30.93
CA ILE B 420 -71.10 5.55 30.58
C ILE B 420 -70.20 6.12 31.69
N SER B 421 -70.53 5.82 32.94
CA SER B 421 -69.66 6.24 34.04
C SER B 421 -68.28 5.61 33.91
N TYR B 422 -68.23 4.33 33.50
CA TYR B 422 -66.94 3.69 33.30
C TYR B 422 -66.15 4.37 32.19
N ILE B 423 -66.80 4.74 31.09
CA ILE B 423 -66.07 5.40 30.00
C ILE B 423 -65.54 6.75 30.48
N ALA B 424 -66.35 7.48 31.23
CA ALA B 424 -65.89 8.77 31.75
C ALA B 424 -64.68 8.59 32.67
N ARG B 425 -64.73 7.59 33.55
CA ARG B 425 -63.61 7.34 34.45
C ARG B 425 -62.36 6.95 33.66
N GLN B 426 -62.51 6.11 32.64
CA GLN B 426 -61.38 5.68 31.83
C GLN B 426 -60.75 6.86 31.12
N LEU B 427 -61.56 7.75 30.57
CA LEU B 427 -61.01 8.90 29.86
C LEU B 427 -60.36 9.88 30.81
N GLN B 428 -60.90 10.03 32.03
CA GLN B 428 -60.23 10.86 33.03
C GLN B 428 -58.86 10.30 33.40
N GLU B 429 -58.78 8.97 33.58
CA GLU B 429 -57.48 8.35 33.87
C GLU B 429 -56.52 8.55 32.71
N GLN B 430 -57.01 8.43 31.48
CA GLN B 430 -56.16 8.67 30.31
C GLN B 430 -55.66 10.11 30.30
N GLU B 431 -56.52 11.06 30.65
CA GLU B 431 -56.09 12.46 30.68
C GLU B 431 -55.01 12.68 31.73
N ASP B 432 -55.16 12.08 32.91
CA ASP B 432 -54.14 12.25 33.95
C ASP B 432 -52.81 11.64 33.52
N HIS B 433 -52.85 10.45 32.91
CA HIS B 433 -51.64 9.83 32.40
C HIS B 433 -51.00 10.71 31.33
N ASP B 434 -51.82 11.31 30.47
CA ASP B 434 -51.31 12.21 29.45
C ASP B 434 -50.61 13.40 30.08
N VAL B 435 -51.20 13.97 31.14
CA VAL B 435 -50.61 15.14 31.80
C VAL B 435 -49.23 14.80 32.36
N LEU B 436 -49.11 13.65 33.04
CA LEU B 436 -47.78 13.26 33.52
C LEU B 436 -46.82 13.04 32.36
N LYS B 437 -47.32 12.51 31.25
CA LYS B 437 -46.45 12.29 30.10
C LYS B 437 -45.93 13.61 29.54
N GLU B 438 -46.79 14.63 29.43
CA GLU B 438 -46.29 15.90 28.92
C GLU B 438 -45.37 16.58 29.92
N ASP B 439 -45.56 16.34 31.21
CA ASP B 439 -44.60 16.88 32.19
C ASP B 439 -43.21 16.30 31.95
N TRP B 440 -43.12 14.97 31.82
CA TRP B 440 -41.82 14.35 31.56
C TRP B 440 -41.26 14.81 30.22
N GLN B 441 -42.11 14.92 29.20
CA GLN B 441 -41.63 15.33 27.88
C GLN B 441 -41.14 16.77 27.87
N PHE B 442 -41.80 17.65 28.64
CA PHE B 442 -41.36 19.03 28.73
C PHE B 442 -40.03 19.14 29.44
N VAL B 443 -39.82 18.35 30.49
CA VAL B 443 -38.51 18.35 31.13
C VAL B 443 -37.46 17.82 30.17
N ALA B 444 -37.82 16.82 29.34
CA ALA B 444 -36.89 16.33 28.34
C ALA B 444 -36.52 17.43 27.35
N MET B 445 -37.50 18.21 26.90
CA MET B 445 -37.23 19.30 25.97
C MET B 445 -36.34 20.36 26.61
N VAL B 446 -36.61 20.70 27.87
CA VAL B 446 -35.83 21.72 28.56
C VAL B 446 -34.39 21.27 28.73
N VAL B 447 -34.19 20.01 29.14
CA VAL B 447 -32.84 19.46 29.25
C VAL B 447 -32.16 19.43 27.89
N ASP B 448 -32.93 19.15 26.82
CA ASP B 448 -32.36 19.14 25.47
C ASP B 448 -31.87 20.53 25.07
N ARG B 449 -32.65 21.57 25.37
CA ARG B 449 -32.23 22.92 25.03
C ARG B 449 -30.99 23.34 25.84
N LEU B 450 -30.98 23.00 27.13
CA LEU B 450 -29.80 23.30 27.95
C LEU B 450 -28.57 22.61 27.40
N PHE B 451 -28.70 21.33 27.01
CA PHE B 451 -27.57 20.60 26.47
C PHE B 451 -27.16 21.16 25.12
N LEU B 452 -28.11 21.63 24.31
CA LEU B 452 -27.76 22.31 23.07
C LEU B 452 -26.88 23.52 23.33
N TRP B 453 -27.27 24.34 24.31
CA TRP B 453 -26.51 25.55 24.57
C TRP B 453 -25.11 25.24 25.10
N THR B 454 -25.00 24.31 26.06
CA THR B 454 -23.65 24.03 26.56
C THR B 454 -22.81 23.28 25.53
N PHE B 455 -23.43 22.47 24.66
CA PHE B 455 -22.67 21.85 23.58
C PHE B 455 -22.14 22.89 22.61
N ILE B 456 -22.96 23.91 22.30
CA ILE B 456 -22.48 25.01 21.46
C ILE B 456 -21.29 25.70 22.12
N ILE B 457 -21.39 25.94 23.43
CA ILE B 457 -20.31 26.63 24.13
C ILE B 457 -19.03 25.80 24.11
N PHE B 458 -19.14 24.51 24.44
CA PHE B 458 -17.96 23.65 24.44
C PHE B 458 -17.33 23.55 23.05
N THR B 459 -18.18 23.36 22.03
CA THR B 459 -17.69 23.30 20.65
C THR B 459 -16.94 24.57 20.28
N SER B 460 -17.56 25.73 20.51
CA SER B 460 -16.94 26.98 20.11
C SER B 460 -15.63 27.21 20.86
N VAL B 461 -15.62 26.96 22.17
CA VAL B 461 -14.42 27.24 22.96
C VAL B 461 -13.28 26.32 22.53
N GLY B 462 -13.54 25.01 22.44
CA GLY B 462 -12.48 24.09 22.08
C GLY B 462 -11.97 24.31 20.67
N THR B 463 -12.89 24.52 19.72
CA THR B 463 -12.47 24.79 18.35
C THR B 463 -11.66 26.07 18.26
N LEU B 464 -12.09 27.13 18.97
CA LEU B 464 -11.36 28.39 18.94
C LEU B 464 -9.96 28.23 19.52
N VAL B 465 -9.83 27.53 20.65
CA VAL B 465 -8.51 27.35 21.26
C VAL B 465 -7.60 26.56 20.33
N ILE B 466 -8.10 25.47 19.76
CA ILE B 466 -7.26 24.65 18.87
C ILE B 466 -6.88 25.43 17.63
N PHE B 467 -7.83 26.16 17.04
CA PHE B 467 -7.56 26.90 15.81
C PHE B 467 -6.61 28.07 16.05
N LEU B 468 -6.69 28.71 17.22
CA LEU B 468 -5.76 29.79 17.52
C LEU B 468 -4.38 29.25 17.86
N ASP B 469 -4.29 28.08 18.47
CA ASP B 469 -2.99 27.45 18.66
C ASP B 469 -2.35 27.11 17.33
N ALA B 470 -3.13 26.58 16.39
CA ALA B 470 -2.59 26.27 15.07
C ALA B 470 -2.22 27.54 14.30
N THR B 471 -3.06 28.57 14.39
CA THR B 471 -2.90 29.75 13.54
C THR B 471 -1.68 30.57 13.96
N TYR B 472 -1.42 30.67 15.26
CA TYR B 472 -0.37 31.53 15.78
C TYR B 472 0.97 30.81 15.89
N HIS B 473 1.14 29.67 15.22
CA HIS B 473 2.43 28.98 15.12
C HIS B 473 3.10 29.43 13.83
N LEU B 474 3.99 30.41 13.94
CA LEU B 474 4.67 31.01 12.79
C LEU B 474 6.13 30.51 12.74
N PRO B 475 6.76 30.49 11.57
CA PRO B 475 8.19 30.18 11.54
C PRO B 475 8.99 31.31 12.17
N PRO B 476 10.17 31.04 12.71
CA PRO B 476 10.95 32.11 13.32
C PRO B 476 11.48 33.08 12.28
N ALA B 477 11.59 34.35 12.68
CA ALA B 477 12.19 35.35 11.79
C ALA B 477 13.70 35.22 11.72
N ASP B 478 14.35 34.68 12.75
CA ASP B 478 15.78 34.50 12.83
C ASP B 478 16.12 33.02 12.71
N PRO B 479 16.97 32.58 11.77
CA PRO B 479 17.28 31.14 11.72
C PRO B 479 17.98 30.62 12.96
N PHE B 480 18.73 31.46 13.68
CA PHE B 480 19.49 31.05 14.87
C PHE B 480 19.14 31.98 16.03
N PRO B 481 18.10 31.63 16.81
CA PRO B 481 17.82 32.41 18.03
C PRO B 481 18.91 32.25 19.09
N SER C 1 48.54 -30.99 -15.28
CA SER C 1 47.81 -30.93 -16.59
C SER C 1 48.62 -30.13 -17.60
N GLU C 2 48.60 -28.80 -17.43
CA GLU C 2 49.37 -27.81 -18.19
C GLU C 2 48.87 -27.61 -19.62
N HIS C 3 47.99 -28.47 -20.12
CA HIS C 3 47.60 -28.35 -21.53
C HIS C 3 46.45 -27.36 -21.68
N GLU C 4 45.49 -27.38 -20.77
CA GLU C 4 44.44 -26.36 -20.81
C GLU C 4 45.03 -24.97 -20.56
N THR C 5 45.98 -24.87 -19.63
CA THR C 5 46.63 -23.59 -19.38
C THR C 5 47.39 -23.11 -20.61
N ARG C 6 48.14 -24.01 -21.25
CA ARG C 6 48.85 -23.66 -22.48
C ARG C 6 47.88 -23.23 -23.57
N LEU C 7 46.76 -23.94 -23.70
CA LEU C 7 45.77 -23.61 -24.72
C LEU C 7 45.19 -22.22 -24.49
N VAL C 8 44.76 -21.92 -23.27
CA VAL C 8 44.19 -20.61 -23.00
C VAL C 8 45.26 -19.52 -23.15
N ALA C 9 46.52 -19.83 -22.84
CA ALA C 9 47.58 -18.87 -23.06
C ALA C 9 47.73 -18.54 -24.54
N LYS C 10 47.66 -19.56 -25.41
CA LYS C 10 47.82 -19.30 -26.83
C LYS C 10 46.59 -18.62 -27.44
N LEU C 11 45.39 -19.04 -27.05
CA LEU C 11 44.18 -18.51 -27.69
C LEU C 11 44.02 -17.01 -27.47
N PHE C 12 44.48 -16.50 -26.34
CA PHE C 12 44.30 -15.10 -25.96
C PHE C 12 45.64 -14.37 -25.88
N GLU C 13 46.52 -14.65 -26.83
CA GLU C 13 47.79 -13.94 -26.96
C GLU C 13 47.66 -12.73 -27.88
N ASP C 14 46.97 -12.88 -29.00
CA ASP C 14 46.77 -11.81 -29.98
C ASP C 14 45.29 -11.67 -30.31
N TYR C 15 44.44 -11.86 -29.31
CA TYR C 15 42.99 -11.81 -29.49
C TYR C 15 42.49 -10.38 -29.32
N ASN C 16 41.48 -10.02 -30.10
CA ASN C 16 40.83 -8.72 -30.03
C ASN C 16 39.33 -8.95 -29.89
N SER C 17 38.78 -8.58 -28.74
CA SER C 17 37.35 -8.74 -28.50
C SER C 17 36.50 -7.74 -29.28
N VAL C 18 37.11 -6.66 -29.79
CA VAL C 18 36.35 -5.65 -30.52
C VAL C 18 36.10 -6.10 -31.95
N VAL C 19 37.02 -6.86 -32.52
CA VAL C 19 36.91 -7.27 -33.92
C VAL C 19 35.87 -8.37 -34.05
N ARG C 20 35.02 -8.26 -35.08
CA ARG C 20 34.09 -9.33 -35.37
C ARG C 20 34.87 -10.59 -35.73
N PRO C 21 34.54 -11.76 -35.16
CA PRO C 21 35.43 -12.92 -35.33
C PRO C 21 35.15 -13.70 -36.60
N VAL C 22 35.54 -13.12 -37.73
CA VAL C 22 35.49 -13.78 -39.03
C VAL C 22 36.82 -13.54 -39.74
N GLU C 23 37.14 -14.42 -40.69
CA GLU C 23 38.39 -14.30 -41.41
C GLU C 23 38.45 -13.01 -42.23
N ASP C 24 37.37 -12.70 -42.93
CA ASP C 24 37.29 -11.55 -43.83
C ASP C 24 36.21 -10.61 -43.30
N HIS C 25 36.49 -9.30 -43.35
CA HIS C 25 35.53 -8.35 -42.81
C HIS C 25 34.28 -8.20 -43.66
N ARG C 26 34.25 -8.76 -44.87
CA ARG C 26 33.09 -8.65 -45.75
C ARG C 26 32.04 -9.71 -45.52
N GLN C 27 32.31 -10.74 -44.71
CA GLN C 27 31.33 -11.76 -44.39
C GLN C 27 30.77 -11.50 -42.99
N ALA C 28 29.50 -11.84 -42.80
CA ALA C 28 28.80 -11.58 -41.56
C ALA C 28 29.03 -12.70 -40.56
N VAL C 29 28.81 -12.38 -39.30
CA VAL C 29 28.86 -13.36 -38.22
C VAL C 29 27.51 -14.06 -38.15
N GLU C 30 27.52 -15.38 -38.14
CA GLU C 30 26.29 -16.17 -38.07
C GLU C 30 26.02 -16.49 -36.61
N VAL C 31 24.90 -15.96 -36.08
CA VAL C 31 24.49 -16.15 -34.71
C VAL C 31 23.14 -16.86 -34.71
N THR C 32 23.03 -17.91 -33.91
CA THR C 32 21.78 -18.62 -33.69
C THR C 32 21.27 -18.22 -32.31
N VAL C 33 20.04 -17.71 -32.26
CA VAL C 33 19.45 -17.16 -31.04
C VAL C 33 18.24 -18.01 -30.67
N GLY C 34 18.22 -18.50 -29.43
CA GLY C 34 17.07 -19.20 -28.91
C GLY C 34 16.69 -18.64 -27.55
N LEU C 35 15.40 -18.69 -27.27
CA LEU C 35 14.82 -18.15 -26.05
C LEU C 35 14.18 -19.28 -25.26
N GLN C 36 14.55 -19.39 -23.98
CA GLN C 36 13.93 -20.34 -23.07
C GLN C 36 13.24 -19.53 -21.98
N LEU C 37 11.93 -19.74 -21.83
CA LEU C 37 11.13 -19.03 -20.84
C LEU C 37 11.03 -19.90 -19.59
N ILE C 38 11.66 -19.47 -18.50
CA ILE C 38 11.68 -20.25 -17.27
C ILE C 38 10.46 -19.97 -16.43
N GLN C 39 10.09 -18.70 -16.27
CA GLN C 39 8.96 -18.33 -15.42
C GLN C 39 8.37 -17.01 -15.89
N LEU C 40 7.04 -16.94 -15.94
CA LEU C 40 6.32 -15.69 -16.16
C LEU C 40 6.13 -15.02 -14.80
N ILE C 41 6.98 -14.04 -14.49
CA ILE C 41 6.99 -13.47 -13.15
C ILE C 41 5.74 -12.64 -12.90
N ASN C 42 5.41 -11.72 -13.80
CA ASN C 42 4.24 -10.88 -13.56
C ASN C 42 3.80 -10.20 -14.84
N VAL C 43 2.49 -9.99 -14.95
CA VAL C 43 1.86 -9.18 -15.98
C VAL C 43 1.20 -8.00 -15.27
N ASP C 44 1.65 -6.78 -15.57
CA ASP C 44 1.18 -5.57 -14.94
C ASP C 44 0.42 -4.76 -15.99
N GLU C 45 -0.88 -4.60 -15.79
CA GLU C 45 -1.77 -4.05 -16.79
C GLU C 45 -1.77 -2.52 -16.80
N VAL C 46 -1.43 -1.89 -15.69
CA VAL C 46 -1.49 -0.43 -15.62
C VAL C 46 -0.36 0.18 -16.45
N ASN C 47 0.89 -0.13 -16.11
CA ASN C 47 2.04 0.34 -16.87
C ASN C 47 2.34 -0.54 -18.07
N GLN C 48 1.58 -1.62 -18.27
CA GLN C 48 1.68 -2.44 -19.49
C GLN C 48 3.06 -3.10 -19.61
N ILE C 49 3.46 -3.80 -18.55
CA ILE C 49 4.79 -4.38 -18.45
C ILE C 49 4.66 -5.86 -18.11
N VAL C 50 5.35 -6.70 -18.87
CA VAL C 50 5.44 -8.13 -18.60
C VAL C 50 6.88 -8.42 -18.19
N THR C 51 7.05 -8.95 -16.97
CA THR C 51 8.36 -9.34 -16.47
C THR C 51 8.45 -10.86 -16.45
N THR C 52 9.50 -11.37 -17.09
CA THR C 52 9.72 -12.81 -17.25
C THR C 52 11.17 -13.14 -16.94
N ASN C 53 11.39 -14.39 -16.54
CA ASN C 53 12.71 -14.97 -16.35
C ASN C 53 13.04 -15.82 -17.58
N VAL C 54 14.20 -15.56 -18.19
CA VAL C 54 14.56 -16.20 -19.45
C VAL C 54 16.03 -16.62 -19.45
N ARG C 55 16.33 -17.58 -20.31
CA ARG C 55 17.68 -17.93 -20.70
C ARG C 55 17.81 -17.63 -22.19
N LEU C 56 18.85 -16.88 -22.57
CA LEU C 56 19.02 -16.39 -23.95
C LEU C 56 20.19 -17.11 -24.59
N LYS C 57 19.93 -18.27 -25.17
CA LYS C 57 20.99 -19.10 -25.74
C LYS C 57 21.46 -18.49 -27.06
N GLN C 58 22.77 -18.29 -27.18
CA GLN C 58 23.40 -17.69 -28.35
C GLN C 58 24.55 -18.58 -28.78
N GLN C 59 24.54 -18.97 -30.06
CA GLN C 59 25.56 -19.85 -30.62
C GLN C 59 26.20 -19.17 -31.82
N TRP C 60 27.52 -19.11 -31.85
CA TRP C 60 28.21 -18.62 -33.04
C TRP C 60 29.55 -19.33 -33.13
N VAL C 61 30.37 -18.91 -34.10
CA VAL C 61 31.68 -19.50 -34.34
C VAL C 61 32.70 -18.37 -34.36
N ASP C 62 33.70 -18.48 -33.49
CA ASP C 62 34.82 -17.55 -33.47
C ASP C 62 35.96 -18.13 -34.30
N TYR C 63 36.33 -17.42 -35.37
CA TYR C 63 37.35 -17.94 -36.28
C TYR C 63 38.71 -18.04 -35.60
N ASN C 64 39.00 -17.15 -34.65
CA ASN C 64 40.32 -17.06 -34.04
C ASN C 64 40.49 -17.94 -32.81
N LEU C 65 39.47 -18.71 -32.42
CA LEU C 65 39.50 -19.55 -31.23
C LEU C 65 39.41 -21.02 -31.61
N LYS C 66 40.16 -21.42 -32.64
CA LYS C 66 40.28 -22.81 -33.07
C LYS C 66 41.60 -23.38 -32.60
N TRP C 67 41.61 -24.69 -32.35
CA TRP C 67 42.85 -25.38 -32.03
C TRP C 67 42.73 -26.83 -32.47
N ASN C 68 43.88 -27.47 -32.64
CA ASN C 68 43.95 -28.89 -32.92
C ASN C 68 44.02 -29.64 -31.59
N PRO C 69 43.05 -30.50 -31.24
CA PRO C 69 43.12 -31.18 -29.93
C PRO C 69 44.34 -32.07 -29.75
N ASP C 70 44.92 -32.58 -30.83
CA ASP C 70 46.08 -33.45 -30.70
C ASP C 70 47.31 -32.71 -30.19
N ASP C 71 47.36 -31.38 -30.35
CA ASP C 71 48.46 -30.58 -29.86
C ASP C 71 48.28 -30.11 -28.42
N TYR C 72 47.19 -30.53 -27.75
CA TYR C 72 46.91 -30.09 -26.39
C TYR C 72 46.38 -31.24 -25.54
N GLY C 73 46.83 -32.47 -25.80
CA GLY C 73 46.41 -33.58 -24.99
C GLY C 73 44.99 -34.04 -25.21
N GLY C 74 44.37 -33.66 -26.33
CA GLY C 74 43.05 -34.13 -26.66
C GLY C 74 41.90 -33.36 -26.05
N VAL C 75 42.15 -32.17 -25.50
CA VAL C 75 41.07 -31.36 -24.96
C VAL C 75 40.24 -30.84 -26.12
N LYS C 76 38.92 -31.04 -26.05
CA LYS C 76 37.99 -30.68 -27.11
C LYS C 76 37.09 -29.52 -26.76
N LYS C 77 36.79 -29.33 -25.49
CA LYS C 77 35.90 -28.23 -25.05
C LYS C 77 36.52 -27.58 -23.83
N ILE C 78 36.35 -26.27 -23.69
CA ILE C 78 36.80 -25.51 -22.53
C ILE C 78 35.72 -24.49 -22.16
N HIS C 79 35.90 -23.89 -20.99
CA HIS C 79 35.01 -22.84 -20.48
C HIS C 79 35.79 -21.56 -20.34
N ILE C 80 35.24 -20.47 -20.88
CA ILE C 80 35.94 -19.18 -20.95
C ILE C 80 35.04 -18.11 -20.35
N PRO C 81 35.56 -17.11 -19.63
CA PRO C 81 34.69 -15.98 -19.25
C PRO C 81 34.21 -15.23 -20.48
N SER C 82 32.91 -14.89 -20.50
CA SER C 82 32.32 -14.22 -21.64
C SER C 82 32.86 -12.80 -21.84
N GLU C 83 33.38 -12.17 -20.79
CA GLU C 83 33.91 -10.82 -20.94
C GLU C 83 35.17 -10.78 -21.80
N LYS C 84 35.88 -11.89 -21.94
CA LYS C 84 37.15 -11.90 -22.67
C LYS C 84 36.97 -11.91 -24.18
N ILE C 85 35.79 -12.25 -24.70
CA ILE C 85 35.58 -12.53 -26.11
C ILE C 85 34.62 -11.52 -26.72
N TRP C 86 34.58 -11.50 -28.05
CA TRP C 86 33.53 -10.80 -28.76
C TRP C 86 32.20 -11.50 -28.53
N ARG C 87 31.15 -10.71 -28.37
CA ARG C 87 29.79 -11.20 -28.20
C ARG C 87 28.86 -10.42 -29.10
N PRO C 88 27.73 -11.00 -29.52
CA PRO C 88 26.67 -10.16 -30.09
C PRO C 88 26.04 -9.29 -29.03
N ASP C 89 25.64 -8.09 -29.43
CA ASP C 89 25.05 -7.12 -28.51
C ASP C 89 23.52 -7.20 -28.61
N LEU C 90 23.00 -8.36 -28.24
CA LEU C 90 21.55 -8.57 -28.28
C LEU C 90 20.88 -7.67 -27.26
N VAL C 91 19.84 -6.97 -27.70
CA VAL C 91 19.07 -6.05 -26.87
C VAL C 91 17.60 -6.34 -27.07
N LEU C 92 16.85 -6.31 -25.96
CA LEU C 92 15.40 -6.30 -25.99
C LEU C 92 14.91 -4.93 -26.44
N TYR C 93 14.43 -4.85 -27.69
CA TYR C 93 14.08 -3.56 -28.26
C TYR C 93 12.87 -2.94 -27.58
N ASN C 94 11.89 -3.77 -27.21
CA ASN C 94 10.69 -3.31 -26.54
C ASN C 94 10.80 -3.42 -25.02
N ASN C 95 12.00 -3.26 -24.48
CA ASN C 95 12.19 -3.23 -23.04
C ASN C 95 11.47 -2.02 -22.45
N ALA C 96 10.79 -2.25 -21.31
CA ALA C 96 10.00 -1.20 -20.68
C ALA C 96 10.78 -0.44 -19.61
N ASP C 97 11.17 -1.12 -18.53
CA ASP C 97 11.89 -0.48 -17.43
C ASP C 97 12.99 -1.37 -16.86
N GLY C 98 13.37 -2.43 -17.55
CA GLY C 98 14.39 -3.36 -17.09
C GLY C 98 15.73 -3.12 -17.74
N ASP C 99 16.47 -4.19 -17.95
CA ASP C 99 17.80 -4.14 -18.56
C ASP C 99 17.66 -4.32 -20.07
N PHE C 100 18.36 -3.48 -20.83
CA PHE C 100 18.29 -3.56 -22.28
C PHE C 100 19.05 -4.78 -22.79
N ALA C 101 20.24 -5.02 -22.26
CA ALA C 101 21.14 -6.09 -22.71
C ALA C 101 21.37 -7.08 -21.58
N ILE C 102 22.18 -8.10 -21.87
CA ILE C 102 22.60 -9.05 -20.85
C ILE C 102 23.57 -8.37 -19.90
N VAL C 103 23.32 -8.50 -18.60
CA VAL C 103 24.21 -8.00 -17.57
C VAL C 103 24.91 -9.12 -16.81
N LYS C 104 24.33 -10.31 -16.74
CA LYS C 104 24.95 -11.46 -16.09
C LYS C 104 25.84 -12.15 -17.11
N PHE C 105 27.14 -11.90 -17.02
CA PHE C 105 28.11 -12.41 -17.98
C PHE C 105 28.64 -13.75 -17.48
N THR C 106 27.90 -14.82 -17.78
CA THR C 106 28.30 -16.16 -17.39
C THR C 106 29.37 -16.65 -18.35
N LYS C 107 29.83 -17.89 -18.16
CA LYS C 107 30.90 -18.46 -18.96
C LYS C 107 30.37 -19.06 -20.25
N VAL C 108 31.20 -19.05 -21.28
CA VAL C 108 30.90 -19.64 -22.58
C VAL C 108 31.57 -21.01 -22.66
N LEU C 109 30.91 -21.92 -23.36
CA LEU C 109 31.47 -23.22 -23.72
C LEU C 109 32.05 -23.09 -25.12
N LEU C 110 33.34 -23.39 -25.26
CA LEU C 110 34.06 -23.21 -26.51
C LEU C 110 34.62 -24.56 -26.96
N ASP C 111 34.29 -24.92 -28.20
CA ASP C 111 34.79 -26.15 -28.81
C ASP C 111 36.11 -25.89 -29.53
N TYR C 112 36.76 -26.97 -29.96
CA TYR C 112 38.00 -26.84 -30.71
C TYR C 112 37.78 -26.30 -32.11
N THR C 113 36.56 -26.40 -32.64
CA THR C 113 36.24 -25.83 -33.94
C THR C 113 35.94 -24.34 -33.88
N GLY C 114 36.02 -23.72 -32.71
CA GLY C 114 35.67 -22.33 -32.54
C GLY C 114 34.21 -22.06 -32.23
N HIS C 115 33.41 -23.10 -32.07
CA HIS C 115 31.99 -22.92 -31.76
C HIS C 115 31.82 -22.47 -30.31
N ILE C 116 31.09 -21.38 -30.12
CA ILE C 116 30.80 -20.80 -28.82
C ILE C 116 29.31 -20.95 -28.57
N THR C 117 28.97 -21.47 -27.39
CA THR C 117 27.61 -21.51 -26.86
C THR C 117 27.59 -20.69 -25.58
N TRP C 118 26.67 -19.72 -25.50
CA TRP C 118 26.56 -18.83 -24.35
C TRP C 118 25.08 -18.75 -23.96
N THR C 119 24.76 -19.15 -22.73
CA THR C 119 23.38 -19.24 -22.25
C THR C 119 23.27 -18.43 -20.97
N PRO C 120 23.25 -17.10 -21.07
CA PRO C 120 23.09 -16.28 -19.87
C PRO C 120 21.62 -16.15 -19.48
N PRO C 121 21.33 -15.98 -18.20
CA PRO C 121 19.96 -15.66 -17.79
C PRO C 121 19.68 -14.17 -17.87
N ALA C 122 18.39 -13.84 -17.80
CA ALA C 122 17.98 -12.45 -17.84
C ALA C 122 16.58 -12.32 -17.27
N ILE C 123 16.29 -11.13 -16.76
CA ILE C 123 14.94 -10.72 -16.39
C ILE C 123 14.50 -9.72 -17.43
N PHE C 124 13.56 -10.13 -18.29
CA PHE C 124 13.09 -9.30 -19.38
C PHE C 124 11.82 -8.59 -18.94
N LYS C 125 11.86 -7.26 -18.93
CA LYS C 125 10.71 -6.41 -18.64
C LYS C 125 10.32 -5.76 -19.97
N SER C 126 9.27 -6.28 -20.59
CA SER C 126 8.87 -5.89 -21.94
C SER C 126 7.56 -5.13 -21.93
N TYR C 127 7.44 -4.18 -22.86
CA TYR C 127 6.23 -3.42 -23.05
C TYR C 127 5.27 -4.20 -23.94
N CYS C 128 3.99 -4.21 -23.56
CA CYS C 128 2.98 -5.02 -24.22
C CYS C 128 1.65 -4.28 -24.21
N GLU C 129 1.01 -4.18 -25.37
CA GLU C 129 -0.32 -3.58 -25.42
C GLU C 129 -1.30 -4.49 -24.67
N ILE C 130 -1.85 -3.97 -23.58
CA ILE C 130 -2.80 -4.71 -22.75
C ILE C 130 -4.21 -4.26 -23.14
N ILE C 131 -5.05 -5.22 -23.51
CA ILE C 131 -6.43 -4.97 -23.87
C ILE C 131 -7.30 -5.43 -22.71
N VAL C 132 -7.90 -4.48 -21.99
CA VAL C 132 -8.68 -4.77 -20.81
C VAL C 132 -10.17 -4.80 -21.15
N THR C 133 -10.50 -4.95 -22.43
CA THR C 133 -11.90 -4.93 -22.84
C THR C 133 -12.67 -6.09 -22.23
N HIS C 134 -12.06 -7.27 -22.15
CA HIS C 134 -12.70 -8.48 -21.66
C HIS C 134 -12.23 -8.89 -20.28
N PHE C 135 -11.59 -7.99 -19.54
CA PHE C 135 -11.08 -8.30 -18.20
C PHE C 135 -12.25 -8.69 -17.29
N PRO C 136 -12.12 -9.73 -16.45
CA PRO C 136 -10.98 -10.62 -16.18
C PRO C 136 -10.90 -11.84 -17.10
N PHE C 137 -11.68 -11.87 -18.19
CA PHE C 137 -11.66 -12.96 -19.16
C PHE C 137 -10.87 -12.59 -20.39
N ASP C 138 -9.79 -11.83 -20.21
CA ASP C 138 -9.05 -11.26 -21.33
C ASP C 138 -7.96 -12.21 -21.80
N GLU C 139 -7.65 -12.11 -23.08
CA GLU C 139 -6.53 -12.80 -23.71
C GLU C 139 -5.51 -11.75 -24.12
N GLN C 140 -4.24 -12.00 -23.83
CA GLN C 140 -3.17 -11.08 -24.16
C GLN C 140 -2.19 -11.75 -25.12
N ASN C 141 -1.54 -10.93 -25.93
CA ASN C 141 -0.48 -11.38 -26.85
C ASN C 141 0.70 -10.45 -26.63
N CYS C 142 1.72 -10.92 -25.93
CA CYS C 142 2.85 -10.10 -25.53
C CYS C 142 4.13 -10.63 -26.15
N SER C 143 4.97 -9.71 -26.62
CA SER C 143 6.11 -10.01 -27.48
C SER C 143 7.39 -9.51 -26.85
N MET C 144 8.50 -10.11 -27.32
CA MET C 144 9.86 -9.74 -26.94
C MET C 144 10.63 -9.64 -28.26
N LYS C 145 10.87 -8.40 -28.69
CA LYS C 145 11.71 -8.15 -29.86
C LYS C 145 13.18 -8.11 -29.45
N LEU C 146 14.00 -8.92 -30.09
CA LEU C 146 15.42 -9.02 -29.80
C LEU C 146 16.22 -8.73 -31.06
N GLY C 147 17.31 -7.96 -30.89
CA GLY C 147 18.16 -7.71 -32.05
C GLY C 147 19.50 -7.16 -31.64
N THR C 148 20.45 -7.24 -32.57
CA THR C 148 21.76 -6.65 -32.36
C THR C 148 21.64 -5.13 -32.44
N TRP C 149 21.99 -4.46 -31.36
CA TRP C 149 21.72 -3.02 -31.26
C TRP C 149 22.55 -2.21 -32.25
N THR C 150 23.84 -2.50 -32.34
CA THR C 150 24.78 -1.71 -33.13
C THR C 150 25.26 -2.41 -34.40
N TYR C 151 24.88 -3.67 -34.62
CA TYR C 151 25.24 -4.42 -35.81
C TYR C 151 24.00 -4.65 -36.66
N ASP C 152 24.12 -4.36 -37.95
CA ASP C 152 23.04 -4.62 -38.89
C ASP C 152 23.21 -6.00 -39.51
N GLY C 153 22.26 -6.40 -40.35
CA GLY C 153 22.27 -7.73 -40.92
C GLY C 153 23.42 -8.01 -41.85
N SER C 154 24.09 -6.98 -42.35
CA SER C 154 25.20 -7.18 -43.29
C SER C 154 26.51 -7.56 -42.58
N VAL C 155 26.60 -7.36 -41.26
CA VAL C 155 27.79 -7.70 -40.50
C VAL C 155 27.53 -8.78 -39.46
N VAL C 156 26.31 -8.88 -38.92
CA VAL C 156 25.92 -9.94 -38.00
C VAL C 156 24.54 -10.44 -38.41
N VAL C 157 24.44 -11.73 -38.68
CA VAL C 157 23.18 -12.38 -39.03
C VAL C 157 22.71 -13.17 -37.80
N ILE C 158 21.51 -12.85 -37.32
CA ILE C 158 20.87 -13.60 -36.24
C ILE C 158 19.81 -14.51 -36.84
N ASN C 159 19.79 -15.77 -36.39
CA ASN C 159 18.84 -16.77 -36.84
C ASN C 159 18.13 -17.36 -35.63
N PRO C 160 16.83 -17.68 -35.73
CA PRO C 160 16.19 -18.38 -34.61
C PRO C 160 16.64 -19.82 -34.52
N GLU C 161 16.87 -20.27 -33.29
CA GLU C 161 17.24 -21.67 -33.08
C GLU C 161 16.09 -22.60 -33.44
N SER C 162 14.86 -22.22 -33.10
CA SER C 162 13.68 -23.01 -33.42
C SER C 162 12.54 -22.05 -33.72
N ASP C 163 11.48 -22.59 -34.33
CA ASP C 163 10.31 -21.78 -34.62
C ASP C 163 9.62 -21.32 -33.34
N GLN C 164 9.74 -22.08 -32.26
CA GLN C 164 9.05 -21.85 -31.00
C GLN C 164 10.06 -21.58 -29.89
N PRO C 165 9.73 -20.73 -28.90
CA PRO C 165 10.61 -20.64 -27.73
C PRO C 165 10.51 -21.88 -26.87
N ASP C 166 11.59 -22.17 -26.15
CA ASP C 166 11.68 -23.39 -25.35
C ASP C 166 10.87 -23.22 -24.06
N LEU C 167 9.89 -24.10 -23.87
CA LEU C 167 9.05 -24.12 -22.67
C LEU C 167 9.25 -25.41 -21.88
N SER C 168 10.36 -26.12 -22.08
CA SER C 168 10.57 -27.39 -21.39
C SER C 168 10.82 -27.18 -19.91
N ASN C 169 11.55 -26.12 -19.55
CA ASN C 169 11.83 -25.78 -18.16
C ASN C 169 10.94 -24.65 -17.66
N PHE C 170 9.71 -24.57 -18.17
CA PHE C 170 8.79 -23.49 -17.81
C PHE C 170 8.01 -23.86 -16.56
N MET C 171 8.06 -23.00 -15.55
CA MET C 171 7.27 -23.18 -14.35
C MET C 171 5.84 -22.72 -14.60
N GLU C 172 4.88 -23.47 -14.07
CA GLU C 172 3.48 -23.16 -14.28
C GLU C 172 3.14 -21.83 -13.60
N SER C 173 2.49 -20.94 -14.34
CA SER C 173 2.19 -19.61 -13.83
C SER C 173 0.97 -19.64 -12.92
N GLY C 174 0.97 -18.75 -11.92
CA GLY C 174 -0.14 -18.68 -10.98
C GLY C 174 -1.40 -18.09 -11.56
N GLU C 175 -1.29 -17.20 -12.54
CA GLU C 175 -2.41 -16.39 -13.01
C GLU C 175 -2.72 -16.53 -14.49
N TRP C 176 -1.79 -17.05 -15.29
CA TRP C 176 -1.92 -17.09 -16.75
C TRP C 176 -1.64 -18.48 -17.27
N VAL C 177 -2.26 -18.80 -18.39
CA VAL C 177 -1.97 -20.00 -19.17
C VAL C 177 -1.50 -19.57 -20.55
N ILE C 178 -0.31 -20.00 -20.92
CA ILE C 178 0.25 -19.68 -22.24
C ILE C 178 -0.34 -20.68 -23.23
N LYS C 179 -1.24 -20.19 -24.09
CA LYS C 179 -1.86 -21.06 -25.09
C LYS C 179 -1.01 -21.21 -26.33
N GLU C 180 -0.38 -20.13 -26.81
CA GLU C 180 0.41 -20.18 -28.03
C GLU C 180 1.72 -19.43 -27.82
N SER C 181 2.75 -19.88 -28.54
CA SER C 181 4.05 -19.21 -28.49
C SER C 181 4.74 -19.43 -29.83
N ARG C 182 5.33 -18.40 -30.39
CA ARG C 182 6.11 -18.60 -31.63
C ARG C 182 7.16 -17.51 -31.72
N GLY C 183 8.13 -17.67 -32.60
CA GLY C 183 9.17 -16.70 -32.89
C GLY C 183 9.30 -16.43 -34.37
N TRP C 184 9.33 -15.16 -34.76
CA TRP C 184 9.41 -14.76 -36.16
C TRP C 184 10.61 -13.85 -36.38
N LYS C 185 11.38 -14.15 -37.42
CA LYS C 185 12.48 -13.29 -37.84
C LYS C 185 11.97 -12.29 -38.88
N HIS C 186 12.40 -11.05 -38.73
CA HIS C 186 11.96 -9.95 -39.59
C HIS C 186 13.18 -9.24 -40.18
N TRP C 187 13.14 -9.07 -41.51
CA TRP C 187 14.08 -8.23 -42.24
C TRP C 187 13.42 -6.88 -42.47
N VAL C 188 14.13 -5.80 -42.15
CA VAL C 188 13.63 -4.44 -42.33
C VAL C 188 14.62 -3.70 -43.22
N PHE C 189 14.12 -3.16 -44.32
CA PHE C 189 14.90 -2.37 -45.26
C PHE C 189 14.42 -0.93 -45.23
N TYR C 190 15.36 0.00 -45.33
CA TYR C 190 15.09 1.42 -45.36
C TYR C 190 15.36 1.98 -46.76
N ALA C 191 14.68 3.07 -47.12
CA ALA C 191 14.76 3.65 -48.48
C ALA C 191 16.16 4.19 -48.75
N CYS C 192 16.89 4.60 -47.72
CA CYS C 192 18.23 5.21 -47.86
C CYS C 192 19.27 4.15 -48.22
N CYS C 193 19.19 2.94 -47.65
CA CYS C 193 20.20 1.87 -47.84
C CYS C 193 19.52 0.57 -48.31
N PRO C 194 19.67 0.18 -49.60
CA PRO C 194 19.05 -1.03 -50.11
C PRO C 194 20.01 -2.23 -50.15
N SER C 195 21.09 -2.19 -49.38
CA SER C 195 22.12 -3.28 -49.36
C SER C 195 22.31 -3.80 -47.94
N THR C 196 21.78 -3.12 -46.94
CA THR C 196 21.98 -3.50 -45.51
C THR C 196 20.64 -3.77 -44.83
N PRO C 197 20.22 -5.03 -44.58
CA PRO C 197 19.00 -5.23 -43.80
C PRO C 197 19.23 -4.99 -42.31
N TYR C 198 18.13 -4.82 -41.60
CA TYR C 198 18.11 -4.78 -40.14
C TYR C 198 17.26 -5.95 -39.67
N LEU C 199 17.86 -6.84 -38.90
CA LEU C 199 17.23 -8.09 -38.50
C LEU C 199 16.72 -7.99 -37.08
N ASP C 200 15.56 -8.60 -36.83
CA ASP C 200 15.10 -8.80 -35.46
C ASP C 200 14.42 -10.15 -35.37
N ILE C 201 14.34 -10.68 -34.15
CA ILE C 201 13.57 -11.89 -33.86
C ILE C 201 12.60 -11.51 -32.76
N THR C 202 11.30 -11.64 -33.05
CA THR C 202 10.24 -11.33 -32.12
C THR C 202 9.60 -12.63 -31.65
N TYR C 203 9.70 -12.90 -30.35
CA TYR C 203 9.03 -14.04 -29.75
C TYR C 203 7.74 -13.55 -29.09
N HIS C 204 6.60 -14.03 -29.59
CA HIS C 204 5.31 -13.68 -29.03
C HIS C 204 4.72 -14.86 -28.27
N PHE C 205 3.95 -14.51 -27.23
CA PHE C 205 3.25 -15.46 -26.37
C PHE C 205 1.81 -15.00 -26.24
N VAL C 206 0.87 -15.86 -26.65
CA VAL C 206 -0.56 -15.62 -26.46
C VAL C 206 -1.00 -16.38 -25.23
N MET C 207 -1.51 -15.65 -24.24
CA MET C 207 -1.79 -16.13 -22.90
C MET C 207 -3.21 -15.75 -22.49
N GLN C 208 -3.78 -16.55 -21.61
CA GLN C 208 -5.14 -16.37 -21.11
C GLN C 208 -5.09 -16.23 -19.59
N ARG C 209 -5.81 -15.26 -19.06
CA ARG C 209 -5.89 -15.07 -17.61
C ARG C 209 -6.80 -16.13 -17.01
N LEU C 210 -6.41 -16.66 -15.86
CA LEU C 210 -7.32 -17.46 -15.05
C LEU C 210 -8.21 -16.53 -14.22
N PRO C 211 -9.52 -16.51 -14.43
CA PRO C 211 -10.34 -15.44 -13.81
C PRO C 211 -10.91 -15.74 -12.44
N LEU C 212 -10.49 -16.83 -11.78
CA LEU C 212 -11.15 -17.26 -10.55
C LEU C 212 -11.01 -16.21 -9.44
N TYR C 213 -9.84 -15.59 -9.33
CA TYR C 213 -9.61 -14.59 -8.28
C TYR C 213 -10.61 -13.45 -8.37
N PHE C 214 -10.79 -12.87 -9.55
CA PHE C 214 -11.71 -11.77 -9.74
C PHE C 214 -13.17 -12.20 -9.75
N ILE C 215 -13.45 -13.44 -10.14
CA ILE C 215 -14.82 -13.95 -10.01
C ILE C 215 -15.21 -14.03 -8.53
N VAL C 216 -14.32 -14.56 -7.70
CA VAL C 216 -14.65 -14.72 -6.29
C VAL C 216 -14.69 -13.39 -5.58
N ASN C 217 -13.72 -12.51 -5.85
CA ASN C 217 -13.50 -11.34 -5.00
C ASN C 217 -14.19 -10.08 -5.48
N VAL C 218 -14.72 -10.05 -6.72
CA VAL C 218 -15.35 -8.86 -7.28
C VAL C 218 -16.73 -9.16 -7.81
N ILE C 219 -16.86 -10.18 -8.66
CA ILE C 219 -18.12 -10.41 -9.37
C ILE C 219 -19.20 -10.90 -8.41
N ILE C 220 -18.86 -11.83 -7.52
CA ILE C 220 -19.89 -12.44 -6.65
C ILE C 220 -20.49 -11.42 -5.68
N PRO C 221 -19.72 -10.61 -4.96
CA PRO C 221 -20.36 -9.60 -4.11
C PRO C 221 -21.20 -8.60 -4.89
N CYS C 222 -20.78 -8.22 -6.10
CA CYS C 222 -21.60 -7.36 -6.94
C CYS C 222 -22.92 -8.04 -7.29
N LEU C 223 -22.87 -9.34 -7.58
CA LEU C 223 -24.08 -10.09 -7.86
C LEU C 223 -25.00 -10.12 -6.65
N LEU C 224 -24.43 -10.31 -5.46
CA LEU C 224 -25.24 -10.35 -4.25
C LEU C 224 -25.87 -9.00 -3.95
N PHE C 225 -25.13 -7.92 -4.16
CA PHE C 225 -25.71 -6.58 -3.99
C PHE C 225 -26.80 -6.32 -5.03
N SER C 226 -26.61 -6.78 -6.26
CA SER C 226 -27.65 -6.64 -7.27
C SER C 226 -28.90 -7.41 -6.88
N PHE C 227 -28.74 -8.60 -6.29
CA PHE C 227 -29.89 -9.34 -5.78
C PHE C 227 -30.57 -8.58 -4.64
N LEU C 228 -29.78 -8.00 -3.74
CA LEU C 228 -30.34 -7.24 -2.62
C LEU C 228 -31.08 -5.99 -3.10
N THR C 229 -30.72 -5.46 -4.27
CA THR C 229 -31.30 -4.20 -4.73
C THR C 229 -32.81 -4.31 -4.88
N GLY C 230 -33.30 -5.40 -5.45
CA GLY C 230 -34.73 -5.57 -5.66
C GLY C 230 -35.52 -6.06 -4.47
N LEU C 231 -34.86 -6.34 -3.34
CA LEU C 231 -35.56 -6.88 -2.18
C LEU C 231 -36.40 -5.83 -1.46
N VAL C 232 -36.07 -4.54 -1.60
CA VAL C 232 -36.78 -3.50 -0.89
C VAL C 232 -38.23 -3.37 -1.34
N PHE C 233 -38.56 -3.87 -2.53
CA PHE C 233 -39.92 -3.72 -3.06
C PHE C 233 -40.90 -4.72 -2.50
N TYR C 234 -40.43 -5.77 -1.81
CA TYR C 234 -41.29 -6.66 -1.04
C TYR C 234 -41.43 -6.23 0.42
N LEU C 235 -40.60 -5.32 0.89
CA LEU C 235 -40.67 -4.86 2.26
C LEU C 235 -41.78 -3.81 2.39
N PRO C 236 -42.78 -4.01 3.25
CA PRO C 236 -43.86 -3.02 3.34
C PRO C 236 -43.37 -1.67 3.87
N THR C 237 -44.08 -0.62 3.48
CA THR C 237 -43.72 0.72 3.92
C THR C 237 -44.04 0.94 5.40
N ASP C 238 -44.99 0.19 5.95
CA ASP C 238 -45.34 0.36 7.36
C ASP C 238 -44.26 -0.17 8.29
N SER C 239 -43.29 -0.93 7.78
CA SER C 239 -42.19 -1.39 8.62
C SER C 239 -41.27 -0.26 9.05
N GLY C 240 -41.23 0.83 8.28
CA GLY C 240 -40.30 1.90 8.58
C GLY C 240 -38.86 1.49 8.38
N GLU C 241 -38.58 0.67 7.37
CA GLU C 241 -37.24 0.15 7.13
C GLU C 241 -36.86 0.13 5.66
N LYS C 242 -37.70 0.65 4.76
CA LYS C 242 -37.37 0.64 3.34
C LYS C 242 -36.12 1.45 3.05
N MET C 243 -36.07 2.68 3.55
CA MET C 243 -34.94 3.54 3.29
C MET C 243 -33.68 3.02 3.96
N THR C 244 -33.81 2.44 5.16
CA THR C 244 -32.67 1.82 5.80
C THR C 244 -32.05 0.75 4.92
N LEU C 245 -32.89 -0.15 4.40
CA LEU C 245 -32.40 -1.23 3.55
C LEU C 245 -31.73 -0.69 2.29
N SER C 246 -32.40 0.21 1.57
CA SER C 246 -31.84 0.69 0.31
C SER C 246 -30.55 1.48 0.52
N ILE C 247 -30.56 2.40 1.49
CA ILE C 247 -29.39 3.24 1.72
C ILE C 247 -28.22 2.38 2.23
N SER C 248 -28.52 1.34 3.01
CA SER C 248 -27.44 0.47 3.49
C SER C 248 -26.87 -0.39 2.38
N VAL C 249 -27.70 -0.83 1.43
CA VAL C 249 -27.15 -1.51 0.25
C VAL C 249 -26.23 -0.57 -0.52
N LEU C 250 -26.64 0.70 -0.66
CA LEU C 250 -25.78 1.67 -1.33
C LEU C 250 -24.47 1.86 -0.58
N LEU C 251 -24.54 1.92 0.75
CA LEU C 251 -23.33 2.10 1.55
C LEU C 251 -22.40 0.91 1.43
N SER C 252 -22.95 -0.31 1.40
CA SER C 252 -22.13 -1.49 1.20
C SER C 252 -21.45 -1.46 -0.17
N LEU C 253 -22.19 -1.03 -1.20
CA LEU C 253 -21.60 -0.90 -2.52
C LEU C 253 -20.47 0.13 -2.53
N THR C 254 -20.69 1.26 -1.85
CA THR C 254 -19.67 2.30 -1.77
C THR C 254 -18.41 1.80 -1.06
N VAL C 255 -18.59 1.02 0.01
CA VAL C 255 -17.43 0.49 0.72
C VAL C 255 -16.72 -0.55 -0.15
N PHE C 256 -17.48 -1.35 -0.90
CA PHE C 256 -16.87 -2.32 -1.80
C PHE C 256 -16.12 -1.65 -2.95
N LEU C 257 -16.45 -0.39 -3.25
CA LEU C 257 -15.65 0.36 -4.22
C LEU C 257 -14.19 0.46 -3.78
N LEU C 258 -13.92 0.48 -2.47
CA LEU C 258 -12.54 0.45 -2.01
C LEU C 258 -11.85 -0.84 -2.42
N VAL C 259 -12.53 -1.98 -2.22
CA VAL C 259 -11.99 -3.27 -2.64
C VAL C 259 -11.67 -3.24 -4.13
N ILE C 260 -12.60 -2.71 -4.92
CA ILE C 260 -12.45 -2.75 -6.36
C ILE C 260 -11.34 -1.83 -6.84
N VAL C 261 -11.24 -0.62 -6.29
CA VAL C 261 -10.14 0.26 -6.66
C VAL C 261 -8.81 -0.34 -6.22
N GLU C 262 -8.81 -1.17 -5.17
CA GLU C 262 -7.58 -1.85 -4.77
C GLU C 262 -7.23 -2.98 -5.72
N LEU C 263 -8.22 -3.71 -6.24
CA LEU C 263 -7.99 -4.99 -6.88
C LEU C 263 -7.93 -4.94 -8.41
N ILE C 264 -8.41 -3.86 -9.03
CA ILE C 264 -8.66 -3.84 -10.48
C ILE C 264 -7.70 -2.81 -11.10
N PRO C 265 -7.11 -3.08 -12.27
CA PRO C 265 -6.12 -2.13 -12.79
C PRO C 265 -6.73 -0.79 -13.16
N SER C 266 -5.96 0.27 -12.94
CA SER C 266 -6.39 1.64 -13.20
C SER C 266 -5.90 2.08 -14.58
N THR C 267 -6.56 1.55 -15.60
CA THR C 267 -6.24 1.83 -16.99
C THR C 267 -7.43 2.52 -17.64
N SER C 268 -7.14 3.50 -18.51
CA SER C 268 -8.17 4.26 -19.22
C SER C 268 -8.22 3.94 -20.71
N SER C 269 -7.54 2.87 -21.15
CA SER C 269 -7.61 2.50 -22.56
C SER C 269 -8.99 1.98 -22.94
N ALA C 270 -9.66 1.30 -22.02
CA ALA C 270 -11.00 0.79 -22.25
C ALA C 270 -11.68 0.58 -20.92
N VAL C 271 -13.01 0.47 -20.95
CA VAL C 271 -13.78 0.16 -19.75
C VAL C 271 -13.75 -1.36 -19.58
N PRO C 272 -13.27 -1.90 -18.47
CA PRO C 272 -13.38 -3.36 -18.28
C PRO C 272 -14.82 -3.81 -18.19
N LEU C 273 -15.05 -5.04 -18.68
CA LEU C 273 -16.36 -5.68 -18.59
C LEU C 273 -16.85 -5.71 -17.15
N ILE C 274 -15.96 -6.09 -16.23
CA ILE C 274 -16.27 -6.07 -14.81
C ILE C 274 -16.59 -4.66 -14.33
N GLY C 275 -15.93 -3.65 -14.90
CA GLY C 275 -16.27 -2.27 -14.59
C GLY C 275 -17.65 -1.89 -15.09
N LYS C 276 -18.04 -2.40 -16.27
CA LYS C 276 -19.41 -2.19 -16.74
C LYS C 276 -20.41 -2.82 -15.78
N TYR C 277 -20.11 -4.02 -15.29
CA TYR C 277 -21.00 -4.65 -14.31
C TYR C 277 -21.10 -3.80 -13.04
N MET C 278 -19.96 -3.25 -12.60
CA MET C 278 -19.99 -2.37 -11.43
C MET C 278 -20.87 -1.16 -11.66
N LEU C 279 -20.68 -0.48 -12.77
CA LEU C 279 -21.48 0.74 -13.01
C LEU C 279 -22.95 0.39 -13.15
N PHE C 280 -23.26 -0.75 -13.78
CA PHE C 280 -24.65 -1.17 -13.88
C PHE C 280 -25.25 -1.40 -12.51
N THR C 281 -24.52 -2.08 -11.61
CA THR C 281 -25.04 -2.34 -10.27
C THR C 281 -25.23 -1.05 -9.49
N MET C 282 -24.27 -0.11 -9.62
CA MET C 282 -24.38 1.17 -8.94
C MET C 282 -25.62 1.93 -9.39
N VAL C 283 -25.82 2.04 -10.71
CA VAL C 283 -27.01 2.71 -11.24
C VAL C 283 -28.26 1.97 -10.81
N PHE C 284 -28.19 0.64 -10.71
CA PHE C 284 -29.35 -0.15 -10.30
C PHE C 284 -29.77 0.20 -8.89
N VAL C 285 -28.81 0.29 -7.97
CA VAL C 285 -29.11 0.64 -6.59
C VAL C 285 -29.66 2.07 -6.51
N ILE C 286 -29.07 3.00 -7.26
CA ILE C 286 -29.53 4.38 -7.20
C ILE C 286 -30.96 4.49 -7.72
N ALA C 287 -31.26 3.78 -8.82
CA ALA C 287 -32.63 3.76 -9.33
C ALA C 287 -33.58 3.16 -8.32
N SER C 288 -33.14 2.10 -7.63
CA SER C 288 -33.97 1.51 -6.57
C SER C 288 -34.29 2.54 -5.49
N ILE C 289 -33.30 3.34 -5.10
CA ILE C 289 -33.52 4.34 -4.06
C ILE C 289 -34.52 5.40 -4.54
N ILE C 290 -34.35 5.87 -5.77
CA ILE C 290 -35.26 6.89 -6.31
C ILE C 290 -36.69 6.35 -6.36
N ILE C 291 -36.84 5.14 -6.88
CA ILE C 291 -38.18 4.56 -7.02
C ILE C 291 -38.79 4.28 -5.66
N THR C 292 -37.97 3.89 -4.69
CA THR C 292 -38.47 3.68 -3.34
C THR C 292 -38.95 4.99 -2.72
N VAL C 293 -38.24 6.09 -2.95
CA VAL C 293 -38.72 7.39 -2.49
C VAL C 293 -40.07 7.70 -3.11
N ILE C 294 -40.23 7.40 -4.40
CA ILE C 294 -41.53 7.63 -5.06
C ILE C 294 -42.62 6.80 -4.41
N VAL C 295 -42.34 5.52 -4.15
CA VAL C 295 -43.34 4.64 -3.53
C VAL C 295 -43.71 5.15 -2.14
N ILE C 296 -42.71 5.52 -1.35
CA ILE C 296 -42.97 5.97 0.02
C ILE C 296 -43.75 7.27 0.00
N ASN C 297 -43.47 8.15 -0.95
CA ASN C 297 -44.25 9.37 -1.09
C ASN C 297 -45.70 9.05 -1.46
N THR C 298 -45.89 8.05 -2.31
CA THR C 298 -47.25 7.64 -2.68
C THR C 298 -48.00 7.09 -1.49
N HIS C 299 -47.30 6.39 -0.59
CA HIS C 299 -47.96 5.63 0.45
C HIS C 299 -48.54 6.53 1.55
N HIS C 300 -47.94 7.72 1.76
CA HIS C 300 -48.47 8.73 2.70
C HIS C 300 -49.22 9.88 2.01
N ARG C 301 -49.76 9.66 0.83
CA ARG C 301 -50.71 10.61 0.26
C ARG C 301 -52.05 10.47 0.95
N SER C 302 -52.63 11.60 1.34
CA SER C 302 -53.83 11.67 2.17
C SER C 302 -54.87 12.55 1.48
N PRO C 303 -56.16 12.37 1.82
CA PRO C 303 -57.17 13.26 1.24
C PRO C 303 -56.99 14.72 1.64
N SER C 304 -56.41 14.99 2.80
CA SER C 304 -56.22 16.37 3.23
C SER C 304 -55.21 17.10 2.37
N THR C 305 -54.28 16.37 1.74
CA THR C 305 -53.21 16.97 0.96
C THR C 305 -53.29 16.70 -0.54
N HIS C 306 -53.90 15.59 -0.95
CA HIS C 306 -53.88 15.19 -2.35
C HIS C 306 -55.25 14.63 -2.74
N VAL C 307 -55.57 14.74 -4.02
CA VAL C 307 -56.80 14.22 -4.60
C VAL C 307 -56.42 13.14 -5.59
N MET C 308 -57.03 11.97 -5.46
CA MET C 308 -56.61 10.81 -6.25
C MET C 308 -56.94 11.08 -7.72
N PRO C 309 -55.98 11.08 -8.64
CA PRO C 309 -56.32 11.25 -10.05
C PRO C 309 -57.09 10.05 -10.58
N GLU C 310 -57.89 10.32 -11.61
CA GLU C 310 -58.72 9.26 -12.19
C GLU C 310 -57.88 8.22 -12.92
N TRP C 311 -56.76 8.63 -13.52
CA TRP C 311 -55.92 7.67 -14.24
C TRP C 311 -55.22 6.72 -13.28
N VAL C 312 -54.83 7.20 -12.10
CA VAL C 312 -54.24 6.31 -11.11
C VAL C 312 -55.25 5.26 -10.67
N ARG C 313 -56.50 5.68 -10.44
CA ARG C 313 -57.54 4.74 -10.09
C ARG C 313 -57.84 3.77 -11.23
N LYS C 314 -57.77 4.25 -12.48
CA LYS C 314 -58.05 3.39 -13.61
C LYS C 314 -56.98 2.34 -13.80
N VAL C 315 -55.71 2.69 -13.56
CA VAL C 315 -54.60 1.78 -13.83
C VAL C 315 -54.34 0.89 -12.62
N PHE C 316 -53.98 1.50 -11.49
CA PHE C 316 -53.38 0.74 -10.39
C PHE C 316 -54.39 0.01 -9.53
N ILE C 317 -55.69 0.26 -9.67
CA ILE C 317 -56.72 -0.42 -8.90
C ILE C 317 -57.34 -1.57 -9.68
N ASP C 318 -57.77 -1.31 -10.93
CA ASP C 318 -58.54 -2.25 -11.72
C ASP C 318 -57.75 -2.92 -12.83
N THR C 319 -56.87 -2.18 -13.52
CA THR C 319 -56.26 -2.72 -14.72
C THR C 319 -55.22 -3.79 -14.39
N ILE C 320 -54.46 -3.57 -13.31
CA ILE C 320 -53.38 -4.50 -12.87
C ILE C 320 -53.87 -5.40 -11.74
N PRO C 321 -54.34 -4.91 -10.58
CA PRO C 321 -54.69 -5.78 -9.45
C PRO C 321 -55.74 -6.86 -9.78
N ASN C 322 -56.59 -6.63 -10.78
CA ASN C 322 -57.57 -7.67 -11.21
C ASN C 322 -56.75 -8.91 -11.56
N ILE C 323 -55.54 -8.72 -12.10
CA ILE C 323 -54.61 -9.84 -12.43
C ILE C 323 -54.13 -10.48 -11.14
N MET C 324 -53.82 -9.67 -10.11
CA MET C 324 -53.33 -10.16 -8.79
C MET C 324 -54.50 -10.71 -7.96
N PHE C 325 -54.26 -11.11 -6.71
CA PHE C 325 -55.31 -11.68 -5.81
C PHE C 325 -55.33 -10.92 -4.48
N PHE C 326 -56.07 -9.81 -4.38
CA PHE C 326 -56.20 -9.01 -3.14
C PHE C 326 -57.58 -8.33 -3.12
N SER C 327 -57.72 -7.14 -2.54
CA SER C 327 -59.00 -6.37 -2.49
C SER C 327 -58.77 -4.95 -3.03
N THR C 328 -59.53 -4.51 -4.03
CA THR C 328 -59.35 -3.19 -4.68
C THR C 328 -59.16 -2.10 -3.62
N MET C 329 -59.82 -2.20 -2.47
CA MET C 329 -59.68 -1.22 -1.35
C MET C 329 -59.00 0.05 -1.88
N PRO C 365 -90.67 11.85 28.65
CA PRO C 365 -91.30 13.16 28.46
C PRO C 365 -90.30 14.22 27.99
N LEU C 366 -90.74 15.47 27.90
CA LEU C 366 -89.88 16.56 27.43
C LEU C 366 -88.89 16.92 28.53
N ILE C 367 -87.63 16.52 28.35
CA ILE C 367 -86.57 16.78 29.31
C ILE C 367 -85.53 17.67 28.61
N LYS C 368 -86.00 18.56 27.73
CA LYS C 368 -85.10 19.52 27.11
C LYS C 368 -84.47 20.41 28.17
N HIS C 369 -83.13 20.42 28.19
CA HIS C 369 -82.37 21.08 29.25
C HIS C 369 -81.02 21.43 28.65
N PRO C 370 -80.35 22.49 29.14
CA PRO C 370 -79.05 22.87 28.52
C PRO C 370 -78.00 21.77 28.55
N GLU C 371 -78.03 20.87 29.54
CA GLU C 371 -77.09 19.76 29.63
C GLU C 371 -77.56 18.55 28.84
N VAL C 372 -78.85 18.21 28.92
CA VAL C 372 -79.36 17.06 28.19
C VAL C 372 -79.28 17.30 26.68
N LYS C 373 -79.70 18.47 26.23
CA LYS C 373 -79.61 18.80 24.81
C LYS C 373 -78.16 18.80 24.35
N SER C 374 -77.25 19.27 25.20
CA SER C 374 -75.83 19.22 24.89
C SER C 374 -75.37 17.77 24.72
N ALA C 375 -75.83 16.88 25.58
CA ALA C 375 -75.46 15.46 25.46
C ALA C 375 -75.99 14.86 24.16
N ILE C 376 -77.23 15.18 23.80
CA ILE C 376 -77.82 14.66 22.55
C ILE C 376 -76.98 15.13 21.36
N GLU C 377 -76.75 16.44 21.29
CA GLU C 377 -75.98 17.00 20.18
C GLU C 377 -74.56 16.47 20.17
N GLY C 378 -74.01 16.18 21.35
CA GLY C 378 -72.65 15.66 21.42
C GLY C 378 -72.55 14.24 20.93
N ILE C 379 -73.55 13.40 21.24
CA ILE C 379 -73.54 12.04 20.71
C ILE C 379 -73.64 12.08 19.19
N LYS C 380 -74.52 12.94 18.67
CA LYS C 380 -74.62 13.08 17.21
C LYS C 380 -73.29 13.56 16.62
N TYR C 381 -72.64 14.52 17.28
CA TYR C 381 -71.37 15.06 16.79
C TYR C 381 -70.30 13.99 16.78
N ILE C 382 -70.23 13.16 17.83
CA ILE C 382 -69.24 12.08 17.88
C ILE C 382 -69.47 11.11 16.73
N ALA C 383 -70.72 10.75 16.49
CA ALA C 383 -71.03 9.82 15.40
C ALA C 383 -70.60 10.39 14.06
N GLU C 384 -70.92 11.66 13.81
CA GLU C 384 -70.51 12.30 12.56
C GLU C 384 -68.98 12.36 12.46
N THR C 385 -68.31 12.63 13.58
CA THR C 385 -66.86 12.71 13.58
C THR C 385 -66.22 11.40 13.16
N MET C 386 -66.68 10.28 13.74
CA MET C 386 -66.05 9.02 13.36
C MET C 386 -66.50 8.56 11.98
N LYS C 387 -67.67 9.00 11.51
CA LYS C 387 -68.02 8.76 10.10
C LYS C 387 -67.01 9.43 9.17
N SER C 388 -66.69 10.70 9.45
CA SER C 388 -65.70 11.41 8.63
C SER C 388 -64.32 10.74 8.74
N ASP C 389 -63.98 10.28 9.94
CA ASP C 389 -62.70 9.59 10.12
C ASP C 389 -62.64 8.32 9.30
N GLN C 390 -63.74 7.57 9.26
CA GLN C 390 -63.79 6.35 8.43
C GLN C 390 -63.62 6.69 6.95
N GLU C 391 -64.27 7.77 6.50
CA GLU C 391 -64.12 8.17 5.10
C GLU C 391 -62.67 8.52 4.77
N SER C 392 -62.03 9.31 5.64
CA SER C 392 -60.64 9.66 5.41
C SER C 392 -59.72 8.44 5.46
N ASN C 393 -60.00 7.49 6.36
CA ASN C 393 -59.20 6.29 6.44
C ASN C 393 -59.31 5.47 5.15
N ASN C 394 -60.51 5.37 4.59
CA ASN C 394 -60.67 4.66 3.32
C ASN C 394 -59.91 5.38 2.21
N ALA C 395 -59.98 6.71 2.19
CA ALA C 395 -59.25 7.47 1.17
C ALA C 395 -57.74 7.24 1.27
N ALA C 396 -57.21 7.13 2.50
CA ALA C 396 -55.78 6.84 2.66
C ALA C 396 -55.46 5.40 2.24
N GLU C 397 -56.35 4.46 2.56
CA GLU C 397 -56.12 3.06 2.20
C GLU C 397 -56.07 2.89 0.69
N GLU C 398 -56.79 3.73 -0.07
CA GLU C 398 -56.70 3.67 -1.52
C GLU C 398 -55.27 3.93 -1.99
N TRP C 399 -54.65 5.01 -1.50
CA TRP C 399 -53.26 5.30 -1.85
C TRP C 399 -52.32 4.20 -1.38
N LYS C 400 -52.61 3.63 -0.21
CA LYS C 400 -51.76 2.55 0.29
C LYS C 400 -51.80 1.34 -0.65
N TYR C 401 -53.00 1.00 -1.13
CA TYR C 401 -53.15 -0.09 -2.09
C TYR C 401 -52.40 0.20 -3.39
N VAL C 402 -52.46 1.46 -3.85
CA VAL C 402 -51.72 1.84 -5.05
C VAL C 402 -50.22 1.62 -4.85
N ALA C 403 -49.70 2.04 -3.70
CA ALA C 403 -48.28 1.86 -3.41
C ALA C 403 -47.91 0.38 -3.38
N MET C 404 -48.79 -0.45 -2.80
CA MET C 404 -48.55 -1.89 -2.75
C MET C 404 -48.48 -2.50 -4.15
N VAL C 405 -49.38 -2.07 -5.05
CA VAL C 405 -49.37 -2.59 -6.41
C VAL C 405 -48.09 -2.19 -7.13
N MET C 406 -47.68 -0.93 -7.00
CA MET C 406 -46.41 -0.51 -7.61
C MET C 406 -45.25 -1.31 -7.05
N ASP C 407 -45.27 -1.60 -5.75
CA ASP C 407 -44.21 -2.39 -5.14
C ASP C 407 -44.12 -3.77 -5.77
N HIS C 408 -45.28 -4.41 -5.99
CA HIS C 408 -45.25 -5.73 -6.63
C HIS C 408 -44.69 -5.67 -8.05
N ILE C 409 -45.19 -4.73 -8.86
CA ILE C 409 -44.76 -4.65 -10.26
C ILE C 409 -43.27 -4.41 -10.33
N LEU C 410 -42.77 -3.49 -9.50
CA LEU C 410 -41.37 -3.12 -9.57
C LEU C 410 -40.46 -4.11 -8.89
N LEU C 411 -40.95 -4.92 -7.95
CA LEU C 411 -40.22 -6.10 -7.51
C LEU C 411 -39.95 -7.02 -8.69
N ALA C 412 -41.00 -7.33 -9.45
CA ALA C 412 -40.83 -8.20 -10.62
C ALA C 412 -39.85 -7.59 -11.62
N VAL C 413 -40.02 -6.30 -11.92
CA VAL C 413 -39.16 -5.63 -12.89
C VAL C 413 -37.71 -5.63 -12.43
N PHE C 414 -37.46 -5.37 -11.14
CA PHE C 414 -36.09 -5.26 -10.68
C PHE C 414 -35.40 -6.62 -10.68
N MET C 415 -36.11 -7.68 -10.28
CA MET C 415 -35.50 -9.00 -10.36
C MET C 415 -35.19 -9.38 -11.82
N LEU C 416 -36.14 -9.08 -12.73
CA LEU C 416 -35.94 -9.41 -14.13
C LEU C 416 -34.74 -8.65 -14.70
N VAL C 417 -34.63 -7.36 -14.39
CA VAL C 417 -33.52 -6.56 -14.90
C VAL C 417 -32.20 -6.96 -14.26
N CYS C 418 -32.22 -7.40 -12.99
CA CYS C 418 -31.01 -7.93 -12.39
C CYS C 418 -30.48 -9.12 -13.17
N ILE C 419 -31.39 -10.07 -13.49
CA ILE C 419 -30.97 -11.25 -14.24
C ILE C 419 -30.48 -10.85 -15.64
N ILE C 420 -31.24 -9.99 -16.32
CA ILE C 420 -30.91 -9.64 -17.70
C ILE C 420 -29.60 -8.87 -17.76
N GLY C 421 -29.36 -7.96 -16.81
CA GLY C 421 -28.13 -7.21 -16.81
C GLY C 421 -26.93 -8.00 -16.35
N THR C 422 -27.14 -9.04 -15.53
CA THR C 422 -26.05 -9.97 -15.27
C THR C 422 -25.67 -10.70 -16.55
N LEU C 423 -26.65 -11.12 -17.35
CA LEU C 423 -26.33 -11.85 -18.57
C LEU C 423 -25.73 -10.93 -19.64
N ALA C 424 -26.26 -9.72 -19.79
CA ALA C 424 -25.87 -8.86 -20.90
C ALA C 424 -24.43 -8.38 -20.80
N VAL C 425 -23.87 -8.31 -19.60
CA VAL C 425 -22.49 -7.88 -19.43
C VAL C 425 -21.52 -9.04 -19.65
N PHE C 426 -21.91 -10.25 -19.26
CA PHE C 426 -21.00 -11.38 -19.19
C PHE C 426 -21.19 -12.40 -20.31
N ALA C 427 -22.42 -12.57 -20.80
CA ALA C 427 -22.73 -13.74 -21.62
C ALA C 427 -21.94 -13.79 -22.91
N GLY C 428 -21.65 -12.63 -23.51
CA GLY C 428 -20.93 -12.61 -24.77
C GLY C 428 -19.58 -13.28 -24.73
N ARG C 429 -18.70 -12.80 -23.84
CA ARG C 429 -17.37 -13.39 -23.71
C ARG C 429 -17.43 -14.82 -23.21
N LEU C 430 -18.36 -15.14 -22.32
CA LEU C 430 -18.44 -16.51 -21.81
C LEU C 430 -18.83 -17.50 -22.91
N ILE C 431 -19.82 -17.14 -23.74
CA ILE C 431 -20.16 -18.01 -24.85
C ILE C 431 -19.04 -18.04 -25.88
N GLU C 432 -18.32 -16.94 -26.06
CA GLU C 432 -17.15 -16.98 -26.95
C GLU C 432 -16.11 -17.96 -26.44
N LEU C 433 -15.86 -17.96 -25.13
CA LEU C 433 -14.88 -18.88 -24.55
C LEU C 433 -15.34 -20.33 -24.68
N ASN C 434 -16.61 -20.59 -24.38
CA ASN C 434 -17.11 -21.96 -24.46
C ASN C 434 -17.12 -22.45 -25.91
N GLN C 435 -17.39 -21.55 -26.85
CA GLN C 435 -17.35 -21.89 -28.27
C GLN C 435 -15.93 -21.74 -28.81
N GLN C 436 -14.98 -22.48 -28.23
CA GLN C 436 -13.58 -22.42 -28.63
C GLN C 436 -13.19 -23.68 -29.41
N LEU D 1 38.43 -10.42 -40.15
CA LEU D 1 39.09 -9.69 -39.04
C LEU D 1 40.23 -8.79 -39.53
N ASN D 2 40.79 -9.11 -40.70
CA ASN D 2 42.10 -8.58 -41.07
C ASN D 2 42.07 -7.06 -41.19
N GLU D 3 41.15 -6.53 -41.99
CA GLU D 3 41.10 -5.08 -42.15
C GLU D 3 40.51 -4.39 -40.92
N GLU D 4 39.57 -5.04 -40.23
CA GLU D 4 39.03 -4.46 -39.01
C GLU D 4 40.10 -4.33 -37.94
N GLU D 5 40.86 -5.40 -37.71
CA GLU D 5 41.94 -5.37 -36.72
C GLU D 5 43.04 -4.42 -37.15
N ARG D 6 43.36 -4.40 -38.45
CA ARG D 6 44.36 -3.47 -38.96
C ARG D 6 43.95 -2.02 -38.71
N LEU D 7 42.68 -1.70 -38.96
CA LEU D 7 42.21 -0.33 -38.75
C LEU D 7 42.20 0.03 -37.27
N ILE D 8 41.81 -0.90 -36.41
CA ILE D 8 41.83 -0.60 -34.97
C ILE D 8 43.26 -0.36 -34.50
N ARG D 9 44.20 -1.16 -35.00
CA ARG D 9 45.62 -1.06 -34.62
C ARG D 9 46.20 0.23 -35.20
N HIS D 10 45.71 0.71 -36.33
CA HIS D 10 46.16 1.97 -36.93
C HIS D 10 45.63 3.17 -36.16
N LEU D 11 44.35 3.14 -35.78
CA LEU D 11 43.74 4.28 -35.12
C LEU D 11 44.16 4.42 -33.66
N PHE D 12 44.29 3.30 -32.94
CA PHE D 12 44.44 3.34 -31.48
C PHE D 12 45.83 3.00 -30.97
N GLU D 13 46.64 2.27 -31.74
CA GLU D 13 48.00 1.94 -31.35
C GLU D 13 49.04 2.73 -32.13
N GLU D 14 48.93 2.75 -33.46
CA GLU D 14 49.89 3.48 -34.27
C GLU D 14 49.74 4.98 -34.07
N LYS D 15 48.50 5.47 -34.04
CA LYS D 15 48.22 6.89 -33.86
C LYS D 15 48.16 7.32 -32.40
N ALA D 16 48.13 6.38 -31.45
CA ALA D 16 48.15 6.67 -30.01
C ALA D 16 46.96 7.54 -29.62
N TYR D 17 45.77 6.99 -29.82
CA TYR D 17 44.55 7.71 -29.48
C TYR D 17 44.46 7.93 -27.97
N ASN D 18 43.99 9.13 -27.59
CA ASN D 18 43.82 9.51 -26.19
C ASN D 18 42.37 9.91 -25.98
N LYS D 19 41.61 9.06 -25.29
CA LYS D 19 40.19 9.33 -25.04
C LYS D 19 39.98 10.48 -24.06
N GLU D 20 40.99 10.86 -23.27
CA GLU D 20 40.83 11.93 -22.31
C GLU D 20 40.86 13.32 -22.95
N LEU D 21 41.32 13.43 -24.19
CA LEU D 21 41.45 14.71 -24.88
C LEU D 21 40.28 14.93 -25.82
N ARG D 22 39.79 16.16 -25.86
CA ARG D 22 38.71 16.51 -26.76
C ARG D 22 39.20 16.44 -28.22
N PRO D 23 38.31 16.13 -29.18
CA PRO D 23 38.72 16.19 -30.60
C PRO D 23 38.60 17.59 -31.18
N ALA D 24 39.38 18.52 -30.64
CA ALA D 24 39.33 19.90 -31.08
C ALA D 24 40.56 20.64 -30.59
N ALA D 25 40.77 21.83 -31.15
CA ALA D 25 41.77 22.73 -30.61
C ALA D 25 41.33 23.23 -29.24
N HIS D 26 42.27 23.79 -28.49
CA HIS D 26 41.99 24.13 -27.10
C HIS D 26 40.94 25.24 -26.99
N LYS D 27 40.92 26.16 -27.94
CA LYS D 27 39.96 27.26 -27.96
C LYS D 27 38.70 26.95 -28.75
N GLU D 28 38.61 25.77 -29.36
CA GLU D 28 37.51 25.41 -30.24
C GLU D 28 36.52 24.52 -29.49
N SER D 29 35.27 24.57 -29.91
CA SER D 29 34.18 23.78 -29.35
C SER D 29 33.81 22.64 -30.29
N VAL D 30 33.42 21.52 -29.70
CA VAL D 30 32.99 20.34 -30.44
C VAL D 30 31.48 20.38 -30.58
N GLU D 31 30.99 20.24 -31.80
CA GLU D 31 29.56 20.30 -32.07
C GLU D 31 28.94 18.92 -31.84
N ILE D 32 28.05 18.81 -30.86
CA ILE D 32 27.31 17.59 -30.57
C ILE D 32 25.88 17.78 -31.05
N SER D 33 25.43 16.90 -31.93
CA SER D 33 24.05 16.89 -32.41
C SER D 33 23.26 15.85 -31.61
N LEU D 34 22.11 16.26 -31.08
CA LEU D 34 21.28 15.42 -30.22
C LEU D 34 19.90 15.23 -30.83
N ALA D 35 19.41 13.99 -30.77
CA ALA D 35 18.03 13.66 -31.04
C ALA D 35 17.55 12.68 -29.98
N LEU D 36 16.23 12.59 -29.83
CA LEU D 36 15.61 11.72 -28.83
C LEU D 36 14.51 10.91 -29.49
N THR D 37 14.51 9.61 -29.22
CA THR D 37 13.44 8.71 -29.63
C THR D 37 12.75 8.19 -28.38
N LEU D 38 11.43 8.39 -28.30
CA LEU D 38 10.65 7.90 -27.16
C LEU D 38 10.19 6.49 -27.49
N SER D 39 10.86 5.49 -26.91
CA SER D 39 10.46 4.11 -27.15
C SER D 39 9.10 3.84 -26.54
N ASN D 40 8.91 4.19 -25.27
CA ASN D 40 7.62 4.03 -24.62
C ASN D 40 7.57 4.90 -23.37
N LEU D 41 6.37 5.35 -23.04
CA LEU D 41 6.11 6.15 -21.85
C LEU D 41 5.59 5.23 -20.76
N ILE D 42 6.40 5.02 -19.71
CA ILE D 42 6.06 4.03 -18.69
C ILE D 42 4.98 4.57 -17.76
N SER D 43 5.26 5.68 -17.08
CA SER D 43 4.32 6.18 -16.09
C SER D 43 4.62 7.63 -15.76
N LEU D 44 3.61 8.30 -15.21
CA LEU D 44 3.77 9.57 -14.52
C LEU D 44 3.13 9.39 -13.14
N LYS D 45 3.98 9.17 -12.13
CA LYS D 45 3.51 9.02 -10.76
C LYS D 45 3.21 10.39 -10.17
N GLU D 46 1.93 10.61 -9.84
CA GLU D 46 1.50 11.94 -9.40
C GLU D 46 1.99 12.24 -7.98
N VAL D 47 1.84 11.29 -7.07
CA VAL D 47 2.21 11.54 -5.68
C VAL D 47 3.71 11.73 -5.55
N GLU D 48 4.48 10.88 -6.21
CA GLU D 48 5.93 10.99 -6.24
C GLU D 48 6.43 11.96 -7.30
N GLU D 49 5.54 12.53 -8.12
CA GLU D 49 5.88 13.66 -8.98
C GLU D 49 6.92 13.30 -10.03
N THR D 50 6.90 12.05 -10.51
CA THR D 50 8.01 11.48 -11.27
C THR D 50 7.53 10.95 -12.61
N LEU D 51 8.20 11.38 -13.68
CA LEU D 51 7.98 10.85 -15.02
C LEU D 51 9.02 9.77 -15.28
N THR D 52 8.59 8.60 -15.73
CA THR D 52 9.47 7.50 -16.10
C THR D 52 9.38 7.28 -17.60
N THR D 53 10.52 7.33 -18.29
CA THR D 53 10.57 7.21 -19.75
C THR D 53 11.66 6.24 -20.18
N ASN D 54 11.38 5.56 -21.30
CA ASN D 54 12.37 4.81 -22.06
C ASN D 54 12.70 5.62 -23.31
N VAL D 55 13.93 6.14 -23.37
CA VAL D 55 14.33 7.03 -24.45
C VAL D 55 15.68 6.59 -25.01
N TRP D 56 15.79 6.57 -26.33
CA TRP D 56 17.03 6.29 -27.03
C TRP D 56 17.58 7.63 -27.49
N ILE D 57 18.72 8.03 -26.94
CA ILE D 57 19.30 9.34 -27.24
C ILE D 57 20.37 9.15 -28.30
N GLU D 58 20.26 9.90 -29.39
CA GLU D 58 21.16 9.80 -30.54
C GLU D 58 22.11 10.97 -30.49
N GLN D 59 23.40 10.68 -30.39
CA GLN D 59 24.47 11.66 -30.29
C GLN D 59 25.38 11.53 -31.51
N GLY D 60 25.68 12.66 -32.14
CA GLY D 60 26.55 12.68 -33.30
C GLY D 60 27.64 13.74 -33.17
N TRP D 61 28.88 13.38 -33.48
CA TRP D 61 29.95 14.38 -33.45
C TRP D 61 31.12 13.89 -34.28
N THR D 62 31.88 14.83 -34.82
CA THR D 62 33.04 14.50 -35.64
C THR D 62 34.30 14.43 -34.78
N ASP D 63 34.99 13.31 -34.86
CA ASP D 63 36.28 13.10 -34.21
C ASP D 63 37.34 12.96 -35.29
N SER D 64 38.16 13.99 -35.47
CA SER D 64 39.11 14.02 -36.58
C SER D 64 40.25 13.03 -36.40
N ARG D 65 40.46 12.51 -35.19
CA ARG D 65 41.48 11.48 -35.01
C ARG D 65 41.02 10.12 -35.51
N LEU D 66 39.72 9.85 -35.45
CA LEU D 66 39.17 8.54 -35.81
C LEU D 66 38.69 8.53 -37.25
N GLN D 67 39.62 8.82 -38.17
CA GLN D 67 39.31 8.85 -39.60
C GLN D 67 40.37 8.07 -40.36
N TRP D 68 39.95 7.53 -41.51
CA TRP D 68 40.82 6.75 -42.36
C TRP D 68 40.32 6.86 -43.78
N ASP D 69 41.19 6.54 -44.73
CA ASP D 69 40.79 6.38 -46.12
C ASP D 69 40.46 4.91 -46.36
N ALA D 70 39.27 4.66 -46.89
CA ALA D 70 38.76 3.29 -46.98
C ALA D 70 39.61 2.43 -47.93
N GLU D 71 40.33 3.04 -48.86
CA GLU D 71 41.07 2.25 -49.85
C GLU D 71 42.32 1.61 -49.28
N ASP D 72 42.84 2.09 -48.15
CA ASP D 72 43.99 1.47 -47.50
C ASP D 72 43.59 0.40 -46.48
N PHE D 73 42.29 0.10 -46.34
CA PHE D 73 41.83 -0.89 -45.39
C PHE D 73 40.71 -1.73 -46.01
N GLY D 74 40.90 -2.11 -47.27
CA GLY D 74 39.96 -3.01 -47.93
C GLY D 74 38.57 -2.46 -48.11
N ASN D 75 38.45 -1.16 -48.35
CA ASN D 75 37.16 -0.51 -48.59
C ASN D 75 36.21 -0.70 -47.40
N ILE D 76 36.76 -0.67 -46.19
CA ILE D 76 35.93 -0.72 -44.99
C ILE D 76 35.35 0.68 -44.73
N SER D 77 34.03 0.73 -44.57
CA SER D 77 33.30 1.99 -44.51
C SER D 77 32.60 2.24 -43.17
N VAL D 78 32.76 1.35 -42.20
CA VAL D 78 32.13 1.52 -40.89
C VAL D 78 32.87 0.65 -39.90
N LEU D 79 32.96 1.12 -38.67
CA LEU D 79 33.58 0.36 -37.59
C LEU D 79 32.76 0.52 -36.31
N ARG D 80 32.59 -0.58 -35.59
CA ARG D 80 31.89 -0.58 -34.30
C ARG D 80 32.93 -0.73 -33.20
N LEU D 81 32.92 0.19 -32.25
CA LEU D 81 33.88 0.23 -31.16
C LEU D 81 33.15 0.34 -29.83
N PRO D 82 33.72 -0.18 -28.73
CA PRO D 82 33.13 0.11 -27.42
C PRO D 82 33.17 1.60 -27.12
N ALA D 83 32.14 2.06 -26.41
CA ALA D 83 32.08 3.45 -26.00
C ALA D 83 33.19 3.83 -25.01
N ASP D 84 33.78 2.85 -24.33
CA ASP D 84 34.85 3.15 -23.37
C ASP D 84 36.19 3.38 -24.06
N MET D 85 36.29 3.16 -25.36
CA MET D 85 37.54 3.38 -26.09
C MET D 85 37.66 4.77 -26.71
N VAL D 86 36.55 5.50 -26.86
CA VAL D 86 36.54 6.79 -27.55
C VAL D 86 36.22 7.89 -26.56
N TRP D 87 36.51 9.12 -26.97
CA TRP D 87 36.07 10.29 -26.23
C TRP D 87 34.56 10.46 -26.39
N LEU D 88 33.90 10.78 -25.29
CA LEU D 88 32.46 10.99 -25.25
C LEU D 88 32.16 12.39 -24.72
N PRO D 89 31.12 13.07 -25.23
CA PRO D 89 30.72 14.34 -24.58
C PRO D 89 30.11 14.14 -23.21
N GLU D 90 29.67 12.92 -22.87
CA GLU D 90 29.07 12.63 -21.57
C GLU D 90 27.81 13.46 -21.35
N ILE D 91 26.84 13.23 -22.23
CA ILE D 91 25.53 13.87 -22.12
C ILE D 91 24.71 13.11 -21.10
N VAL D 92 24.14 13.84 -20.15
CA VAL D 92 23.36 13.27 -19.05
C VAL D 92 22.04 14.04 -18.95
N LEU D 93 21.07 13.38 -18.31
CA LEU D 93 19.81 14.01 -17.97
C LEU D 93 19.99 14.80 -16.69
N GLU D 94 20.01 16.13 -16.81
CA GLU D 94 20.08 16.98 -15.62
C GLU D 94 18.77 17.02 -14.84
N ASN D 95 17.66 16.64 -15.47
CA ASN D 95 16.34 16.75 -14.87
C ASN D 95 15.97 15.56 -14.01
N ASN D 96 16.88 14.59 -13.82
CA ASN D 96 16.56 13.39 -13.05
C ASN D 96 16.31 13.75 -11.59
N ASN D 97 15.47 12.93 -10.95
CA ASN D 97 15.11 13.11 -9.54
C ASN D 97 15.47 11.90 -8.68
N ASP D 98 16.10 10.88 -9.25
CA ASP D 98 16.52 9.69 -8.53
C ASP D 98 18.03 9.52 -8.49
N GLY D 99 18.79 10.42 -9.08
CA GLY D 99 20.24 10.33 -9.11
C GLY D 99 20.83 9.57 -10.28
N SER D 100 19.99 9.02 -11.16
CA SER D 100 20.48 8.29 -12.34
C SER D 100 20.67 9.31 -13.46
N PHE D 101 21.84 9.96 -13.45
CA PHE D 101 22.15 10.94 -14.49
C PHE D 101 22.39 10.28 -15.84
N GLN D 102 22.99 9.09 -15.84
CA GLN D 102 23.60 8.54 -17.05
C GLN D 102 22.64 7.64 -17.82
N ILE D 103 23.01 7.39 -19.08
CA ILE D 103 22.31 6.42 -19.90
C ILE D 103 22.42 5.03 -19.28
N SER D 104 21.51 4.15 -19.67
CA SER D 104 21.44 2.82 -19.07
C SER D 104 22.45 1.86 -19.68
N TYR D 105 22.35 1.63 -20.99
CA TYR D 105 23.20 0.69 -21.71
C TYR D 105 24.24 1.45 -22.53
N SER D 106 25.52 1.23 -22.20
CA SER D 106 26.62 1.87 -22.91
C SER D 106 26.99 0.98 -24.08
N CYS D 107 26.35 1.22 -25.22
CA CYS D 107 26.49 0.38 -26.40
C CYS D 107 27.74 0.79 -27.18
N ASN D 108 27.93 0.18 -28.34
CA ASN D 108 29.04 0.54 -29.21
C ASN D 108 28.75 1.84 -29.96
N VAL D 109 29.82 2.58 -30.22
CA VAL D 109 29.79 3.69 -31.17
C VAL D 109 30.06 3.15 -32.56
N LEU D 110 29.52 3.84 -33.56
CA LEU D 110 29.83 3.60 -34.97
C LEU D 110 30.65 4.76 -35.48
N ILE D 111 31.83 4.47 -36.03
CA ILE D 111 32.69 5.48 -36.63
C ILE D 111 32.78 5.19 -38.12
N TYR D 112 33.02 6.25 -38.89
CA TYR D 112 32.98 6.26 -40.34
C TYR D 112 34.27 6.89 -40.86
N PRO D 113 34.61 6.68 -42.14
CA PRO D 113 35.87 7.24 -42.66
C PRO D 113 35.96 8.74 -42.57
N SER D 114 34.84 9.46 -42.56
CA SER D 114 34.87 10.91 -42.43
C SER D 114 35.26 11.38 -41.04
N GLY D 115 35.34 10.48 -40.06
CA GLY D 115 35.57 10.84 -38.68
C GLY D 115 34.31 11.05 -37.87
N SER D 116 33.13 10.92 -38.48
CA SER D 116 31.89 11.07 -37.74
C SER D 116 31.69 9.89 -36.79
N VAL D 117 31.17 10.19 -35.60
CA VAL D 117 30.89 9.22 -34.56
C VAL D 117 29.40 9.31 -34.29
N TYR D 118 28.73 8.17 -34.37
CA TYR D 118 27.31 7.99 -34.11
C TYR D 118 27.16 7.11 -32.89
N TRP D 119 26.31 7.51 -31.96
CA TRP D 119 26.10 6.75 -30.73
C TRP D 119 24.63 6.83 -30.35
N LEU D 120 23.99 5.67 -30.16
CA LEU D 120 22.57 5.59 -29.82
C LEU D 120 22.41 4.77 -28.54
N PRO D 121 22.81 5.32 -27.40
CA PRO D 121 22.55 4.64 -26.14
C PRO D 121 21.08 4.71 -25.78
N PRO D 122 20.47 3.59 -25.39
CA PRO D 122 19.16 3.65 -24.76
C PRO D 122 19.27 3.93 -23.28
N ALA D 123 18.19 4.46 -22.71
CA ALA D 123 18.20 4.87 -21.32
C ALA D 123 16.80 4.78 -20.75
N ILE D 124 16.74 4.51 -19.46
CA ILE D 124 15.52 4.57 -18.67
C ILE D 124 15.73 5.68 -17.64
N PHE D 125 14.87 6.69 -17.69
CA PHE D 125 15.07 7.92 -16.94
C PHE D 125 13.87 8.19 -16.05
N ARG D 126 14.15 8.59 -14.81
CA ARG D 126 13.14 9.08 -13.87
C ARG D 126 13.43 10.55 -13.61
N SER D 127 12.54 11.42 -14.09
CA SER D 127 12.71 12.87 -14.03
C SER D 127 11.59 13.49 -13.20
N SER D 128 11.82 14.73 -12.78
CA SER D 128 10.85 15.48 -11.98
C SER D 128 9.90 16.21 -12.92
N CYS D 129 8.63 15.82 -12.88
CA CYS D 129 7.56 16.53 -13.59
C CYS D 129 6.60 17.12 -12.56
N PRO D 130 6.63 18.44 -12.29
CA PRO D 130 5.64 19.00 -11.37
C PRO D 130 4.22 18.83 -11.92
N ILE D 131 3.30 18.50 -11.01
CA ILE D 131 1.94 18.11 -11.36
C ILE D 131 1.01 19.28 -11.04
N SER D 132 0.21 19.68 -12.02
CA SER D 132 -0.89 20.62 -11.82
C SER D 132 -2.15 19.81 -11.63
N VAL D 133 -2.79 19.96 -10.46
CA VAL D 133 -3.94 19.15 -10.08
C VAL D 133 -5.25 19.91 -10.24
N THR D 134 -5.22 21.10 -10.86
CA THR D 134 -6.37 21.99 -10.82
C THR D 134 -7.61 21.37 -11.48
N TYR D 135 -7.42 20.70 -12.62
CA TYR D 135 -8.51 20.16 -13.41
C TYR D 135 -8.59 18.63 -13.35
N PHE D 136 -8.03 18.04 -12.30
CA PHE D 136 -8.02 16.59 -12.19
C PHE D 136 -9.45 16.05 -12.07
N PRO D 137 -9.80 14.96 -12.76
CA PRO D 137 -9.02 14.08 -13.64
C PRO D 137 -9.07 14.50 -15.12
N PHE D 138 -9.34 15.76 -15.42
CA PHE D 138 -9.36 16.29 -16.78
C PHE D 138 -8.17 17.21 -17.02
N ASP D 139 -7.02 16.85 -16.45
CA ASP D 139 -5.83 17.68 -16.43
C ASP D 139 -4.85 17.23 -17.51
N TRP D 140 -3.96 18.15 -17.87
CA TRP D 140 -2.83 17.87 -18.75
C TRP D 140 -1.56 18.37 -18.08
N GLN D 141 -0.47 17.65 -18.30
CA GLN D 141 0.80 17.91 -17.65
C GLN D 141 1.86 18.25 -18.70
N ASN D 142 2.84 19.05 -18.28
CA ASN D 142 3.95 19.50 -19.12
C ASN D 142 5.25 19.04 -18.48
N CYS D 143 5.78 17.90 -18.92
CA CYS D 143 7.03 17.36 -18.44
C CYS D 143 8.15 17.68 -19.42
N SER D 144 9.39 17.63 -18.93
CA SER D 144 10.55 17.93 -19.75
C SER D 144 11.69 17.00 -19.40
N LEU D 145 12.53 16.73 -20.41
CA LEU D 145 13.77 15.98 -20.27
C LEU D 145 14.90 16.91 -20.71
N LYS D 146 15.73 17.31 -19.76
CA LYS D 146 16.76 18.33 -19.97
C LYS D 146 18.11 17.64 -20.03
N PHE D 147 18.74 17.67 -21.20
CA PHE D 147 20.00 16.97 -21.46
C PHE D 147 21.12 17.99 -21.58
N SER D 148 22.23 17.72 -20.89
CA SER D 148 23.38 18.62 -20.93
C SER D 148 24.60 17.82 -20.50
N SER D 149 25.76 18.46 -20.56
CA SER D 149 27.03 17.88 -20.12
C SER D 149 27.48 18.59 -18.86
N LEU D 150 27.65 17.84 -17.78
CA LEU D 150 28.23 18.37 -16.55
C LEU D 150 29.75 18.31 -16.54
N LYS D 151 30.36 17.65 -17.53
CA LYS D 151 31.82 17.55 -17.62
C LYS D 151 32.42 18.65 -18.48
N TYR D 152 31.64 19.23 -19.39
CA TYR D 152 32.13 20.22 -20.35
C TYR D 152 31.17 21.41 -20.41
N THR D 153 31.75 22.57 -20.72
CA THR D 153 31.02 23.83 -20.78
C THR D 153 30.78 24.22 -22.24
N THR D 154 30.17 25.39 -22.44
CA THR D 154 29.90 25.88 -23.79
C THR D 154 31.18 26.12 -24.57
N LYS D 155 32.27 26.43 -23.86
CA LYS D 155 33.55 26.60 -24.53
C LYS D 155 34.12 25.28 -25.05
N GLU D 156 33.76 24.16 -24.44
CA GLU D 156 34.30 22.85 -24.79
C GLU D 156 33.43 22.11 -25.80
N ILE D 157 32.10 22.10 -25.59
CA ILE D 157 31.17 21.50 -26.52
C ILE D 157 30.04 22.47 -26.82
N THR D 158 29.39 22.25 -27.95
CA THR D 158 28.24 23.03 -28.37
C THR D 158 27.10 22.08 -28.69
N LEU D 159 26.00 22.21 -27.96
CA LEU D 159 24.84 21.34 -28.17
C LEU D 159 23.96 21.89 -29.27
N SER D 160 23.41 20.99 -30.08
CA SER D 160 22.50 21.37 -31.15
C SER D 160 21.59 20.19 -31.46
N LEU D 161 20.50 20.49 -32.17
CA LEU D 161 19.58 19.44 -32.60
C LEU D 161 20.13 18.72 -33.82
N LYS D 162 19.64 17.50 -34.02
CA LYS D 162 20.04 16.71 -35.17
C LYS D 162 19.50 17.34 -36.44
N GLN D 163 20.32 17.36 -37.49
CA GLN D 163 19.91 17.85 -38.80
C GLN D 163 19.66 16.66 -39.72
N ALA D 164 18.40 16.47 -40.11
CA ALA D 164 18.00 15.44 -41.05
C ALA D 164 17.81 16.08 -42.42
N GLU D 165 17.58 15.23 -43.43
CA GLU D 165 17.48 15.66 -44.81
C GLU D 165 16.24 15.07 -45.47
N GLU D 166 15.57 15.90 -46.26
CA GLU D 166 14.46 15.46 -47.10
C GLU D 166 14.64 16.09 -48.48
N ASP D 167 14.72 15.25 -49.51
CA ASP D 167 14.85 15.69 -50.91
C ASP D 167 16.05 16.63 -51.08
N GLY D 168 17.14 16.32 -50.38
CA GLY D 168 18.35 17.09 -50.48
C GLY D 168 18.34 18.40 -49.73
N ARG D 169 17.29 18.69 -48.96
CA ARG D 169 17.20 19.91 -48.15
C ARG D 169 17.24 19.52 -46.67
N SER D 170 18.09 20.19 -45.91
CA SER D 170 18.30 19.86 -44.51
C SER D 170 17.34 20.65 -43.63
N TYR D 171 16.97 20.03 -42.50
CA TYR D 171 16.09 20.65 -41.51
C TYR D 171 16.50 20.14 -40.14
N PRO D 172 16.38 20.97 -39.08
CA PRO D 172 16.64 20.46 -37.73
C PRO D 172 15.46 19.67 -37.21
N VAL D 173 15.75 18.53 -36.58
CA VAL D 173 14.71 17.70 -35.97
C VAL D 173 14.30 18.38 -34.68
N GLU D 174 13.17 19.08 -34.72
CA GLU D 174 12.71 19.92 -33.62
C GLU D 174 11.62 19.22 -32.79
N TRP D 175 11.69 17.89 -32.70
CA TRP D 175 10.64 17.13 -32.04
C TRP D 175 11.22 15.82 -31.54
N ILE D 176 10.49 15.17 -30.63
CA ILE D 176 10.82 13.82 -30.20
C ILE D 176 10.36 12.85 -31.27
N ILE D 177 11.23 11.94 -31.66
CA ILE D 177 10.91 10.94 -32.67
C ILE D 177 10.11 9.83 -32.01
N ILE D 178 8.96 9.50 -32.58
CA ILE D 178 8.17 8.34 -32.16
C ILE D 178 7.91 7.51 -33.41
N ASP D 179 8.33 6.26 -33.38
CA ASP D 179 8.07 5.36 -34.50
C ASP D 179 6.56 5.07 -34.52
N PRO D 180 5.82 5.51 -35.56
CA PRO D 180 4.36 5.30 -35.52
C PRO D 180 3.94 3.85 -35.49
N GLU D 181 4.69 2.96 -36.17
CA GLU D 181 4.25 1.57 -36.27
C GLU D 181 4.46 0.82 -34.95
N GLY D 182 5.58 1.05 -34.28
CA GLY D 182 5.95 0.31 -33.10
C GLY D 182 5.55 0.92 -31.77
N PHE D 183 5.00 2.14 -31.76
CA PHE D 183 4.69 2.81 -30.51
C PHE D 183 3.38 2.29 -29.94
N THR D 184 3.40 1.92 -28.66
CA THR D 184 2.20 1.59 -27.90
C THR D 184 1.90 2.76 -26.97
N GLU D 185 0.69 3.29 -27.07
CA GLU D 185 0.31 4.42 -26.25
C GLU D 185 0.20 4.03 -24.79
N ASN D 186 0.53 4.96 -23.91
CA ASN D 186 0.39 4.74 -22.48
C ASN D 186 -1.08 4.55 -22.12
N GLY D 187 -1.31 3.78 -21.05
CA GLY D 187 -2.66 3.40 -20.69
C GLY D 187 -3.55 4.54 -20.25
N GLU D 188 -2.96 5.65 -19.78
CA GLU D 188 -3.72 6.76 -19.21
C GLU D 188 -3.28 8.12 -19.75
N TRP D 189 -2.16 8.19 -20.48
CA TRP D 189 -1.60 9.46 -20.93
C TRP D 189 -1.48 9.45 -22.45
N GLU D 190 -2.15 10.39 -23.11
CA GLU D 190 -2.00 10.65 -24.53
C GLU D 190 -1.02 11.80 -24.70
N ILE D 191 -0.24 11.74 -25.78
CA ILE D 191 0.78 12.76 -26.07
C ILE D 191 0.19 13.74 -27.07
N VAL D 192 0.22 15.03 -26.73
CA VAL D 192 -0.37 16.07 -27.58
C VAL D 192 0.72 16.83 -28.34
N HIS D 193 1.78 17.25 -27.66
CA HIS D 193 2.90 17.97 -28.26
C HIS D 193 4.22 17.30 -27.90
N ARG D 194 5.15 17.30 -28.84
CA ARG D 194 6.51 16.81 -28.63
C ARG D 194 7.51 17.77 -29.24
N PRO D 195 7.74 18.94 -28.63
CA PRO D 195 8.76 19.86 -29.14
C PRO D 195 10.13 19.54 -28.58
N ALA D 196 11.15 20.11 -29.24
CA ALA D 196 12.53 19.99 -28.80
C ALA D 196 13.21 21.33 -29.03
N ARG D 197 13.99 21.78 -28.06
CA ARG D 197 14.62 23.09 -28.10
C ARG D 197 16.06 23.03 -27.63
N VAL D 198 16.86 23.97 -28.11
CA VAL D 198 18.19 24.26 -27.58
C VAL D 198 18.07 25.56 -26.80
N ASN D 199 18.31 25.50 -25.49
CA ASN D 199 18.19 26.65 -24.61
C ASN D 199 19.55 27.05 -24.08
N VAL D 200 19.88 28.33 -24.28
CA VAL D 200 21.06 28.96 -23.70
C VAL D 200 20.59 30.19 -22.93
N ASP D 201 20.69 30.13 -21.59
CA ASP D 201 20.30 31.26 -20.76
C ASP D 201 21.52 32.11 -20.39
N PRO D 202 21.44 33.45 -20.44
CA PRO D 202 22.59 34.27 -20.06
C PRO D 202 22.73 34.55 -18.57
N SER D 203 21.78 34.10 -17.74
CA SER D 203 21.83 34.44 -16.32
C SER D 203 23.02 33.78 -15.63
N VAL D 204 23.25 32.50 -15.88
CA VAL D 204 24.36 31.77 -15.27
C VAL D 204 25.65 32.21 -15.93
N PRO D 205 26.81 32.07 -15.29
CA PRO D 205 28.06 32.44 -15.94
C PRO D 205 28.39 31.51 -17.09
N LEU D 206 29.26 31.99 -17.98
CA LEU D 206 29.60 31.22 -19.17
C LEU D 206 30.41 29.96 -18.84
N ASP D 207 31.15 29.95 -17.74
CA ASP D 207 31.92 28.79 -17.32
C ASP D 207 31.09 27.76 -16.55
N SER D 208 29.77 27.91 -16.53
CA SER D 208 28.89 26.94 -15.90
C SER D 208 28.46 25.89 -16.92
N PRO D 209 28.58 24.58 -16.67
CA PRO D 209 28.06 23.60 -17.63
C PRO D 209 26.55 23.63 -17.81
N ASN D 210 25.81 24.34 -16.94
CA ASN D 210 24.36 24.44 -17.05
C ASN D 210 23.90 25.58 -17.95
N ARG D 211 24.84 26.24 -18.65
CA ARG D 211 24.45 27.35 -19.53
C ARG D 211 23.65 26.85 -20.73
N GLN D 212 24.12 25.80 -21.39
CA GLN D 212 23.47 25.25 -22.57
C GLN D 212 22.78 23.94 -22.21
N ASP D 213 21.63 23.70 -22.85
CA ASP D 213 20.93 22.43 -22.67
C ASP D 213 20.05 22.20 -23.89
N VAL D 214 19.69 20.93 -24.08
CA VAL D 214 18.70 20.53 -25.08
C VAL D 214 17.54 19.91 -24.32
N THR D 215 16.35 20.47 -24.48
CA THR D 215 15.18 20.05 -23.73
C THR D 215 14.17 19.44 -24.68
N PHE D 216 13.70 18.25 -24.33
CA PHE D 216 12.62 17.56 -25.04
C PHE D 216 11.41 17.55 -24.13
N TYR D 217 10.31 18.16 -24.59
CA TYR D 217 9.12 18.35 -23.77
C TYR D 217 8.04 17.35 -24.18
N LEU D 218 7.28 16.88 -23.19
CA LEU D 218 6.09 16.07 -23.41
C LEU D 218 4.93 16.78 -22.73
N ILE D 219 4.01 17.30 -23.54
CA ILE D 219 2.72 17.76 -23.06
C ILE D 219 1.74 16.61 -23.25
N ILE D 220 1.18 16.13 -22.16
CA ILE D 220 0.40 14.89 -22.15
C ILE D 220 -0.93 15.14 -21.45
N ARG D 221 -2.02 14.67 -22.06
CA ARG D 221 -3.35 14.76 -21.49
C ARG D 221 -3.73 13.44 -20.86
N ARG D 222 -4.32 13.51 -19.67
CA ARG D 222 -4.82 12.31 -19.01
C ARG D 222 -6.07 11.82 -19.74
N LYS D 223 -6.16 10.51 -19.92
CA LYS D 223 -7.39 9.90 -20.39
C LYS D 223 -8.30 9.63 -19.18
N PRO D 224 -9.39 10.38 -18.99
CA PRO D 224 -10.11 10.29 -17.70
C PRO D 224 -11.06 9.11 -17.56
N LEU D 225 -11.02 8.12 -18.45
CA LEU D 225 -12.08 7.11 -18.50
C LEU D 225 -12.17 6.33 -17.19
N PHE D 226 -11.03 5.92 -16.63
CA PHE D 226 -11.05 5.16 -15.39
C PHE D 226 -11.67 5.97 -14.26
N TYR D 227 -11.28 7.24 -14.12
CA TYR D 227 -11.78 8.07 -13.04
C TYR D 227 -13.22 8.48 -13.26
N VAL D 228 -13.62 8.71 -14.51
CA VAL D 228 -15.03 8.99 -14.80
C VAL D 228 -15.90 7.80 -14.44
N ILE D 229 -15.45 6.59 -14.79
CA ILE D 229 -16.30 5.42 -14.62
C ILE D 229 -16.36 5.02 -13.14
N ASN D 230 -15.22 5.03 -12.46
CA ASN D 230 -15.12 4.39 -11.14
C ASN D 230 -15.35 5.34 -9.97
N ILE D 231 -15.03 6.62 -10.11
CA ILE D 231 -15.11 7.57 -9.01
C ILE D 231 -16.13 8.67 -9.28
N LEU D 232 -15.99 9.37 -10.41
CA LEU D 232 -16.74 10.61 -10.62
C LEU D 232 -18.23 10.36 -10.76
N VAL D 233 -18.61 9.42 -11.63
CA VAL D 233 -20.04 9.18 -11.85
C VAL D 233 -20.73 8.66 -10.60
N PRO D 234 -20.22 7.65 -9.90
CA PRO D 234 -20.87 7.26 -8.63
C PRO D 234 -20.91 8.38 -7.61
N CYS D 235 -19.84 9.18 -7.51
CA CYS D 235 -19.84 10.29 -6.56
C CYS D 235 -20.94 11.30 -6.87
N VAL D 236 -21.06 11.69 -8.14
CA VAL D 236 -22.09 12.64 -8.53
C VAL D 236 -23.48 12.07 -8.30
N LEU D 237 -23.69 10.79 -8.66
CA LEU D 237 -25.03 10.24 -8.54
C LEU D 237 -25.44 10.05 -7.10
N ILE D 238 -24.50 9.72 -6.21
CA ILE D 238 -24.82 9.66 -4.78
C ILE D 238 -25.07 11.05 -4.23
N SER D 239 -24.27 12.03 -4.65
CA SER D 239 -24.42 13.39 -4.13
C SER D 239 -25.76 14.00 -4.54
N PHE D 240 -26.25 13.66 -5.73
CA PHE D 240 -27.53 14.20 -6.18
C PHE D 240 -28.73 13.51 -5.55
N MET D 241 -28.54 12.43 -4.80
CA MET D 241 -29.63 11.84 -4.05
C MET D 241 -29.97 12.63 -2.80
N ILE D 242 -29.17 13.63 -2.43
CA ILE D 242 -29.50 14.46 -1.28
C ILE D 242 -30.76 15.28 -1.53
N ASN D 243 -31.15 15.48 -2.79
CA ASN D 243 -32.38 16.19 -3.10
C ASN D 243 -33.63 15.34 -2.86
N LEU D 244 -33.48 14.03 -2.62
CA LEU D 244 -34.62 13.14 -2.47
C LEU D 244 -35.24 13.20 -1.08
N VAL D 245 -34.53 13.70 -0.07
CA VAL D 245 -35.12 13.77 1.26
C VAL D 245 -36.24 14.80 1.33
N PHE D 246 -36.29 15.74 0.38
CA PHE D 246 -37.39 16.68 0.32
C PHE D 246 -38.70 16.05 -0.16
N TYR D 247 -38.64 14.86 -0.74
CA TYR D 247 -39.85 14.13 -1.16
C TYR D 247 -40.23 13.10 -0.11
N LEU D 248 -39.33 12.79 0.81
CA LEU D 248 -39.62 11.78 1.81
C LEU D 248 -40.60 12.34 2.84
N PRO D 249 -41.65 11.61 3.23
CA PRO D 249 -42.49 12.08 4.34
C PRO D 249 -41.72 12.07 5.65
N ALA D 250 -42.24 12.85 6.60
CA ALA D 250 -41.59 13.04 7.90
C ALA D 250 -41.99 11.97 8.91
N ASP D 251 -42.89 11.06 8.56
CA ASP D 251 -43.37 10.02 9.47
C ASP D 251 -42.85 8.63 9.13
N CYS D 252 -42.73 8.29 7.84
CA CYS D 252 -42.21 7.00 7.41
C CYS D 252 -40.85 7.11 6.72
N GLY D 253 -40.48 8.29 6.22
CA GLY D 253 -39.22 8.47 5.55
C GLY D 253 -38.18 9.01 6.49
N GLU D 254 -37.15 8.21 6.75
CA GLU D 254 -36.07 8.60 7.66
C GLU D 254 -35.12 9.50 6.89
N LYS D 255 -35.33 10.81 7.02
CA LYS D 255 -34.66 11.79 6.18
C LYS D 255 -33.20 11.98 6.62
N THR D 256 -32.99 12.19 7.91
CA THR D 256 -31.65 12.48 8.40
C THR D 256 -30.72 11.29 8.23
N SER D 257 -31.25 10.06 8.35
CA SER D 257 -30.42 8.89 8.11
C SER D 257 -29.94 8.85 6.66
N MET D 258 -30.83 9.14 5.71
CA MET D 258 -30.44 9.16 4.31
C MET D 258 -29.40 10.26 4.05
N ALA D 259 -29.60 11.45 4.63
CA ALA D 259 -28.68 12.55 4.38
C ALA D 259 -27.31 12.28 4.98
N ILE D 260 -27.26 11.79 6.23
CA ILE D 260 -25.98 11.50 6.84
C ILE D 260 -25.30 10.31 6.16
N SER D 261 -26.08 9.40 5.58
CA SER D 261 -25.45 8.33 4.80
C SER D 261 -24.85 8.84 3.50
N VAL D 262 -25.49 9.82 2.86
CA VAL D 262 -24.87 10.47 1.71
C VAL D 262 -23.56 11.14 2.14
N LEU D 263 -23.56 11.77 3.32
CA LEU D 263 -22.32 12.34 3.84
C LEU D 263 -21.25 11.28 4.06
N LEU D 264 -21.65 10.12 4.59
CA LEU D 264 -20.71 9.02 4.80
C LEU D 264 -20.12 8.53 3.48
N ALA D 265 -20.96 8.40 2.45
CA ALA D 265 -20.45 7.98 1.14
C ALA D 265 -19.49 9.01 0.57
N GLN D 266 -19.80 10.30 0.77
CA GLN D 266 -18.89 11.34 0.33
C GLN D 266 -17.55 11.24 1.04
N SER D 267 -17.58 10.92 2.34
CA SER D 267 -16.34 10.73 3.09
C SER D 267 -15.55 9.54 2.56
N VAL D 268 -16.23 8.45 2.20
CA VAL D 268 -15.54 7.30 1.62
C VAL D 268 -14.90 7.67 0.29
N PHE D 269 -15.57 8.51 -0.49
CA PHE D 269 -14.97 8.94 -1.76
C PHE D 269 -13.77 9.85 -1.53
N LEU D 270 -13.81 10.68 -0.49
CA LEU D 270 -12.61 11.45 -0.13
C LEU D 270 -11.49 10.50 0.28
N LEU D 271 -11.81 9.42 1.00
CA LEU D 271 -10.80 8.44 1.35
C LEU D 271 -10.18 7.83 0.11
N LEU D 272 -11.01 7.51 -0.89
CA LEU D 272 -10.48 6.98 -2.15
C LEU D 272 -9.57 7.99 -2.84
N ILE D 273 -9.98 9.26 -2.89
CA ILE D 273 -9.24 10.26 -3.65
C ILE D 273 -7.92 10.59 -2.95
N SER D 274 -7.89 10.59 -1.62
CA SER D 274 -6.76 11.13 -0.88
C SER D 274 -5.45 10.39 -1.16
N LYS D 275 -5.52 9.12 -1.57
CA LYS D 275 -4.32 8.33 -1.81
C LYS D 275 -3.70 8.56 -3.17
N ARG D 276 -4.40 9.21 -4.10
CA ARG D 276 -4.05 9.19 -5.51
C ARG D 276 -3.41 10.49 -6.01
N LEU D 277 -3.33 11.53 -5.20
CA LEU D 277 -2.78 12.81 -5.59
C LEU D 277 -1.76 13.29 -4.57
N PRO D 278 -0.79 14.11 -4.96
CA PRO D 278 0.10 14.71 -3.98
C PRO D 278 -0.63 15.78 -3.17
N ALA D 279 -0.15 16.01 -1.95
CA ALA D 279 -0.79 16.95 -1.04
C ALA D 279 -0.22 18.36 -1.23
N THR D 280 -0.24 18.83 -2.48
CA THR D 280 0.25 20.15 -2.81
C THR D 280 -0.78 21.20 -2.47
N SER D 281 -0.35 22.48 -2.56
CA SER D 281 -1.19 23.62 -2.22
C SER D 281 -1.31 24.62 -3.37
N MET D 282 -0.87 24.26 -4.58
CA MET D 282 -1.03 25.19 -5.70
C MET D 282 -2.51 25.40 -6.02
N ALA D 283 -3.32 24.35 -5.93
CA ALA D 283 -4.75 24.46 -6.21
C ALA D 283 -5.46 23.28 -5.56
N ILE D 284 -6.78 23.38 -5.52
CA ILE D 284 -7.63 22.29 -5.02
C ILE D 284 -8.00 21.45 -6.24
N PRO D 285 -8.03 20.12 -6.16
CA PRO D 285 -8.49 19.35 -7.32
C PRO D 285 -9.95 19.62 -7.64
N LEU D 286 -10.28 19.49 -8.93
CA LEU D 286 -11.66 19.72 -9.39
C LEU D 286 -12.63 18.74 -8.72
N ILE D 287 -12.26 17.47 -8.66
CA ILE D 287 -13.08 16.51 -7.93
C ILE D 287 -13.08 16.84 -6.44
N GLY D 288 -11.96 17.34 -5.91
CA GLY D 288 -11.95 17.80 -4.53
C GLY D 288 -12.88 18.98 -4.32
N LYS D 289 -12.91 19.90 -5.29
CA LYS D 289 -13.84 21.03 -5.21
C LYS D 289 -15.28 20.54 -5.20
N PHE D 290 -15.61 19.60 -6.08
CA PHE D 290 -16.98 19.09 -6.11
C PHE D 290 -17.32 18.37 -4.81
N LEU D 291 -16.37 17.60 -4.26
CA LEU D 291 -16.65 16.87 -3.02
C LEU D 291 -16.85 17.81 -1.85
N LEU D 292 -16.04 18.87 -1.76
CA LEU D 292 -16.23 19.85 -0.70
C LEU D 292 -17.57 20.56 -0.84
N PHE D 293 -17.92 20.96 -2.07
CA PHE D 293 -19.20 21.61 -2.31
C PHE D 293 -20.36 20.69 -1.95
N GLY D 294 -20.28 19.42 -2.35
CA GLY D 294 -21.34 18.47 -2.05
C GLY D 294 -21.46 18.19 -0.56
N MET D 295 -20.34 18.11 0.15
CA MET D 295 -20.41 17.86 1.59
C MET D 295 -21.00 19.06 2.32
N VAL D 296 -20.64 20.27 1.92
CA VAL D 296 -21.26 21.45 2.52
C VAL D 296 -22.76 21.46 2.24
N LEU D 297 -23.15 21.13 1.02
CA LEU D 297 -24.57 21.10 0.67
C LEU D 297 -25.30 20.03 1.47
N VAL D 298 -24.70 18.86 1.66
CA VAL D 298 -25.35 17.79 2.42
C VAL D 298 -25.47 18.19 3.88
N THR D 299 -24.46 18.89 4.42
CA THR D 299 -24.58 19.41 5.78
C THR D 299 -25.74 20.38 5.91
N MET D 300 -25.88 21.29 4.94
CA MET D 300 -26.99 22.22 4.97
C MET D 300 -28.33 21.49 4.84
N VAL D 301 -28.39 20.44 4.03
CA VAL D 301 -29.62 19.69 3.88
C VAL D 301 -29.96 18.94 5.17
N VAL D 302 -28.95 18.44 5.89
CA VAL D 302 -29.23 17.79 7.17
C VAL D 302 -29.80 18.80 8.15
N VAL D 303 -29.23 20.01 8.18
CA VAL D 303 -29.76 21.05 9.05
C VAL D 303 -31.20 21.38 8.67
N ILE D 304 -31.47 21.45 7.36
CA ILE D 304 -32.83 21.73 6.88
C ILE D 304 -33.78 20.61 7.31
N CYS D 305 -33.33 19.35 7.21
CA CYS D 305 -34.18 18.23 7.60
C CYS D 305 -34.46 18.25 9.10
N VAL D 306 -33.46 18.62 9.91
CA VAL D 306 -33.69 18.75 11.35
C VAL D 306 -34.73 19.82 11.62
N ILE D 307 -34.62 20.96 10.93
CA ILE D 307 -35.59 22.04 11.14
C ILE D 307 -36.98 21.61 10.68
N VAL D 308 -37.07 20.90 9.57
CA VAL D 308 -38.37 20.47 9.05
C VAL D 308 -39.01 19.45 10.00
N LEU D 309 -38.20 18.57 10.58
CA LEU D 309 -38.74 17.63 11.56
C LEU D 309 -39.13 18.34 12.85
N ASN D 310 -38.41 19.40 13.22
CA ASN D 310 -38.84 20.22 14.35
C ASN D 310 -40.18 20.87 14.07
N ILE D 311 -40.39 21.30 12.83
CA ILE D 311 -41.66 21.92 12.45
C ILE D 311 -42.78 20.88 12.43
N HIS D 312 -42.47 19.67 11.94
CA HIS D 312 -43.49 18.65 11.75
C HIS D 312 -44.05 18.15 13.08
N PHE D 313 -43.18 17.91 14.06
CA PHE D 313 -43.56 17.26 15.30
C PHE D 313 -43.97 18.24 16.40
N ARG D 314 -44.14 19.51 16.08
CA ARG D 314 -44.69 20.45 17.05
C ARG D 314 -46.13 20.06 17.39
N THR D 315 -46.51 20.30 18.63
CA THR D 315 -47.83 19.96 19.16
C THR D 315 -48.38 21.15 19.91
N PRO D 316 -49.71 21.24 20.09
CA PRO D 316 -50.27 22.33 20.90
C PRO D 316 -49.70 22.42 22.31
N SER D 317 -49.42 21.30 22.96
CA SER D 317 -48.93 21.31 24.32
C SER D 317 -47.47 21.78 24.43
N THR D 318 -46.77 21.94 23.31
CA THR D 318 -45.39 22.38 23.29
C THR D 318 -45.17 23.73 22.61
N HIS D 319 -45.96 24.06 21.60
CA HIS D 319 -45.78 25.29 20.84
C HIS D 319 -47.14 25.90 20.52
N VAL D 320 -47.12 27.19 20.20
CA VAL D 320 -48.30 27.96 19.83
C VAL D 320 -48.22 28.25 18.34
N LEU D 321 -49.26 27.87 17.60
CA LEU D 321 -49.31 28.10 16.16
C LEU D 321 -49.73 29.54 15.91
N SER D 322 -48.77 30.40 15.59
CA SER D 322 -49.07 31.81 15.36
C SER D 322 -49.87 31.99 14.07
N GLU D 323 -50.85 32.89 14.11
CA GLU D 323 -51.67 33.14 12.93
C GLU D 323 -50.88 33.71 11.76
N PRO D 324 -49.97 34.69 11.93
CA PRO D 324 -49.15 35.10 10.76
C PRO D 324 -48.33 33.97 10.18
N VAL D 325 -47.73 33.13 11.03
CA VAL D 325 -46.94 32.01 10.54
C VAL D 325 -47.82 31.03 9.77
N LYS D 326 -48.98 30.70 10.33
CA LYS D 326 -49.90 29.78 9.68
C LYS D 326 -50.37 30.32 8.34
N LYS D 327 -50.74 31.60 8.29
CA LYS D 327 -51.22 32.19 7.06
C LYS D 327 -50.11 32.27 6.01
N LEU D 328 -48.87 32.52 6.44
CA LEU D 328 -47.77 32.58 5.49
C LEU D 328 -47.46 31.21 4.91
N PHE D 329 -47.45 30.17 5.75
CA PHE D 329 -47.00 28.86 5.32
C PHE D 329 -48.12 27.96 4.79
N LEU D 330 -49.39 28.39 4.88
CA LEU D 330 -50.51 27.58 4.40
C LEU D 330 -51.31 28.22 3.28
N GLU D 331 -51.24 29.54 3.10
CA GLU D 331 -51.99 30.25 2.08
C GLU D 331 -51.09 30.90 1.05
N THR D 332 -50.04 31.60 1.48
CA THR D 332 -49.18 32.32 0.54
C THR D 332 -48.21 31.35 -0.15
N LEU D 333 -47.32 30.74 0.63
CA LEU D 333 -46.25 29.94 0.03
C LEU D 333 -46.74 28.72 -0.73
N PRO D 334 -47.77 27.98 -0.30
CA PRO D 334 -48.30 26.92 -1.16
C PRO D 334 -48.77 27.42 -2.52
N GLU D 335 -49.29 28.65 -2.58
CA GLU D 335 -49.68 29.22 -3.87
C GLU D 335 -48.47 29.68 -4.68
N ILE D 336 -47.49 30.29 -4.02
CA ILE D 336 -46.27 30.83 -4.69
C ILE D 336 -45.49 29.67 -5.30
N LEU D 337 -45.06 28.72 -4.49
CA LEU D 337 -44.29 27.53 -4.96
C LEU D 337 -45.04 26.93 -6.16
N HIS D 338 -46.37 26.87 -6.08
CA HIS D 338 -47.22 26.33 -7.18
C HIS D 338 -48.41 27.25 -7.44
N ALA D 405 -92.12 15.28 40.66
CA ALA D 405 -91.24 14.18 40.28
C ALA D 405 -90.11 14.70 39.38
N GLN D 406 -89.60 13.85 38.49
CA GLN D 406 -88.55 14.19 37.53
C GLN D 406 -87.24 14.56 38.21
N GLN D 407 -87.04 14.13 39.45
CA GLN D 407 -85.74 14.17 40.12
C GLN D 407 -85.26 12.80 40.56
N GLU D 408 -86.15 11.85 40.82
CA GLU D 408 -85.73 10.47 40.99
C GLU D 408 -85.11 9.94 39.70
N LEU D 409 -85.73 10.24 38.56
CA LEU D 409 -85.10 9.94 37.28
C LEU D 409 -83.81 10.73 37.10
N PHE D 410 -83.83 12.02 37.47
CA PHE D 410 -82.64 12.84 37.35
C PHE D 410 -81.54 12.38 38.30
N SER D 411 -81.90 11.87 39.48
CA SER D 411 -80.90 11.39 40.42
C SER D 411 -80.06 10.25 39.85
N GLU D 412 -80.63 9.47 38.92
CA GLU D 412 -79.92 8.37 38.28
C GLU D 412 -79.35 8.74 36.91
N LEU D 413 -79.96 9.71 36.22
CA LEU D 413 -79.46 10.12 34.90
C LEU D 413 -78.43 11.23 34.97
N LYS D 414 -78.27 11.89 36.11
CA LYS D 414 -77.26 12.94 36.22
C LYS D 414 -75.84 12.41 36.04
N PRO D 415 -75.43 11.29 36.66
CA PRO D 415 -74.11 10.73 36.31
C PRO D 415 -73.97 10.42 34.84
N ALA D 416 -75.03 9.91 34.20
CA ALA D 416 -74.94 9.58 32.78
C ALA D 416 -74.78 10.84 31.93
N VAL D 417 -75.56 11.88 32.20
CA VAL D 417 -75.47 13.10 31.42
C VAL D 417 -74.11 13.76 31.62
N ASP D 418 -73.65 13.83 32.87
CA ASP D 418 -72.34 14.41 33.16
C ASP D 418 -71.23 13.63 32.46
N GLY D 419 -71.29 12.30 32.54
CA GLY D 419 -70.28 11.50 31.87
C GLY D 419 -70.29 11.69 30.37
N ALA D 420 -71.49 11.71 29.77
CA ALA D 420 -71.60 11.87 28.32
C ALA D 420 -71.04 13.22 27.88
N ASN D 421 -71.35 14.29 28.62
CA ASN D 421 -70.75 15.58 28.30
C ASN D 421 -69.24 15.53 28.42
N PHE D 422 -68.72 14.77 29.39
CA PHE D 422 -67.28 14.62 29.51
C PHE D 422 -66.70 13.90 28.28
N ILE D 423 -67.38 12.86 27.79
CA ILE D 423 -66.88 12.16 26.60
C ILE D 423 -66.86 13.11 25.40
N VAL D 424 -67.93 13.90 25.25
CA VAL D 424 -67.99 14.83 24.12
C VAL D 424 -66.87 15.85 24.20
N ASN D 425 -66.64 16.40 25.40
CA ASN D 425 -65.57 17.38 25.56
C ASN D 425 -64.20 16.77 25.26
N HIS D 426 -63.99 15.53 25.70
CA HIS D 426 -62.72 14.85 25.43
C HIS D 426 -62.53 14.64 23.94
N MET D 427 -63.58 14.22 23.23
CA MET D 427 -63.50 14.06 21.79
C MET D 427 -63.21 15.38 21.09
N LYS D 428 -63.85 16.47 21.53
CA LYS D 428 -63.60 17.77 20.92
C LYS D 428 -62.15 18.21 21.11
N ASP D 429 -61.64 18.02 22.33
CA ASP D 429 -60.25 18.39 22.60
C ASP D 429 -59.29 17.58 21.74
N GLN D 430 -59.54 16.27 21.61
CA GLN D 430 -58.67 15.44 20.77
C GLN D 430 -58.76 15.88 19.31
N ASN D 431 -59.95 16.23 18.83
CA ASN D 431 -60.09 16.71 17.46
C ASN D 431 -59.27 17.97 17.24
N ASN D 432 -59.36 18.93 18.16
CA ASN D 432 -58.57 20.16 18.01
C ASN D 432 -57.08 19.87 18.03
N TYR D 433 -56.66 18.98 18.93
CA TYR D 433 -55.24 18.61 19.03
C TYR D 433 -54.74 18.02 17.72
N ASN D 434 -55.50 17.07 17.16
CA ASN D 434 -55.09 16.41 15.92
C ASN D 434 -55.13 17.38 14.74
N GLU D 435 -56.09 18.31 14.72
CA GLU D 435 -56.14 19.29 13.65
C GLU D 435 -54.93 20.20 13.69
N GLU D 436 -54.50 20.61 14.89
CA GLU D 436 -53.30 21.42 14.99
C GLU D 436 -52.06 20.65 14.57
N LYS D 437 -52.00 19.35 14.92
CA LYS D 437 -50.90 18.52 14.42
C LYS D 437 -50.89 18.48 12.90
N ASP D 438 -52.06 18.33 12.28
CA ASP D 438 -52.14 18.31 10.82
C ASP D 438 -51.68 19.64 10.23
N CYS D 439 -52.03 20.76 10.88
CA CYS D 439 -51.58 22.06 10.40
C CYS D 439 -50.06 22.18 10.45
N TRP D 440 -49.45 21.72 11.55
CA TRP D 440 -48.00 21.74 11.63
C TRP D 440 -47.37 20.86 10.56
N ASN D 441 -47.99 19.71 10.28
CA ASN D 441 -47.48 18.83 9.22
C ASN D 441 -47.53 19.51 7.86
N ARG D 442 -48.63 20.23 7.59
CA ARG D 442 -48.74 20.98 6.34
C ARG D 442 -47.68 22.07 6.24
N VAL D 443 -47.40 22.76 7.35
CA VAL D 443 -46.35 23.78 7.32
C VAL D 443 -45.00 23.14 7.04
N ALA D 444 -44.72 21.99 7.66
CA ALA D 444 -43.46 21.28 7.40
C ALA D 444 -43.34 20.89 5.93
N ARG D 445 -44.43 20.38 5.35
CA ARG D 445 -44.42 20.02 3.94
C ARG D 445 -44.19 21.22 3.04
N THR D 446 -44.78 22.36 3.37
CA THR D 446 -44.55 23.57 2.58
C THR D 446 -43.08 24.00 2.65
N VAL D 447 -42.49 23.97 3.84
CA VAL D 447 -41.07 24.31 3.98
C VAL D 447 -40.21 23.35 3.19
N ASP D 448 -40.58 22.07 3.20
CA ASP D 448 -39.83 21.07 2.45
C ASP D 448 -39.88 21.34 0.95
N ARG D 449 -41.06 21.72 0.44
CA ARG D 449 -41.16 22.00 -0.99
C ARG D 449 -40.39 23.25 -1.38
N LEU D 450 -40.43 24.27 -0.53
CA LEU D 450 -39.60 25.46 -0.76
C LEU D 450 -38.12 25.09 -0.81
N CYS D 451 -37.67 24.25 0.14
CA CYS D 451 -36.26 23.87 0.15
C CYS D 451 -35.92 23.00 -1.05
N LEU D 452 -36.87 22.21 -1.56
CA LEU D 452 -36.63 21.47 -2.79
C LEU D 452 -36.41 22.43 -3.96
N PHE D 453 -37.26 23.45 -4.07
CA PHE D 453 -37.14 24.36 -5.20
C PHE D 453 -35.93 25.28 -5.07
N VAL D 454 -35.37 25.44 -3.87
CA VAL D 454 -34.18 26.27 -3.68
C VAL D 454 -32.89 25.48 -3.82
N VAL D 455 -32.77 24.36 -3.10
CA VAL D 455 -31.48 23.67 -2.99
C VAL D 455 -31.10 23.00 -4.31
N THR D 456 -32.04 22.31 -4.95
CA THR D 456 -31.70 21.49 -6.11
C THR D 456 -31.17 22.32 -7.28
N PRO D 457 -31.78 23.45 -7.67
CA PRO D 457 -31.15 24.26 -8.72
C PRO D 457 -29.76 24.75 -8.36
N ILE D 458 -29.52 25.07 -7.09
CA ILE D 458 -28.18 25.50 -6.67
C ILE D 458 -27.19 24.37 -6.87
N MET D 459 -27.58 23.15 -6.49
CA MET D 459 -26.68 22.01 -6.65
C MET D 459 -26.40 21.73 -8.12
N VAL D 460 -27.43 21.81 -8.96
CA VAL D 460 -27.24 21.57 -10.39
C VAL D 460 -26.30 22.63 -10.98
N VAL D 461 -26.52 23.90 -10.63
CA VAL D 461 -25.70 24.97 -11.18
C VAL D 461 -24.26 24.83 -10.70
N GLY D 462 -24.06 24.53 -9.42
CA GLY D 462 -22.70 24.37 -8.92
C GLY D 462 -21.97 23.20 -9.56
N THR D 463 -22.67 22.07 -9.72
CA THR D 463 -22.06 20.91 -10.36
C THR D 463 -21.69 21.22 -11.80
N ALA D 464 -22.60 21.85 -12.54
CA ALA D 464 -22.29 22.19 -13.92
C ALA D 464 -21.13 23.16 -14.01
N TRP D 465 -21.09 24.16 -13.12
CA TRP D 465 -19.99 25.11 -13.13
C TRP D 465 -18.66 24.42 -12.84
N ILE D 466 -18.64 23.53 -11.86
CA ILE D 466 -17.40 22.86 -11.51
C ILE D 466 -16.92 21.98 -12.65
N PHE D 467 -17.82 21.19 -13.25
CA PHE D 467 -17.41 20.24 -14.27
C PHE D 467 -17.14 20.87 -15.62
N LEU D 468 -17.72 22.04 -15.93
CA LEU D 468 -17.44 22.68 -17.21
C LEU D 468 -16.07 23.36 -17.24
N GLN D 469 -15.40 23.51 -16.11
CA GLN D 469 -13.99 23.92 -16.15
C GLN D 469 -13.12 22.80 -16.69
N GLY D 470 -13.33 21.58 -16.21
CA GLY D 470 -12.54 20.45 -16.68
C GLY D 470 -12.96 19.93 -18.03
N ALA D 471 -14.24 20.01 -18.35
CA ALA D 471 -14.70 19.56 -19.66
C ALA D 471 -14.16 20.42 -20.78
N TYR D 472 -13.99 21.71 -20.53
CA TYR D 472 -13.43 22.65 -21.49
C TYR D 472 -11.94 22.90 -21.29
N ASN D 473 -11.30 22.15 -20.39
CA ASN D 473 -9.86 22.27 -20.17
C ASN D 473 -9.14 21.41 -21.22
N GLN D 474 -8.37 22.08 -22.08
CA GLN D 474 -7.60 21.44 -23.13
C GLN D 474 -6.19 22.00 -23.12
N PRO D 475 -5.20 21.25 -23.62
CA PRO D 475 -3.87 21.83 -23.80
C PRO D 475 -3.89 22.91 -24.86
N PRO D 476 -2.96 23.86 -24.83
CA PRO D 476 -2.96 24.91 -25.84
C PRO D 476 -2.64 24.34 -27.21
N PRO D 477 -3.10 24.96 -28.30
CA PRO D 477 -2.79 24.41 -29.62
C PRO D 477 -1.32 24.46 -29.99
N GLN D 478 -0.53 25.32 -29.35
CA GLN D 478 0.90 25.45 -29.57
C GLN D 478 1.65 25.03 -28.31
N PRO D 479 2.82 24.40 -28.41
CA PRO D 479 3.52 23.98 -27.18
C PRO D 479 4.01 25.12 -26.33
N PHE D 480 4.27 26.30 -26.91
CA PHE D 480 4.84 27.43 -26.20
C PHE D 480 3.94 28.64 -26.45
N PRO D 481 3.28 29.20 -25.44
CA PRO D 481 2.61 30.49 -25.64
C PRO D 481 3.59 31.55 -26.14
N GLY D 482 3.17 32.28 -27.18
CA GLY D 482 3.99 33.27 -27.83
C GLY D 482 4.74 32.75 -29.04
N ASP D 483 4.89 31.43 -29.16
CA ASP D 483 5.54 30.81 -30.31
C ASP D 483 4.47 30.24 -31.24
N PRO D 484 4.31 30.73 -32.47
CA PRO D 484 3.31 30.12 -33.36
C PRO D 484 3.74 28.79 -33.99
N PHE D 485 5.00 28.39 -33.82
CA PHE D 485 5.47 27.16 -34.43
C PHE D 485 4.82 25.94 -33.76
N SER D 486 4.33 25.02 -34.58
CA SER D 486 3.67 23.82 -34.07
C SER D 486 4.63 22.72 -33.66
N TYR D 487 5.90 22.79 -34.08
CA TYR D 487 6.91 21.80 -33.73
C TYR D 487 6.50 20.39 -34.18
N LEU D 488 5.86 20.31 -35.35
CA LEU D 488 5.43 19.06 -35.94
C LEU D 488 6.32 18.69 -37.12
N GLU D 489 6.28 17.41 -37.48
CA GLU D 489 7.09 16.93 -38.61
C GLU D 489 6.66 17.60 -39.90
N LYS D 490 5.35 17.74 -40.12
CA LYS D 490 4.85 18.27 -41.38
C LYS D 490 5.21 19.73 -41.59
N ASP D 491 5.46 20.49 -40.53
CA ASP D 491 5.81 21.90 -40.60
C ASP D 491 7.31 22.11 -40.39
N LYS D 492 8.11 21.17 -40.87
CA LYS D 492 9.55 21.22 -40.68
C LYS D 492 10.14 22.46 -41.37
N ARG D 493 11.13 23.06 -40.72
CA ARG D 493 11.67 24.37 -41.11
C ARG D 493 13.02 24.16 -41.80
N PHE D 494 13.02 24.24 -43.12
CA PHE D 494 14.25 24.18 -43.89
C PHE D 494 15.04 25.48 -43.77
N ILE D 495 16.32 25.41 -44.06
CA ILE D 495 17.15 26.61 -44.09
C ILE D 495 17.10 27.23 -45.49
N SER E 2 26.06 -27.22 49.45
CA SER E 2 26.99 -26.93 48.33
C SER E 2 27.05 -28.12 47.37
N MET E 3 27.63 -27.90 46.20
CA MET E 3 27.79 -28.97 45.21
C MET E 3 28.94 -28.61 44.28
N ILE E 4 29.85 -29.55 44.09
CA ILE E 4 31.05 -29.36 43.28
C ILE E 4 30.75 -29.93 41.89
N CYS E 5 30.74 -29.06 40.87
CA CYS E 5 30.36 -29.43 39.51
C CYS E 5 31.44 -29.01 38.52
N TYR E 6 31.63 -29.82 37.48
CA TYR E 6 32.51 -29.43 36.37
C TYR E 6 31.85 -28.33 35.55
N ASN E 7 32.68 -27.46 34.95
CA ASN E 7 32.16 -26.35 34.16
C ASN E 7 32.98 -26.05 32.90
N GLN E 8 33.85 -26.95 32.45
CA GLN E 8 34.67 -26.68 31.27
C GLN E 8 33.86 -26.82 29.98
N GLN E 9 34.36 -26.21 28.91
CA GLN E 9 33.76 -26.33 27.60
C GLN E 9 34.40 -27.47 26.81
N SER E 10 33.56 -28.27 26.15
CA SER E 10 33.97 -29.28 25.19
C SER E 10 35.05 -30.21 25.73
N SER E 11 36.23 -30.27 25.09
CA SER E 11 37.31 -31.16 25.48
C SER E 11 38.49 -30.38 26.04
N GLN E 12 38.20 -29.31 26.75
CA GLN E 12 39.23 -28.49 27.36
C GLN E 12 39.77 -29.19 28.60
N PRO E 13 40.90 -28.73 29.15
CA PRO E 13 41.37 -29.25 30.44
C PRO E 13 40.29 -29.15 31.49
N PRO E 14 40.02 -30.20 32.28
CA PRO E 14 38.90 -30.12 33.23
C PRO E 14 39.11 -29.02 34.27
N THR E 15 38.03 -28.28 34.53
CA THR E 15 37.99 -27.27 35.56
C THR E 15 36.67 -27.40 36.31
N THR E 16 36.63 -26.86 37.53
CA THR E 16 35.57 -27.18 38.47
C THR E 16 35.16 -25.93 39.23
N LYS E 17 33.87 -25.88 39.59
CA LYS E 17 33.29 -24.80 40.36
C LYS E 17 32.41 -25.37 41.46
N THR E 18 31.96 -24.50 42.35
CA THR E 18 31.07 -24.85 43.45
C THR E 18 29.83 -23.97 43.37
N CYS E 19 28.65 -24.60 43.52
CA CYS E 19 27.40 -23.84 43.55
C CYS E 19 26.44 -24.37 44.60
N SER E 20 25.22 -23.81 44.66
CA SER E 20 24.22 -24.14 45.65
C SER E 20 23.17 -25.12 45.15
N GLU E 21 23.02 -25.28 43.84
CA GLU E 21 21.99 -26.18 43.33
C GLU E 21 22.35 -27.63 43.62
N THR E 22 21.35 -28.50 43.54
CA THR E 22 21.48 -29.91 43.85
C THR E 22 21.80 -30.75 42.61
N SER E 23 22.04 -30.12 41.46
CA SER E 23 22.27 -30.85 40.21
C SER E 23 23.33 -30.15 39.37
N CYS E 24 24.16 -30.97 38.72
CA CYS E 24 25.04 -30.56 37.64
C CYS E 24 24.39 -30.93 36.30
N TYR E 25 24.75 -30.18 35.26
CA TYR E 25 24.20 -30.39 33.92
C TYR E 25 25.32 -30.42 32.89
N LYS E 26 25.12 -31.29 31.89
CA LYS E 26 25.93 -31.33 30.68
C LYS E 26 24.99 -31.13 29.49
N LYS E 27 25.34 -30.16 28.63
CA LYS E 27 24.52 -29.72 27.52
C LYS E 27 25.30 -29.91 26.22
N THR E 28 24.83 -30.79 25.34
CA THR E 28 25.52 -31.10 24.09
C THR E 28 24.65 -30.68 22.91
N TRP E 29 25.24 -29.93 21.98
CA TRP E 29 24.56 -29.60 20.74
C TRP E 29 25.58 -29.35 19.65
N ARG E 30 25.16 -29.56 18.40
CA ARG E 30 26.02 -29.41 17.24
C ARG E 30 25.65 -28.13 16.51
N ASP E 31 26.65 -27.27 16.24
CA ASP E 31 26.50 -26.10 15.40
C ASP E 31 27.13 -26.36 14.03
N HIS E 32 27.22 -25.32 13.22
CA HIS E 32 27.69 -25.51 11.83
C HIS E 32 29.16 -25.89 11.78
N ARG E 33 29.96 -25.53 12.78
CA ARG E 33 31.37 -25.92 12.79
C ARG E 33 31.57 -27.30 13.41
N GLY E 34 30.98 -27.54 14.57
CA GLY E 34 31.18 -28.81 15.25
C GLY E 34 30.29 -29.02 16.46
N THR E 35 30.75 -29.84 17.39
CA THR E 35 29.99 -30.20 18.59
C THR E 35 30.46 -29.33 19.76
N ILE E 36 29.50 -28.79 20.50
CA ILE E 36 29.73 -27.96 21.69
C ILE E 36 29.14 -28.69 22.88
N ILE E 37 29.93 -28.79 23.95
CA ILE E 37 29.47 -29.28 25.24
C ILE E 37 29.66 -28.17 26.27
N GLU E 38 28.58 -27.82 26.96
CA GLU E 38 28.57 -26.80 28.01
C GLU E 38 28.26 -27.50 29.32
N ARG E 39 29.11 -27.29 30.31
CA ARG E 39 28.98 -27.93 31.62
C ARG E 39 28.70 -26.87 32.68
N GLY E 40 27.85 -27.20 33.63
CA GLY E 40 27.57 -26.26 34.70
C GLY E 40 26.71 -26.88 35.77
N CYS E 41 26.09 -26.01 36.58
CA CYS E 41 25.22 -26.44 37.66
C CYS E 41 23.84 -25.82 37.50
N GLY E 42 22.86 -26.50 38.10
CA GLY E 42 21.46 -26.31 37.77
C GLY E 42 20.98 -27.38 36.80
N CYS E 43 19.73 -27.26 36.39
CA CYS E 43 19.13 -28.10 35.35
C CYS E 43 18.40 -27.18 34.38
N PRO E 44 19.11 -26.59 33.40
CA PRO E 44 18.48 -25.59 32.55
C PRO E 44 17.42 -26.19 31.63
N LYS E 45 16.49 -25.33 31.22
CA LYS E 45 15.43 -25.72 30.29
C LYS E 45 15.99 -25.62 28.88
N VAL E 46 16.29 -26.77 28.29
CA VAL E 46 16.96 -26.81 26.98
C VAL E 46 15.92 -26.78 25.88
N LYS E 47 16.25 -26.09 24.79
CA LYS E 47 15.40 -26.05 23.63
C LYS E 47 15.53 -27.36 22.87
N PRO E 48 14.53 -27.74 22.05
CA PRO E 48 14.58 -29.04 21.40
C PRO E 48 15.73 -29.17 20.42
N GLY E 49 16.22 -30.39 20.27
CA GLY E 49 17.40 -30.66 19.49
C GLY E 49 18.70 -30.61 20.26
N ILE E 50 18.63 -30.57 21.59
CA ILE E 50 19.80 -30.42 22.46
C ILE E 50 19.78 -31.56 23.46
N LYS E 51 20.90 -32.25 23.61
CA LYS E 51 21.01 -33.34 24.58
C LYS E 51 21.37 -32.76 25.94
N LEU E 52 20.64 -33.18 26.97
CA LEU E 52 20.86 -32.74 28.34
C LEU E 52 21.05 -33.95 29.24
N HIS E 53 22.05 -33.87 30.11
CA HIS E 53 22.30 -34.86 31.16
C HIS E 53 22.35 -34.11 32.49
N CYS E 54 21.28 -34.20 33.27
CA CYS E 54 21.23 -33.64 34.61
C CYS E 54 21.47 -34.76 35.62
N CYS E 55 22.48 -34.58 36.47
CA CYS E 55 22.86 -35.58 37.46
C CYS E 55 23.08 -34.90 38.80
N ARG E 56 22.85 -35.64 39.89
CA ARG E 56 22.78 -35.07 41.23
C ARG E 56 23.88 -35.58 42.15
N THR E 57 25.07 -35.87 41.60
CA THR E 57 26.23 -36.28 42.35
C THR E 57 27.41 -35.39 41.99
N ASP E 58 28.36 -35.27 42.92
CA ASP E 58 29.51 -34.38 42.71
C ASP E 58 30.36 -34.85 41.54
N LYS E 59 30.74 -33.91 40.69
CA LYS E 59 31.62 -34.15 39.54
C LYS E 59 31.07 -35.24 38.63
N CYS E 60 29.81 -35.05 38.22
CA CYS E 60 29.10 -36.01 37.39
C CYS E 60 28.91 -35.55 35.95
N ASN E 61 29.34 -34.33 35.60
CA ASN E 61 29.24 -33.90 34.21
C ASN E 61 30.15 -34.74 33.32
N ASN E 62 31.37 -34.98 33.77
CA ASN E 62 32.33 -35.75 32.97
C ASN E 62 32.94 -36.89 33.77
N GLY F 1 -11.88 -13.20 -60.06
CA GLY F 1 -11.27 -11.83 -60.01
C GLY F 1 -9.96 -11.81 -59.26
N SER F 2 -8.93 -11.26 -59.89
CA SER F 2 -7.59 -11.16 -59.30
C SER F 2 -6.99 -9.82 -59.67
N MET F 3 -5.79 -9.55 -59.14
CA MET F 3 -5.08 -8.31 -59.39
C MET F 3 -3.61 -8.57 -59.15
N ILE F 4 -2.76 -7.71 -59.71
CA ILE F 4 -1.31 -7.75 -59.49
C ILE F 4 -0.95 -6.54 -58.64
N CYS F 5 -0.35 -6.79 -57.47
CA CYS F 5 0.11 -5.75 -56.56
C CYS F 5 1.64 -5.81 -56.53
N TYR F 6 2.26 -4.71 -56.08
CA TYR F 6 3.66 -4.73 -55.68
C TYR F 6 3.76 -5.08 -54.19
N ASN F 7 4.90 -5.68 -53.79
CA ASN F 7 5.11 -6.02 -52.40
C ASN F 7 6.54 -5.81 -51.90
N GLN F 8 7.41 -5.14 -52.65
CA GLN F 8 8.78 -4.98 -52.20
C GLN F 8 8.84 -3.98 -51.03
N GLN F 9 9.93 -4.05 -50.28
CA GLN F 9 10.17 -3.14 -49.17
C GLN F 9 11.01 -1.96 -49.63
N SER F 10 10.59 -0.75 -49.26
CA SER F 10 11.39 0.47 -49.37
C SER F 10 11.90 0.67 -50.80
N SER F 11 13.22 0.67 -51.02
CA SER F 11 13.82 0.87 -52.34
C SER F 11 14.47 -0.41 -52.86
N GLN F 12 13.94 -1.57 -52.47
CA GLN F 12 14.44 -2.83 -52.96
C GLN F 12 14.02 -3.00 -54.42
N PRO F 13 14.63 -3.92 -55.15
CA PRO F 13 14.19 -4.18 -56.53
C PRO F 13 12.74 -4.60 -56.56
N PRO F 14 11.94 -4.14 -57.54
CA PRO F 14 10.50 -4.38 -57.45
C PRO F 14 10.14 -5.85 -57.60
N THR F 15 9.14 -6.26 -56.81
CA THR F 15 8.54 -7.59 -56.90
C THR F 15 7.03 -7.42 -56.92
N THR F 16 6.33 -8.46 -57.36
CA THR F 16 4.88 -8.42 -57.51
C THR F 16 4.28 -9.71 -56.98
N LYS F 17 2.99 -9.62 -56.64
CA LYS F 17 2.23 -10.78 -56.20
C LYS F 17 0.79 -10.62 -56.65
N THR F 18 -0.01 -11.67 -56.43
CA THR F 18 -1.40 -11.73 -56.86
C THR F 18 -2.29 -11.40 -55.66
N CYS F 19 -2.94 -10.25 -55.73
CA CYS F 19 -3.93 -9.84 -54.74
C CYS F 19 -5.31 -10.34 -55.17
N SER F 20 -5.99 -11.03 -54.25
CA SER F 20 -7.39 -11.40 -54.44
C SER F 20 -8.35 -10.30 -53.98
N GLU F 21 -7.83 -9.18 -53.47
CA GLU F 21 -8.65 -8.07 -53.02
C GLU F 21 -8.87 -7.09 -54.17
N THR F 22 -9.61 -6.02 -53.90
CA THR F 22 -9.92 -4.99 -54.89
C THR F 22 -9.12 -3.71 -54.68
N SER F 23 -8.09 -3.73 -53.83
CA SER F 23 -7.17 -2.60 -53.72
C SER F 23 -5.77 -3.11 -53.38
N CYS F 24 -4.77 -2.32 -53.77
CA CYS F 24 -3.38 -2.48 -53.36
C CYS F 24 -2.96 -1.23 -52.60
N TYR F 25 -2.09 -1.40 -51.59
CA TYR F 25 -1.74 -0.32 -50.68
C TYR F 25 -0.23 -0.08 -50.66
N LYS F 26 0.12 1.19 -50.47
CA LYS F 26 1.46 1.63 -50.09
C LYS F 26 1.36 2.29 -48.72
N LYS F 27 2.30 1.96 -47.84
CA LYS F 27 2.29 2.38 -46.45
C LYS F 27 3.67 2.95 -46.10
N THR F 28 3.73 4.23 -45.76
CA THR F 28 5.00 4.92 -45.53
C THR F 28 5.04 5.47 -44.11
N TRP F 29 6.15 5.23 -43.42
CA TRP F 29 6.38 5.86 -42.13
C TRP F 29 7.88 6.05 -41.93
N ARG F 30 8.23 6.70 -40.82
CA ARG F 30 9.61 7.06 -40.53
C ARG F 30 9.89 6.82 -39.05
N ASP F 31 10.82 5.91 -38.78
CA ASP F 31 11.35 5.70 -37.44
C ASP F 31 12.64 6.51 -37.27
N HIS F 32 13.40 6.25 -36.22
CA HIS F 32 14.63 7.00 -35.98
C HIS F 32 15.72 6.71 -37.00
N ARG F 33 15.67 5.55 -37.67
CA ARG F 33 16.71 5.17 -38.62
C ARG F 33 16.44 5.66 -40.04
N GLY F 34 15.19 5.85 -40.42
CA GLY F 34 14.87 6.32 -41.75
C GLY F 34 13.43 5.99 -42.11
N THR F 35 13.17 5.98 -43.42
CA THR F 35 11.84 5.79 -43.96
C THR F 35 11.64 4.34 -44.37
N ILE F 36 10.49 3.78 -43.99
CA ILE F 36 10.08 2.44 -44.39
C ILE F 36 8.84 2.56 -45.26
N ILE F 37 8.84 1.87 -46.40
CA ILE F 37 7.69 1.75 -47.27
C ILE F 37 7.33 0.27 -47.37
N GLU F 38 6.07 -0.05 -47.09
CA GLU F 38 5.53 -1.40 -47.15
C GLU F 38 4.43 -1.41 -48.21
N ARG F 39 4.51 -2.35 -49.14
CA ARG F 39 3.53 -2.49 -50.22
C ARG F 39 2.82 -3.81 -50.09
N GLY F 40 1.54 -3.83 -50.44
CA GLY F 40 0.80 -5.08 -50.35
C GLY F 40 -0.63 -4.98 -50.83
N CYS F 41 -1.43 -5.93 -50.37
CA CYS F 41 -2.81 -6.12 -50.83
C CYS F 41 -3.79 -5.43 -49.91
N GLY F 42 -4.92 -5.01 -50.46
CA GLY F 42 -6.02 -4.49 -49.66
C GLY F 42 -5.83 -3.04 -49.28
N CYS F 43 -6.58 -2.64 -48.25
CA CYS F 43 -6.51 -1.31 -47.66
C CYS F 43 -6.52 -1.47 -46.14
N PRO F 44 -5.38 -1.74 -45.53
CA PRO F 44 -5.39 -2.01 -44.09
C PRO F 44 -5.61 -0.75 -43.27
N LYS F 45 -6.04 -0.95 -42.03
CA LYS F 45 -6.18 0.13 -41.07
C LYS F 45 -4.83 0.38 -40.41
N VAL F 46 -4.34 1.61 -40.51
CA VAL F 46 -3.00 1.96 -40.06
C VAL F 46 -3.09 2.75 -38.76
N LYS F 47 -2.00 2.73 -38.00
CA LYS F 47 -1.91 3.53 -36.80
C LYS F 47 -1.77 5.00 -37.16
N PRO F 48 -2.13 5.92 -36.25
CA PRO F 48 -1.93 7.34 -36.55
C PRO F 48 -0.46 7.67 -36.74
N GLY F 49 -0.19 8.61 -37.66
CA GLY F 49 1.16 9.00 -37.99
C GLY F 49 1.77 8.27 -39.16
N ILE F 50 1.01 7.42 -39.86
CA ILE F 50 1.48 6.64 -40.99
C ILE F 50 0.75 7.12 -42.23
N LYS F 51 1.52 7.42 -43.28
CA LYS F 51 0.93 7.76 -44.57
C LYS F 51 0.46 6.49 -45.26
N LEU F 52 -0.75 6.52 -45.80
CA LEU F 52 -1.34 5.37 -46.48
C LEU F 52 -1.91 5.83 -47.82
N HIS F 53 -1.71 4.99 -48.84
CA HIS F 53 -2.22 5.25 -50.18
C HIS F 53 -2.78 3.95 -50.74
N CYS F 54 -4.10 3.85 -50.81
CA CYS F 54 -4.78 2.72 -51.41
C CYS F 54 -5.22 3.07 -52.83
N CYS F 55 -5.14 2.10 -53.73
CA CYS F 55 -5.46 2.33 -55.13
C CYS F 55 -5.98 1.05 -55.76
N ARG F 56 -6.85 1.21 -56.75
CA ARG F 56 -7.66 0.12 -57.30
C ARG F 56 -7.25 -0.26 -58.72
N THR F 57 -5.95 -0.19 -59.03
CA THR F 57 -5.45 -0.43 -60.37
C THR F 57 -4.26 -1.38 -60.32
N ASP F 58 -4.05 -2.11 -61.42
CA ASP F 58 -2.91 -3.00 -61.53
C ASP F 58 -1.61 -2.22 -61.38
N LYS F 59 -0.70 -2.72 -60.54
CA LYS F 59 0.63 -2.15 -60.38
C LYS F 59 0.57 -0.67 -60.00
N CYS F 60 -0.29 -0.35 -59.04
CA CYS F 60 -0.61 1.02 -58.67
C CYS F 60 0.08 1.49 -57.39
N ASN F 61 0.72 0.60 -56.63
CA ASN F 61 1.42 1.00 -55.41
C ASN F 61 2.89 1.33 -55.66
N ASN F 62 3.23 1.79 -56.87
CA ASN F 62 4.54 2.39 -57.15
C ASN F 62 4.57 3.06 -58.53
N ARG G 1 54.42 -14.09 8.96
CA ARG G 1 53.74 -14.02 7.64
C ARG G 1 54.69 -14.52 6.56
N ASN G 2 55.98 -14.61 6.87
CA ASN G 2 56.96 -14.96 5.86
C ASN G 2 56.71 -16.35 5.30
N GLN G 3 56.36 -17.31 6.18
CA GLN G 3 56.00 -18.64 5.68
C GLN G 3 54.68 -18.61 4.93
N GLU G 4 53.71 -17.84 5.44
CA GLU G 4 52.43 -17.72 4.73
C GLU G 4 52.62 -17.08 3.36
N GLU G 5 53.40 -16.00 3.30
CA GLU G 5 53.65 -15.33 2.02
C GLU G 5 54.44 -16.23 1.08
N ARG G 6 55.42 -16.97 1.62
CA ARG G 6 56.18 -17.93 0.82
C ARG G 6 55.25 -18.97 0.20
N LEU G 7 54.37 -19.55 1.02
CA LEU G 7 53.46 -20.57 0.54
C LEU G 7 52.52 -20.00 -0.51
N LEU G 8 51.99 -18.79 -0.29
CA LEU G 8 51.07 -18.20 -1.24
C LEU G 8 51.77 -17.94 -2.58
N GLY G 9 53.00 -17.42 -2.52
CA GLY G 9 53.74 -17.17 -3.75
C GLY G 9 54.06 -18.44 -4.50
N ASP G 10 54.44 -19.49 -3.78
CA ASP G 10 54.74 -20.76 -4.44
C ASP G 10 53.48 -21.41 -5.00
N LEU G 11 52.34 -21.22 -4.34
CA LEU G 11 51.11 -21.86 -4.77
C LEU G 11 50.51 -21.15 -5.97
N MET G 12 50.62 -19.81 -6.03
CA MET G 12 49.99 -19.02 -7.08
C MET G 12 50.86 -18.90 -8.34
N GLN G 13 51.94 -19.67 -8.44
CA GLN G 13 52.81 -19.62 -9.62
C GLN G 13 52.19 -20.46 -10.72
N GLY G 14 51.74 -19.82 -11.79
CA GLY G 14 51.13 -20.51 -12.89
C GLY G 14 49.72 -20.99 -12.65
N TYR G 15 49.09 -20.56 -11.55
CA TYR G 15 47.74 -21.00 -11.21
C TYR G 15 46.71 -20.21 -11.99
N ASN G 16 45.84 -20.92 -12.72
CA ASN G 16 44.73 -20.32 -13.43
C ASN G 16 43.44 -20.61 -12.66
N PRO G 17 42.80 -19.62 -12.02
CA PRO G 17 41.56 -19.94 -11.28
C PRO G 17 40.35 -20.22 -12.17
N HIS G 18 40.44 -19.98 -13.47
CA HIS G 18 39.32 -20.22 -14.38
C HIS G 18 39.41 -21.59 -15.06
N LEU G 19 40.33 -22.45 -14.63
CA LEU G 19 40.50 -23.78 -15.20
C LEU G 19 40.27 -24.83 -14.11
N ARG G 20 39.45 -25.82 -14.44
CA ARG G 20 39.02 -26.80 -13.46
C ARG G 20 40.19 -27.71 -13.07
N PRO G 21 40.36 -28.06 -11.79
CA PRO G 21 41.50 -28.91 -11.42
C PRO G 21 41.28 -30.35 -11.85
N ALA G 22 42.15 -30.81 -12.75
CA ALA G 22 42.15 -32.20 -13.19
C ALA G 22 43.59 -32.62 -13.46
N GLU G 23 44.09 -33.59 -12.68
CA GLU G 23 45.45 -34.07 -12.84
C GLU G 23 45.59 -35.05 -14.00
N HIS G 24 44.58 -35.90 -14.20
CA HIS G 24 44.50 -36.81 -15.35
C HIS G 24 43.19 -36.55 -16.08
N ASP G 25 43.12 -37.05 -17.30
CA ASP G 25 41.92 -36.84 -18.11
C ASP G 25 40.77 -37.68 -17.58
N SER G 26 39.55 -37.22 -17.88
CA SER G 26 38.32 -37.86 -17.41
C SER G 26 38.23 -37.86 -15.88
N ASP G 27 38.86 -36.90 -15.23
CA ASP G 27 38.74 -36.72 -13.79
C ASP G 27 37.54 -35.82 -13.49
N VAL G 28 36.79 -36.20 -12.47
CA VAL G 28 35.58 -35.48 -12.06
C VAL G 28 35.86 -34.90 -10.68
N VAL G 29 35.71 -33.59 -10.55
CA VAL G 29 35.99 -32.90 -9.29
C VAL G 29 34.81 -33.12 -8.35
N ASN G 30 35.04 -33.84 -7.26
CA ASN G 30 33.99 -34.07 -6.27
C ASN G 30 33.78 -32.81 -5.44
N VAL G 31 32.53 -32.38 -5.34
CA VAL G 31 32.14 -31.20 -4.56
C VAL G 31 31.05 -31.63 -3.59
N SER G 32 31.33 -31.50 -2.30
CA SER G 32 30.37 -31.78 -1.24
C SER G 32 29.72 -30.49 -0.78
N LEU G 33 28.40 -30.54 -0.61
CA LEU G 33 27.57 -29.37 -0.37
C LEU G 33 26.74 -29.57 0.89
N LYS G 34 26.73 -28.55 1.74
CA LYS G 34 25.90 -28.51 2.94
C LYS G 34 25.25 -27.14 3.03
N LEU G 35 24.04 -27.08 3.57
CA LEU G 35 23.28 -25.83 3.70
C LEU G 35 22.87 -25.67 5.16
N THR G 36 23.26 -24.54 5.75
CA THR G 36 22.81 -24.14 7.08
C THR G 36 21.86 -22.96 6.92
N LEU G 37 20.67 -23.08 7.50
CA LEU G 37 19.69 -22.00 7.51
C LEU G 37 19.78 -21.30 8.86
N THR G 38 20.09 -20.00 8.84
CA THR G 38 20.19 -19.23 10.08
C THR G 38 18.90 -18.54 10.47
N ASN G 39 18.16 -18.00 9.50
CA ASN G 39 16.82 -17.52 9.79
C ASN G 39 16.01 -17.50 8.50
N LEU G 40 14.79 -18.02 8.58
CA LEU G 40 13.80 -17.87 7.52
C LEU G 40 13.25 -16.45 7.61
N ILE G 41 13.65 -15.59 6.66
CA ILE G 41 13.25 -14.19 6.74
C ILE G 41 11.76 -14.05 6.47
N SER G 42 11.29 -14.54 5.33
CA SER G 42 9.87 -14.39 5.02
C SER G 42 9.45 -15.29 3.88
N LEU G 43 8.14 -15.39 3.70
CA LEU G 43 7.52 -15.96 2.50
C LEU G 43 6.46 -14.97 2.06
N ASN G 44 6.77 -14.20 1.01
CA ASN G 44 5.83 -13.27 0.42
C ASN G 44 4.96 -14.07 -0.55
N GLU G 45 3.67 -14.20 -0.22
CA GLU G 45 2.77 -15.01 -1.02
C GLU G 45 2.37 -14.34 -2.32
N ARG G 46 2.29 -13.01 -2.34
CA ARG G 46 1.85 -12.32 -3.55
C ARG G 46 2.94 -12.32 -4.62
N GLU G 47 4.21 -12.35 -4.23
CA GLU G 47 5.31 -12.58 -5.14
C GLU G 47 5.78 -14.03 -5.17
N GLU G 48 5.24 -14.89 -4.29
CA GLU G 48 5.60 -16.30 -4.24
C GLU G 48 7.11 -16.47 -4.05
N ALA G 49 7.66 -15.73 -3.09
CA ALA G 49 9.11 -15.67 -2.88
C ALA G 49 9.43 -16.00 -1.44
N LEU G 50 10.33 -16.97 -1.24
CA LEU G 50 10.86 -17.32 0.07
C LEU G 50 12.21 -16.64 0.22
N THR G 51 12.33 -15.74 1.20
CA THR G 51 13.56 -15.03 1.51
C THR G 51 14.21 -15.71 2.72
N THR G 52 15.45 -16.16 2.53
CA THR G 52 16.19 -16.93 3.52
C THR G 52 17.63 -16.44 3.64
N ASN G 53 18.17 -16.62 4.85
CA ASN G 53 19.57 -16.40 5.18
C ASN G 53 20.25 -17.75 5.34
N VAL G 54 21.22 -18.04 4.47
CA VAL G 54 21.86 -19.35 4.44
C VAL G 54 23.38 -19.20 4.46
N TRP G 55 24.03 -20.21 5.01
CA TRP G 55 25.48 -20.40 4.90
C TRP G 55 25.70 -21.71 4.16
N ILE G 56 26.36 -21.64 3.01
CA ILE G 56 26.58 -22.80 2.15
C ILE G 56 28.01 -23.27 2.37
N GLU G 57 28.17 -24.52 2.77
CA GLU G 57 29.48 -25.14 2.97
C GLU G 57 29.81 -25.95 1.72
N MET G 58 30.86 -25.54 1.01
CA MET G 58 31.35 -26.22 -0.18
C MET G 58 32.74 -26.76 0.11
N GLN G 59 32.95 -28.04 -0.18
CA GLN G 59 34.26 -28.67 -0.03
C GLN G 59 34.63 -29.40 -1.30
N TRP G 60 35.80 -29.07 -1.84
CA TRP G 60 36.38 -29.78 -2.98
C TRP G 60 37.88 -29.85 -2.74
N CYS G 61 38.60 -30.50 -3.65
CA CYS G 61 40.05 -30.62 -3.54
C CYS G 61 40.72 -30.29 -4.86
N ASP G 62 41.78 -29.49 -4.77
CA ASP G 62 42.53 -28.96 -5.91
C ASP G 62 43.96 -29.45 -5.80
N TYR G 63 44.37 -30.32 -6.73
CA TYR G 63 45.71 -30.88 -6.67
C TYR G 63 46.80 -29.81 -6.82
N ARG G 64 46.48 -28.69 -7.46
CA ARG G 64 47.46 -27.63 -7.65
C ARG G 64 47.78 -26.86 -6.37
N LEU G 65 46.88 -26.89 -5.39
CA LEU G 65 47.07 -26.19 -4.12
C LEU G 65 47.66 -27.11 -3.05
N ARG G 66 48.31 -28.19 -3.44
CA ARG G 66 48.92 -29.10 -2.49
C ARG G 66 50.28 -28.58 -2.05
N TRP G 67 50.63 -28.83 -0.79
CA TRP G 67 51.96 -28.49 -0.28
C TRP G 67 52.25 -29.37 0.92
N ASP G 68 53.52 -29.36 1.33
CA ASP G 68 54.00 -30.11 2.48
C ASP G 68 54.25 -29.15 3.64
N PRO G 69 53.63 -29.33 4.82
CA PRO G 69 53.85 -28.34 5.90
C PRO G 69 55.30 -28.20 6.34
N ARG G 70 56.08 -29.28 6.31
CA ARG G 70 57.45 -29.22 6.81
C ARG G 70 58.33 -28.29 5.99
N ASP G 71 57.97 -28.04 4.73
CA ASP G 71 58.72 -27.11 3.90
C ASP G 71 58.36 -25.65 4.17
N TYR G 72 57.39 -25.39 5.05
CA TYR G 72 56.92 -24.03 5.30
C TYR G 72 56.72 -23.81 6.80
N GLY G 73 57.65 -24.32 7.60
CA GLY G 73 57.63 -24.07 9.03
C GLY G 73 56.46 -24.68 9.76
N GLY G 74 55.91 -25.78 9.27
CA GLY G 74 54.77 -26.40 9.91
C GLY G 74 53.45 -25.71 9.68
N LEU G 75 53.34 -24.92 8.60
CA LEU G 75 52.08 -24.26 8.29
C LEU G 75 51.05 -25.28 7.80
N TRP G 76 49.91 -25.34 8.48
CA TRP G 76 48.90 -26.37 8.23
C TRP G 76 47.59 -25.84 7.67
N VAL G 77 47.47 -24.53 7.42
CA VAL G 77 46.24 -23.96 6.89
C VAL G 77 46.58 -22.62 6.26
N LEU G 78 45.83 -22.25 5.23
CA LEU G 78 46.03 -20.98 4.55
C LEU G 78 44.69 -20.38 4.17
N ARG G 79 44.50 -19.09 4.46
CA ARG G 79 43.29 -18.36 4.10
C ARG G 79 43.57 -17.57 2.83
N VAL G 80 42.84 -17.89 1.77
CA VAL G 80 43.08 -17.33 0.43
C VAL G 80 41.80 -16.63 -0.03
N PRO G 81 41.85 -15.49 -0.71
CA PRO G 81 40.62 -14.93 -1.26
C PRO G 81 39.96 -15.89 -2.23
N SER G 82 38.62 -15.97 -2.17
CA SER G 82 37.89 -16.90 -2.99
C SER G 82 37.97 -16.57 -4.48
N THR G 83 38.35 -15.33 -4.83
CA THR G 83 38.52 -14.97 -6.23
C THR G 83 39.77 -15.60 -6.83
N MET G 84 40.80 -15.82 -6.02
CA MET G 84 42.09 -16.28 -6.55
C MET G 84 42.16 -17.78 -6.79
N VAL G 85 41.21 -18.57 -6.25
CA VAL G 85 41.19 -20.01 -6.44
C VAL G 85 40.11 -20.36 -7.45
N TRP G 86 40.20 -21.56 -8.01
CA TRP G 86 39.10 -22.09 -8.80
C TRP G 86 37.95 -22.47 -7.89
N ARG G 87 36.74 -22.22 -8.36
CA ARG G 87 35.53 -22.43 -7.59
C ARG G 87 34.54 -23.25 -8.42
N PRO G 88 33.77 -24.16 -7.81
CA PRO G 88 32.60 -24.69 -8.52
C PRO G 88 31.50 -23.63 -8.53
N ASP G 89 31.08 -23.22 -9.73
CA ASP G 89 30.14 -22.11 -9.87
C ASP G 89 28.74 -22.59 -9.49
N ILE G 90 28.55 -22.85 -8.20
CA ILE G 90 27.29 -23.35 -7.68
C ILE G 90 26.37 -22.15 -7.50
N VAL G 91 25.16 -22.25 -8.06
CA VAL G 91 24.17 -21.19 -8.04
C VAL G 91 22.83 -21.78 -7.64
N LEU G 92 22.00 -20.94 -7.02
CA LEU G 92 20.61 -21.27 -6.76
C LEU G 92 19.84 -21.08 -8.07
N GLU G 93 19.43 -22.19 -8.69
CA GLU G 93 18.78 -22.10 -9.98
C GLU G 93 17.41 -21.43 -9.88
N ASN G 94 16.61 -21.82 -8.89
CA ASN G 94 15.25 -21.33 -8.75
C ASN G 94 15.27 -20.09 -7.86
N ASN G 95 15.79 -18.99 -8.42
CA ASN G 95 15.74 -17.68 -7.78
C ASN G 95 14.75 -16.82 -8.53
N VAL G 96 14.05 -15.97 -7.79
CA VAL G 96 12.95 -15.19 -8.32
C VAL G 96 13.33 -13.74 -8.61
N ASP G 97 14.44 -13.25 -8.05
CA ASP G 97 14.87 -11.86 -8.20
C ASP G 97 16.06 -11.69 -9.12
N GLY G 98 16.65 -12.77 -9.61
CA GLY G 98 17.79 -12.69 -10.50
C GLY G 98 19.15 -12.82 -9.82
N VAL G 99 19.19 -13.02 -8.50
CA VAL G 99 20.44 -13.16 -7.76
C VAL G 99 20.74 -14.64 -7.69
N PHE G 100 21.70 -15.09 -8.51
CA PHE G 100 22.12 -16.48 -8.53
C PHE G 100 23.19 -16.80 -7.50
N GLU G 101 23.93 -15.81 -7.03
CA GLU G 101 25.23 -16.01 -6.39
C GLU G 101 25.16 -15.66 -4.91
N VAL G 102 26.28 -15.93 -4.22
CA VAL G 102 26.36 -15.71 -2.78
C VAL G 102 26.52 -14.23 -2.48
N ALA G 103 26.19 -13.85 -1.24
CA ALA G 103 26.20 -12.45 -0.85
C ALA G 103 27.60 -11.92 -0.60
N LEU G 104 28.46 -12.73 0.02
CA LEU G 104 29.82 -12.32 0.38
C LEU G 104 30.79 -13.36 -0.13
N TYR G 105 31.82 -12.90 -0.83
CA TYR G 105 32.90 -13.78 -1.29
C TYR G 105 34.02 -13.72 -0.27
N CYS G 106 33.95 -14.61 0.71
CA CYS G 106 34.89 -14.65 1.82
C CYS G 106 36.14 -15.41 1.39
N ASN G 107 37.03 -15.69 2.33
CA ASN G 107 38.21 -16.49 2.06
C ASN G 107 37.88 -17.96 2.05
N VAL G 108 38.61 -18.71 1.24
CA VAL G 108 38.66 -20.15 1.31
C VAL G 108 39.77 -20.54 2.28
N LEU G 109 39.66 -21.76 2.82
CA LEU G 109 40.68 -22.33 3.70
C LEU G 109 41.29 -23.53 2.99
N VAL G 110 42.53 -23.36 2.51
CA VAL G 110 43.26 -24.40 1.82
C VAL G 110 44.11 -25.15 2.84
N SER G 111 44.07 -26.48 2.76
CA SER G 111 44.81 -27.39 3.62
C SER G 111 45.99 -28.00 2.86
N PRO G 112 46.97 -28.59 3.56
CA PRO G 112 48.17 -29.10 2.86
C PRO G 112 47.87 -30.18 1.84
N ASP G 113 46.79 -30.94 2.01
CA ASP G 113 46.39 -31.93 1.03
C ASP G 113 45.70 -31.33 -0.19
N GLY G 114 45.58 -30.00 -0.26
CA GLY G 114 44.93 -29.36 -1.39
C GLY G 114 43.43 -29.27 -1.29
N CYS G 115 42.84 -29.68 -0.18
CA CYS G 115 41.38 -29.69 -0.04
C CYS G 115 40.90 -28.34 0.49
N VAL G 116 39.96 -27.75 -0.25
CA VAL G 116 39.56 -26.36 -0.08
C VAL G 116 38.20 -26.33 0.64
N TYR G 117 38.11 -25.47 1.65
CA TYR G 117 36.87 -25.25 2.41
C TYR G 117 36.40 -23.82 2.16
N TRP G 118 35.12 -23.67 1.84
CA TRP G 118 34.54 -22.37 1.55
C TRP G 118 33.15 -22.30 2.17
N LEU G 119 32.89 -21.27 2.97
CA LEU G 119 31.61 -21.07 3.65
C LEU G 119 31.12 -19.65 3.43
N PRO G 120 30.64 -19.33 2.23
CA PRO G 120 30.11 -17.99 1.98
C PRO G 120 28.68 -17.87 2.48
N PRO G 121 28.30 -16.73 3.07
CA PRO G 121 26.89 -16.51 3.39
C PRO G 121 26.13 -15.95 2.20
N ALA G 122 24.81 -16.13 2.22
CA ALA G 122 23.97 -15.73 1.12
C ALA G 122 22.57 -15.34 1.59
N ILE G 123 22.03 -14.29 0.98
CA ILE G 123 20.62 -13.95 1.04
C ILE G 123 19.99 -14.47 -0.24
N PHE G 124 18.98 -15.33 -0.13
CA PHE G 124 18.36 -15.94 -1.29
C PHE G 124 16.86 -15.72 -1.28
N ARG G 125 16.35 -15.22 -2.41
CA ARG G 125 14.92 -15.14 -2.69
C ARG G 125 14.61 -16.20 -3.73
N SER G 126 13.95 -17.27 -3.32
CA SER G 126 13.69 -18.43 -4.14
C SER G 126 12.20 -18.53 -4.46
N SER G 127 11.90 -19.16 -5.60
CA SER G 127 10.51 -19.28 -6.05
C SER G 127 9.81 -20.40 -5.28
N CYS G 128 8.73 -20.04 -4.60
CA CYS G 128 7.89 -21.01 -3.88
C CYS G 128 6.46 -20.90 -4.37
N PRO G 129 5.97 -21.81 -5.25
CA PRO G 129 4.54 -21.76 -5.62
C PRO G 129 3.64 -22.02 -4.41
N VAL G 130 2.82 -21.03 -4.06
CA VAL G 130 2.00 -21.10 -2.86
C VAL G 130 0.70 -21.84 -3.19
N SER G 131 0.46 -22.94 -2.48
CA SER G 131 -0.84 -23.61 -2.53
C SER G 131 -1.78 -22.88 -1.58
N VAL G 132 -2.87 -22.33 -2.13
CA VAL G 132 -3.68 -21.35 -1.42
C VAL G 132 -4.98 -21.94 -0.90
N THR G 133 -5.22 -23.24 -1.07
CA THR G 133 -6.54 -23.81 -0.80
C THR G 133 -6.94 -23.65 0.66
N PHE G 134 -6.00 -23.87 1.59
CA PHE G 134 -6.28 -23.85 3.02
C PHE G 134 -5.74 -22.59 3.70
N PHE G 135 -5.49 -21.53 2.95
CA PHE G 135 -5.02 -20.28 3.53
C PHE G 135 -6.10 -19.72 4.46
N PRO G 136 -5.76 -19.25 5.68
CA PRO G 136 -4.44 -19.09 6.31
C PRO G 136 -4.01 -20.28 7.17
N PHE G 137 -4.65 -21.44 7.03
CA PHE G 137 -4.26 -22.65 7.74
C PHE G 137 -3.45 -23.59 6.86
N ASP G 138 -2.59 -23.03 6.01
CA ASP G 138 -1.90 -23.77 4.97
C ASP G 138 -0.49 -24.13 5.41
N TRP G 139 0.11 -25.04 4.66
CA TRP G 139 1.54 -25.34 4.76
C TRP G 139 2.09 -25.39 3.34
N GLN G 140 3.35 -24.97 3.21
CA GLN G 140 4.00 -24.83 1.92
C GLN G 140 5.25 -25.70 1.85
N ASN G 141 5.57 -26.10 0.62
CA ASN G 141 6.71 -26.96 0.31
C ASN G 141 7.64 -26.16 -0.61
N CYS G 142 8.55 -25.39 0.00
CA CYS G 142 9.47 -24.57 -0.76
C CYS G 142 10.75 -25.35 -1.06
N SER G 143 11.42 -24.95 -2.14
CA SER G 143 12.58 -25.68 -2.66
C SER G 143 13.73 -24.71 -2.89
N LEU G 144 14.95 -25.21 -2.69
CA LEU G 144 16.18 -24.50 -2.99
C LEU G 144 17.04 -25.44 -3.83
N ILE G 145 17.13 -25.15 -5.12
CA ILE G 145 17.81 -26.01 -6.09
C ILE G 145 19.17 -25.40 -6.38
N PHE G 146 20.23 -26.14 -6.07
CA PHE G 146 21.61 -25.71 -6.27
C PHE G 146 22.25 -26.56 -7.35
N GLN G 147 22.91 -25.90 -8.30
CA GLN G 147 23.57 -26.61 -9.39
C GLN G 147 24.69 -25.75 -9.95
N SER G 148 25.57 -26.39 -10.71
CA SER G 148 26.64 -25.66 -11.37
C SER G 148 26.10 -24.95 -12.61
N GLN G 149 26.49 -23.68 -12.76
CA GLN G 149 26.00 -22.91 -13.90
C GLN G 149 26.69 -23.32 -15.20
N THR G 150 27.92 -23.84 -15.12
CA THR G 150 28.76 -23.99 -16.31
C THR G 150 29.26 -25.42 -16.51
N TYR G 151 29.51 -26.14 -15.43
CA TYR G 151 30.11 -27.47 -15.52
C TYR G 151 29.05 -28.55 -15.54
N SER G 152 29.41 -29.69 -16.14
CA SER G 152 28.52 -30.82 -16.33
C SER G 152 28.88 -31.96 -15.38
N THR G 153 28.14 -33.06 -15.50
CA THR G 153 28.35 -34.20 -14.60
C THR G 153 29.64 -34.96 -14.92
N ASN G 154 30.18 -34.79 -16.13
CA ASN G 154 31.47 -35.36 -16.47
C ASN G 154 32.63 -34.48 -16.00
N GLU G 155 32.35 -33.35 -15.36
CA GLU G 155 33.37 -32.41 -14.91
C GLU G 155 33.39 -32.25 -13.39
N ILE G 156 32.22 -32.12 -12.76
CA ILE G 156 32.11 -32.07 -11.31
C ILE G 156 31.07 -33.09 -10.85
N ASN G 157 31.32 -33.72 -9.71
CA ASN G 157 30.38 -34.62 -9.06
C ASN G 157 29.86 -33.90 -7.81
N LEU G 158 28.69 -33.29 -7.94
CA LEU G 158 28.10 -32.52 -6.85
C LEU G 158 27.26 -33.44 -5.99
N GLN G 159 27.65 -33.58 -4.72
CA GLN G 159 27.02 -34.51 -3.79
C GLN G 159 26.78 -33.82 -2.46
N LEU G 160 26.02 -34.50 -1.60
CA LEU G 160 25.77 -34.00 -0.26
C LEU G 160 26.97 -34.28 0.65
N SER G 161 27.13 -33.44 1.66
CA SER G 161 28.28 -33.54 2.54
C SER G 161 28.18 -34.76 3.45
N GLN G 162 29.35 -35.29 3.82
CA GLN G 162 29.47 -36.43 4.73
C GLN G 162 30.20 -35.97 5.98
N GLU G 163 29.53 -36.08 7.13
CA GLU G 163 30.18 -35.98 8.43
C GLU G 163 30.62 -37.38 8.83
N ASP G 164 30.93 -37.62 10.10
CA ASP G 164 31.61 -38.86 10.51
C ASP G 164 30.67 -40.05 10.26
N GLY G 165 30.81 -40.64 9.07
CA GLY G 165 30.10 -41.84 8.71
C GLY G 165 28.68 -41.64 8.21
N GLN G 166 28.14 -40.42 8.27
CA GLN G 166 26.73 -40.17 7.98
C GLN G 166 26.62 -39.01 6.98
N THR G 167 25.79 -39.21 5.96
CA THR G 167 25.53 -38.15 4.98
C THR G 167 24.49 -37.20 5.53
N ILE G 168 24.74 -35.90 5.38
CA ILE G 168 23.84 -34.85 5.86
C ILE G 168 22.79 -34.64 4.76
N GLU G 169 21.65 -35.30 4.89
CA GLU G 169 20.56 -35.24 3.93
C GLU G 169 19.45 -34.32 4.40
N TRP G 170 19.82 -33.24 5.08
CA TRP G 170 18.85 -32.29 5.62
C TRP G 170 19.50 -30.91 5.63
N ILE G 171 18.65 -29.88 5.70
CA ILE G 171 19.15 -28.54 5.99
C ILE G 171 19.59 -28.53 7.46
N PHE G 172 20.82 -28.11 7.71
CA PHE G 172 21.28 -28.04 9.09
C PHE G 172 20.77 -26.77 9.75
N ILE G 173 20.31 -26.91 10.98
CA ILE G 173 19.84 -25.78 11.79
C ILE G 173 20.50 -25.86 13.15
N ASP G 174 21.10 -24.75 13.58
CA ASP G 174 21.68 -24.66 14.90
C ASP G 174 20.57 -24.76 15.95
N PRO G 175 20.58 -25.74 16.85
CA PRO G 175 19.54 -25.74 17.89
C PRO G 175 19.60 -24.53 18.81
N GLU G 176 20.81 -24.11 19.20
CA GLU G 176 20.95 -23.01 20.14
C GLU G 176 20.65 -21.67 19.48
N ALA G 177 21.20 -21.44 18.29
CA ALA G 177 21.23 -20.10 17.71
C ALA G 177 20.03 -19.76 16.85
N PHE G 178 19.14 -20.70 16.57
CA PHE G 178 18.03 -20.44 15.65
C PHE G 178 16.90 -19.70 16.34
N THR G 179 16.49 -18.59 15.75
CA THR G 179 15.28 -17.88 16.14
C THR G 179 14.18 -18.21 15.14
N GLU G 180 13.07 -18.76 15.64
CA GLU G 180 11.99 -19.19 14.77
C GLU G 180 11.33 -17.99 14.11
N ASN G 181 10.95 -18.16 12.85
CA ASN G 181 10.20 -17.13 12.14
C ASN G 181 8.85 -16.91 12.82
N GLY G 182 8.40 -15.66 12.81
CA GLY G 182 7.20 -15.30 13.54
C GLY G 182 5.90 -15.81 12.93
N GLU G 183 5.92 -16.27 11.67
CA GLU G 183 4.73 -16.75 10.99
C GLU G 183 4.87 -18.15 10.41
N TRP G 184 6.05 -18.77 10.48
CA TRP G 184 6.30 -20.05 9.83
C TRP G 184 7.12 -20.95 10.74
N ALA G 185 6.69 -22.19 10.87
CA ALA G 185 7.42 -23.21 11.63
C ALA G 185 7.87 -24.31 10.68
N ILE G 186 9.15 -24.68 10.79
CA ILE G 186 9.75 -25.66 9.90
C ILE G 186 9.46 -27.04 10.47
N ARG G 187 8.68 -27.84 9.73
CA ARG G 187 8.33 -29.19 10.18
C ARG G 187 9.32 -30.23 9.66
N HIS G 188 9.66 -30.16 8.38
CA HIS G 188 10.63 -31.06 7.76
C HIS G 188 11.62 -30.24 6.95
N ARG G 189 12.84 -30.76 6.85
CA ARG G 189 13.93 -30.03 6.19
C ARG G 189 14.89 -30.98 5.48
N PRO G 190 14.41 -31.85 4.59
CA PRO G 190 15.30 -32.84 3.97
C PRO G 190 16.13 -32.24 2.84
N ALA G 191 17.12 -33.02 2.40
CA ALA G 191 17.94 -32.68 1.25
C ALA G 191 18.08 -33.92 0.36
N LYS G 192 18.16 -33.69 -0.94
CA LYS G 192 18.28 -34.76 -1.91
C LYS G 192 19.24 -34.37 -3.01
N MET G 193 19.82 -35.39 -3.64
CA MET G 193 20.67 -35.24 -4.82
C MET G 193 19.97 -35.91 -5.98
N LEU G 194 19.63 -35.13 -7.00
CA LEU G 194 18.87 -35.62 -8.15
C LEU G 194 19.73 -35.58 -9.40
N LEU G 195 19.76 -36.71 -10.11
CA LEU G 195 20.44 -36.86 -11.38
C LEU G 195 19.55 -37.70 -12.29
N ASP G 196 18.98 -37.06 -13.31
CA ASP G 196 18.17 -37.80 -14.28
C ASP G 196 19.05 -38.74 -15.09
N GLU G 197 18.67 -40.01 -15.14
CA GLU G 197 19.51 -41.01 -15.78
C GLU G 197 19.61 -40.79 -17.28
N ALA G 198 18.53 -40.34 -17.91
CA ALA G 198 18.50 -40.10 -19.35
C ALA G 198 18.97 -38.70 -19.74
N ALA G 199 19.39 -37.89 -18.78
CA ALA G 199 19.83 -36.54 -19.11
C ALA G 199 21.14 -36.59 -19.90
N PRO G 200 21.39 -35.61 -20.78
CA PRO G 200 22.71 -35.55 -21.42
C PRO G 200 23.80 -35.30 -20.40
N ALA G 201 24.85 -36.12 -20.44
CA ALA G 201 25.94 -35.98 -19.48
C ALA G 201 26.80 -34.75 -19.76
N GLU G 202 26.89 -34.31 -21.01
CA GLU G 202 27.72 -33.16 -21.34
C GLU G 202 27.07 -31.83 -20.97
N GLU G 203 25.74 -31.80 -20.79
CA GLU G 203 25.08 -30.55 -20.44
C GLU G 203 25.35 -30.19 -18.98
N ALA G 204 25.29 -28.89 -18.69
CA ALA G 204 25.82 -28.40 -17.42
C ALA G 204 24.90 -28.74 -16.25
N GLY G 205 23.69 -28.18 -16.23
CA GLY G 205 22.85 -28.22 -15.06
C GLY G 205 21.86 -29.35 -14.99
N HIS G 206 22.32 -30.58 -14.75
CA HIS G 206 21.47 -31.74 -14.58
C HIS G 206 21.64 -32.46 -13.25
N GLN G 207 22.83 -32.44 -12.66
CA GLN G 207 23.02 -32.91 -11.29
C GLN G 207 22.69 -31.75 -10.36
N LYS G 208 21.64 -31.93 -9.56
CA LYS G 208 21.13 -30.89 -8.67
C LYS G 208 21.17 -31.38 -7.24
N VAL G 209 21.39 -30.46 -6.30
CA VAL G 209 21.21 -30.70 -4.88
C VAL G 209 20.04 -29.82 -4.45
N VAL G 210 18.95 -30.44 -4.01
CA VAL G 210 17.71 -29.74 -3.70
C VAL G 210 17.46 -29.87 -2.22
N PHE G 211 17.31 -28.72 -1.56
CA PHE G 211 16.93 -28.65 -0.15
C PHE G 211 15.48 -28.23 -0.05
N TYR G 212 14.67 -29.00 0.66
CA TYR G 212 13.25 -28.78 0.80
C TYR G 212 12.95 -28.20 2.17
N LEU G 213 12.01 -27.26 2.22
CA LEU G 213 11.50 -26.68 3.46
C LEU G 213 9.99 -26.84 3.47
N LEU G 214 9.50 -27.72 4.32
CA LEU G 214 8.07 -27.89 4.56
C LEU G 214 7.73 -27.05 5.79
N ILE G 215 6.97 -25.98 5.58
CA ILE G 215 6.75 -24.95 6.58
C ILE G 215 5.25 -24.80 6.81
N GLN G 216 4.85 -24.79 8.07
CA GLN G 216 3.46 -24.62 8.47
C GLN G 216 3.25 -23.18 8.95
N ARG G 217 2.17 -22.56 8.48
CA ARG G 217 1.87 -21.20 8.88
C ARG G 217 1.24 -21.18 10.26
N LYS G 218 1.68 -20.26 11.10
CA LYS G 218 1.04 -20.03 12.39
C LYS G 218 -0.11 -19.05 12.19
N PRO G 219 -1.38 -19.47 12.27
CA PRO G 219 -2.47 -18.60 11.81
C PRO G 219 -3.02 -17.67 12.88
N LEU G 220 -2.29 -17.48 13.98
CA LEU G 220 -2.85 -16.80 15.15
C LEU G 220 -3.26 -15.36 14.83
N PHE G 221 -2.51 -14.67 13.97
CA PHE G 221 -2.88 -13.30 13.62
C PHE G 221 -4.24 -13.25 12.91
N TYR G 222 -4.45 -14.16 11.96
CA TYR G 222 -5.72 -14.17 11.23
C TYR G 222 -6.87 -14.64 12.11
N VAL G 223 -6.61 -15.52 13.07
CA VAL G 223 -7.65 -15.92 14.01
C VAL G 223 -8.04 -14.75 14.89
N ILE G 224 -7.06 -14.02 15.41
CA ILE G 224 -7.34 -12.96 16.37
C ILE G 224 -7.99 -11.77 15.67
N ASN G 225 -7.47 -11.37 14.51
CA ASN G 225 -7.82 -10.08 13.92
C ASN G 225 -8.88 -10.14 12.84
N ILE G 226 -9.14 -11.32 12.24
CA ILE G 226 -10.04 -11.42 11.10
C ILE G 226 -11.13 -12.46 11.36
N ILE G 227 -10.74 -13.70 11.65
CA ILE G 227 -11.70 -14.79 11.60
C ILE G 227 -12.71 -14.68 12.75
N ALA G 228 -12.24 -14.59 13.98
CA ALA G 228 -13.15 -14.54 15.12
C ALA G 228 -14.05 -13.30 15.12
N PRO G 229 -13.56 -12.09 14.87
CA PRO G 229 -14.48 -10.95 14.74
C PRO G 229 -15.53 -11.12 13.64
N CYS G 230 -15.13 -11.70 12.50
CA CYS G 230 -16.09 -11.94 11.43
C CYS G 230 -17.14 -12.96 11.86
N VAL G 231 -16.72 -14.03 12.55
CA VAL G 231 -17.66 -15.03 13.03
C VAL G 231 -18.67 -14.40 13.98
N LEU G 232 -18.18 -13.56 14.90
CA LEU G 232 -19.08 -12.92 15.85
C LEU G 232 -20.05 -11.97 15.16
N ILE G 233 -19.54 -11.14 14.25
CA ILE G 233 -20.39 -10.16 13.58
C ILE G 233 -21.43 -10.86 12.70
N SER G 234 -21.06 -11.99 12.10
CA SER G 234 -22.03 -12.74 11.31
C SER G 234 -23.06 -13.43 12.20
N SER G 235 -22.64 -13.90 13.39
CA SER G 235 -23.58 -14.50 14.32
C SER G 235 -24.53 -13.48 14.94
N VAL G 236 -24.20 -12.19 14.89
CA VAL G 236 -25.15 -11.17 15.32
C VAL G 236 -26.42 -11.24 14.49
N ALA G 237 -26.30 -11.53 13.20
CA ALA G 237 -27.46 -11.53 12.31
C ALA G 237 -28.47 -12.61 12.69
N ILE G 238 -28.05 -13.68 13.38
CA ILE G 238 -28.99 -14.69 13.82
C ILE G 238 -29.95 -14.14 14.87
N LEU G 239 -29.60 -13.05 15.54
CA LEU G 239 -30.45 -12.51 16.61
C LEU G 239 -31.71 -11.84 16.10
N ILE G 240 -31.83 -11.55 14.81
CA ILE G 240 -33.00 -10.81 14.33
C ILE G 240 -34.27 -11.63 14.39
N TYR G 241 -34.17 -12.95 14.51
CA TYR G 241 -35.35 -13.79 14.64
C TYR G 241 -36.06 -13.63 15.98
N PHE G 242 -35.41 -12.99 16.95
CA PHE G 242 -36.02 -12.71 18.25
C PHE G 242 -36.54 -11.28 18.38
N LEU G 243 -36.19 -10.40 17.44
CA LEU G 243 -36.76 -9.06 17.44
C LEU G 243 -38.21 -9.11 16.94
N PRO G 244 -39.06 -8.18 17.37
CA PRO G 244 -40.44 -8.21 16.89
C PRO G 244 -40.54 -7.81 15.42
N ALA G 245 -41.58 -8.34 14.76
CA ALA G 245 -41.83 -8.07 13.35
C ALA G 245 -42.82 -6.91 13.21
N LYS G 246 -42.39 -5.75 13.66
CA LYS G 246 -43.19 -4.54 13.62
C LYS G 246 -42.27 -3.34 13.53
N ALA G 247 -42.86 -2.15 13.45
CA ALA G 247 -42.06 -0.92 13.47
C ALA G 247 -41.40 -0.76 14.83
N GLY G 248 -40.09 -0.52 14.82
CA GLY G 248 -39.30 -0.46 16.03
C GLY G 248 -38.58 -1.74 16.37
N GLY G 249 -38.91 -2.86 15.71
CA GLY G 249 -38.17 -4.08 15.92
C GLY G 249 -36.78 -4.05 15.32
N GLN G 250 -36.64 -3.42 14.15
CA GLN G 250 -35.34 -3.15 13.53
C GLN G 250 -34.64 -4.43 13.09
N LYS G 251 -35.39 -5.35 12.47
CA LYS G 251 -34.76 -6.54 11.89
C LYS G 251 -33.86 -6.17 10.72
N CYS G 252 -34.41 -5.41 9.76
CA CYS G 252 -33.68 -5.15 8.52
C CYS G 252 -32.47 -4.27 8.78
N THR G 253 -32.60 -3.29 9.69
CA THR G 253 -31.46 -2.48 10.08
C THR G 253 -30.32 -3.33 10.57
N VAL G 254 -30.61 -4.26 11.49
CA VAL G 254 -29.56 -5.09 12.08
C VAL G 254 -28.91 -5.98 11.02
N ALA G 255 -29.73 -6.64 10.20
CA ALA G 255 -29.18 -7.56 9.22
C ALA G 255 -28.34 -6.83 8.17
N ILE G 256 -28.85 -5.72 7.64
CA ILE G 256 -28.13 -5.02 6.59
C ILE G 256 -26.89 -4.32 7.14
N ASN G 257 -26.91 -3.85 8.40
CA ASN G 257 -25.71 -3.29 8.97
C ASN G 257 -24.65 -4.36 9.24
N VAL G 258 -25.09 -5.57 9.58
CA VAL G 258 -24.14 -6.68 9.67
C VAL G 258 -23.51 -6.93 8.31
N LEU G 259 -24.31 -6.85 7.25
CA LEU G 259 -23.76 -7.02 5.90
C LEU G 259 -22.74 -5.92 5.57
N LEU G 260 -23.04 -4.69 6.00
CA LEU G 260 -22.08 -3.59 5.80
C LEU G 260 -20.76 -3.87 6.51
N ALA G 261 -20.84 -4.36 7.75
CA ALA G 261 -19.63 -4.74 8.47
C ALA G 261 -18.87 -5.85 7.75
N GLN G 262 -19.59 -6.81 7.19
CA GLN G 262 -18.95 -7.88 6.42
C GLN G 262 -18.27 -7.33 5.18
N THR G 263 -18.82 -6.29 4.56
CA THR G 263 -18.16 -5.67 3.42
C THR G 263 -16.87 -4.96 3.85
N VAL G 264 -16.90 -4.31 5.02
CA VAL G 264 -15.66 -3.76 5.57
C VAL G 264 -14.63 -4.87 5.77
N PHE G 265 -15.08 -6.04 6.22
CA PHE G 265 -14.16 -7.16 6.39
C PHE G 265 -13.64 -7.66 5.05
N LEU G 266 -14.46 -7.61 4.00
CA LEU G 266 -13.97 -7.93 2.67
C LEU G 266 -12.83 -7.02 2.28
N PHE G 267 -12.97 -5.73 2.58
CA PHE G 267 -11.86 -4.81 2.31
C PHE G 267 -10.64 -5.16 3.14
N LEU G 268 -10.84 -5.56 4.40
CA LEU G 268 -9.69 -5.88 5.25
C LEU G 268 -8.91 -7.08 4.72
N VAL G 269 -9.61 -8.16 4.36
CA VAL G 269 -8.91 -9.33 3.82
C VAL G 269 -8.46 -9.14 2.38
N ALA G 270 -9.00 -8.17 1.65
CA ALA G 270 -8.63 -8.01 0.25
C ALA G 270 -7.15 -7.68 0.08
N LYS G 271 -6.53 -7.09 1.10
CA LYS G 271 -5.14 -6.69 1.06
C LYS G 271 -4.18 -7.77 1.56
N LYS G 272 -4.68 -8.97 1.86
CA LYS G 272 -3.88 -10.02 2.49
C LYS G 272 -3.94 -11.37 1.81
N VAL G 273 -4.90 -11.61 0.91
CA VAL G 273 -5.06 -12.94 0.32
C VAL G 273 -4.19 -13.04 -0.91
N PRO G 274 -3.55 -14.19 -1.22
CA PRO G 274 -2.80 -14.29 -2.46
C PRO G 274 -3.72 -14.20 -3.67
N GLU G 275 -3.13 -13.80 -4.81
CA GLU G 275 -3.88 -13.43 -6.00
C GLU G 275 -3.68 -14.42 -7.15
N THR G 276 -3.51 -15.70 -6.82
CA THR G 276 -3.48 -16.76 -7.84
C THR G 276 -4.90 -17.28 -8.06
N SER G 277 -5.05 -18.22 -9.01
CA SER G 277 -6.39 -18.65 -9.44
C SER G 277 -6.49 -20.16 -9.69
N GLN G 278 -5.64 -20.98 -9.08
CA GLN G 278 -5.88 -22.43 -9.14
C GLN G 278 -6.97 -22.85 -8.16
N ALA G 279 -7.06 -22.20 -7.01
CA ALA G 279 -8.00 -22.58 -5.98
C ALA G 279 -8.51 -21.33 -5.28
N VAL G 280 -9.68 -21.47 -4.66
CA VAL G 280 -10.27 -20.38 -3.87
C VAL G 280 -9.74 -20.54 -2.45
N PRO G 281 -9.22 -19.49 -1.80
CA PRO G 281 -8.74 -19.66 -0.43
C PRO G 281 -9.86 -20.02 0.54
N LEU G 282 -9.48 -20.69 1.62
CA LEU G 282 -10.46 -21.10 2.62
C LEU G 282 -11.14 -19.88 3.25
N ILE G 283 -10.36 -18.82 3.52
CA ILE G 283 -10.93 -17.62 4.10
C ILE G 283 -11.89 -16.95 3.13
N SER G 284 -11.56 -16.94 1.83
CA SER G 284 -12.46 -16.35 0.85
C SER G 284 -13.75 -17.16 0.74
N LYS G 285 -13.65 -18.49 0.74
CA LYS G 285 -14.84 -19.32 0.74
C LYS G 285 -15.71 -19.04 1.95
N TYR G 286 -15.09 -18.93 3.12
CA TYR G 286 -15.87 -18.70 4.33
C TYR G 286 -16.53 -17.33 4.32
N LEU G 287 -15.82 -16.31 3.88
CA LEU G 287 -16.41 -14.97 3.82
C LEU G 287 -17.56 -14.92 2.83
N THR G 288 -17.41 -15.60 1.69
CA THR G 288 -18.52 -15.67 0.74
C THR G 288 -19.72 -16.38 1.36
N PHE G 289 -19.47 -17.47 2.10
CA PHE G 289 -20.54 -18.18 2.77
C PHE G 289 -21.25 -17.29 3.79
N LEU G 290 -20.48 -16.55 4.59
CA LEU G 290 -21.07 -15.66 5.58
C LEU G 290 -21.89 -14.57 4.91
N LEU G 291 -21.38 -14.02 3.79
CA LEU G 291 -22.14 -13.06 3.03
C LEU G 291 -23.48 -13.64 2.57
N VAL G 292 -23.44 -14.83 1.99
CA VAL G 292 -24.67 -15.44 1.48
C VAL G 292 -25.65 -15.72 2.61
N VAL G 293 -25.12 -16.12 3.77
CA VAL G 293 -25.99 -16.36 4.92
C VAL G 293 -26.67 -15.05 5.35
N THR G 294 -25.92 -13.96 5.38
CA THR G 294 -26.52 -12.67 5.72
C THR G 294 -27.57 -12.26 4.68
N ILE G 295 -27.30 -12.52 3.40
CA ILE G 295 -28.28 -12.23 2.36
C ILE G 295 -29.56 -13.01 2.61
N LEU G 296 -29.43 -14.30 2.96
CA LEU G 296 -30.62 -15.11 3.21
C LEU G 296 -31.37 -14.61 4.45
N ILE G 297 -30.63 -14.16 5.47
CA ILE G 297 -31.27 -13.60 6.65
C ILE G 297 -32.06 -12.35 6.29
N VAL G 298 -31.51 -11.50 5.43
CA VAL G 298 -32.22 -10.30 4.99
C VAL G 298 -33.47 -10.68 4.20
N VAL G 299 -33.34 -11.67 3.31
CA VAL G 299 -34.50 -12.14 2.54
C VAL G 299 -35.60 -12.62 3.48
N ASN G 300 -35.24 -13.42 4.48
CA ASN G 300 -36.24 -13.94 5.38
C ASN G 300 -36.84 -12.84 6.25
N ALA G 301 -36.03 -11.85 6.63
CA ALA G 301 -36.56 -10.73 7.38
C ALA G 301 -37.59 -9.96 6.57
N VAL G 302 -37.30 -9.72 5.29
CA VAL G 302 -38.25 -9.02 4.44
C VAL G 302 -39.53 -9.84 4.29
N VAL G 303 -39.39 -11.14 4.07
CA VAL G 303 -40.56 -12.00 3.89
C VAL G 303 -41.40 -12.03 5.16
N VAL G 304 -40.76 -12.14 6.33
CA VAL G 304 -41.50 -12.24 7.58
C VAL G 304 -42.19 -10.93 7.88
N LEU G 305 -41.52 -9.80 7.62
CA LEU G 305 -42.16 -8.50 7.84
C LEU G 305 -43.36 -8.33 6.89
N ASN G 306 -43.21 -8.76 5.64
CA ASN G 306 -44.32 -8.71 4.71
C ASN G 306 -45.50 -9.53 5.21
N VAL G 307 -45.23 -10.75 5.68
CA VAL G 307 -46.31 -11.60 6.18
C VAL G 307 -46.96 -10.98 7.42
N SER G 308 -46.14 -10.46 8.34
CA SER G 308 -46.67 -9.98 9.61
C SER G 308 -47.47 -8.70 9.46
N LEU G 309 -47.07 -7.84 8.52
CA LEU G 309 -47.72 -6.55 8.34
C LEU G 309 -48.85 -6.60 7.31
N ARG G 310 -49.24 -7.79 6.85
CA ARG G 310 -50.39 -7.91 5.96
C ARG G 310 -51.65 -7.51 6.71
N SER G 311 -52.22 -6.37 6.35
CA SER G 311 -53.48 -5.96 6.94
C SER G 311 -54.62 -6.82 6.38
N PRO G 312 -55.71 -7.02 7.13
CA PRO G 312 -56.81 -7.84 6.61
C PRO G 312 -57.47 -7.27 5.36
N HIS G 313 -57.32 -5.98 5.07
CA HIS G 313 -57.93 -5.41 3.88
C HIS G 313 -57.26 -5.88 2.59
N THR G 314 -56.11 -6.55 2.68
CA THR G 314 -55.45 -7.16 1.53
C THR G 314 -55.05 -8.61 1.78
N HIS G 315 -55.41 -9.18 2.93
CA HIS G 315 -55.03 -10.54 3.28
C HIS G 315 -53.50 -10.73 3.23
N PRO G 416 -88.69 10.76 18.10
CA PRO G 416 -88.24 12.14 17.93
C PRO G 416 -86.69 12.18 17.93
N ALA G 417 -86.02 12.90 18.84
CA ALA G 417 -84.56 12.89 18.86
C ALA G 417 -84.01 11.57 19.38
N ILE G 418 -84.81 10.79 20.10
CA ILE G 418 -84.33 9.51 20.61
C ILE G 418 -84.09 8.54 19.45
N GLN G 419 -84.93 8.59 18.43
CA GLN G 419 -84.73 7.73 17.26
C GLN G 419 -83.48 8.11 16.48
N ALA G 420 -83.06 9.38 16.54
CA ALA G 420 -81.77 9.76 15.97
C ALA G 420 -80.61 9.33 16.85
N CYS G 421 -80.79 9.42 18.18
CA CYS G 421 -79.73 9.01 19.10
C CYS G 421 -79.43 7.53 19.00
N VAL G 422 -80.46 6.70 18.87
CA VAL G 422 -80.20 5.27 18.77
C VAL G 422 -79.48 4.95 17.47
N GLU G 423 -79.81 5.66 16.38
CA GLU G 423 -79.07 5.48 15.13
C GLU G 423 -77.61 5.87 15.30
N ALA G 424 -77.35 7.01 15.94
CA ALA G 424 -75.97 7.44 16.15
C ALA G 424 -75.20 6.45 17.02
N CYS G 425 -75.83 5.97 18.09
CA CYS G 425 -75.19 5.01 18.98
C CYS G 425 -74.92 3.68 18.26
N ASN G 426 -75.87 3.24 17.43
CA ASN G 426 -75.66 2.02 16.65
C ASN G 426 -74.49 2.19 15.69
N LEU G 427 -74.40 3.35 15.05
CA LEU G 427 -73.27 3.62 14.16
C LEU G 427 -71.96 3.60 14.92
N ILE G 428 -71.93 4.19 16.12
CA ILE G 428 -70.71 4.22 16.94
C ILE G 428 -70.29 2.80 17.29
N ALA G 429 -71.24 1.99 17.76
CA ALA G 429 -70.95 0.63 18.18
C ALA G 429 -70.50 -0.22 16.99
N ARG G 430 -71.14 -0.03 15.83
CA ARG G 430 -70.76 -0.79 14.64
C ARG G 430 -69.34 -0.43 14.22
N ALA G 431 -68.98 0.85 14.26
CA ALA G 431 -67.62 1.24 13.90
C ALA G 431 -66.61 0.64 14.88
N ARG G 432 -66.93 0.63 16.17
CA ARG G 432 -65.99 0.06 17.13
C ARG G 432 -65.84 -1.44 16.94
N HIS G 433 -66.95 -2.13 16.61
CA HIS G 433 -66.87 -3.56 16.33
C HIS G 433 -66.02 -3.84 15.10
N GLN G 434 -66.16 -3.00 14.07
CA GLN G 434 -65.32 -3.13 12.89
C GLN G 434 -63.84 -2.96 13.24
N GLN G 435 -63.53 -1.98 14.08
CA GLN G 435 -62.15 -1.76 14.51
C GLN G 435 -61.61 -2.97 15.28
N THR G 436 -62.44 -3.54 16.16
CA THR G 436 -62.01 -4.71 16.93
C THR G 436 -61.72 -5.90 16.01
N HIS G 437 -62.59 -6.12 15.01
CA HIS G 437 -62.35 -7.20 14.06
C HIS G 437 -61.06 -6.97 13.28
N PHE G 438 -60.81 -5.71 12.90
CA PHE G 438 -59.56 -5.38 12.21
C PHE G 438 -58.35 -5.72 13.07
N ASP G 439 -58.41 -5.36 14.35
CA ASP G 439 -57.31 -5.66 15.26
C ASP G 439 -57.09 -7.16 15.39
N SER G 440 -58.18 -7.92 15.48
CA SER G 440 -58.06 -9.38 15.58
C SER G 440 -57.37 -9.97 14.35
N GLY G 441 -57.75 -9.50 13.16
CA GLY G 441 -57.09 -9.98 11.95
C GLY G 441 -55.61 -9.64 11.91
N ASN G 442 -55.27 -8.41 12.32
CA ASN G 442 -53.86 -8.03 12.38
C ASN G 442 -53.08 -8.92 13.34
N LYS G 443 -53.68 -9.25 14.49
CA LYS G 443 -53.02 -10.13 15.44
C LYS G 443 -52.82 -11.53 14.86
N GLU G 444 -53.80 -12.02 14.10
CA GLU G 444 -53.67 -13.34 13.49
C GLU G 444 -52.49 -13.38 12.53
N TRP G 445 -52.38 -12.34 11.68
CA TRP G 445 -51.25 -12.29 10.75
C TRP G 445 -49.92 -12.20 11.52
N PHE G 446 -49.92 -11.45 12.62
CA PHE G 446 -48.71 -11.33 13.44
C PHE G 446 -48.27 -12.68 13.99
N LEU G 447 -49.21 -13.46 14.52
CA LEU G 447 -48.87 -14.79 15.03
C LEU G 447 -48.36 -15.72 13.92
N VAL G 448 -48.95 -15.62 12.72
CA VAL G 448 -48.46 -16.44 11.61
C VAL G 448 -47.00 -16.09 11.31
N GLY G 449 -46.70 -14.79 11.25
CA GLY G 449 -45.32 -14.39 11.08
C GLY G 449 -44.40 -14.88 12.19
N ARG G 450 -44.93 -14.95 13.41
CA ARG G 450 -44.13 -15.40 14.55
C ARG G 450 -43.72 -16.87 14.39
N VAL G 451 -44.68 -17.73 14.04
CA VAL G 451 -44.31 -19.15 13.89
C VAL G 451 -43.37 -19.33 12.69
N LEU G 452 -43.57 -18.55 11.63
CA LEU G 452 -42.64 -18.62 10.51
C LEU G 452 -41.23 -18.23 10.94
N ASP G 453 -41.12 -17.18 11.76
CA ASP G 453 -39.81 -16.80 12.30
C ASP G 453 -39.19 -17.93 13.11
N ARG G 454 -39.98 -18.60 13.95
CA ARG G 454 -39.39 -19.63 14.79
C ARG G 454 -38.90 -20.82 13.98
N VAL G 455 -39.61 -21.19 12.91
CA VAL G 455 -39.12 -22.27 12.05
C VAL G 455 -37.83 -21.86 11.34
N CYS G 456 -37.83 -20.67 10.72
CA CYS G 456 -36.69 -20.29 9.92
C CYS G 456 -35.48 -19.94 10.77
N PHE G 457 -35.68 -19.62 12.05
CA PHE G 457 -34.54 -19.44 12.95
C PHE G 457 -33.74 -20.72 13.09
N LEU G 458 -34.43 -21.83 13.36
CA LEU G 458 -33.73 -23.11 13.48
C LEU G 458 -33.09 -23.50 12.16
N ALA G 459 -33.79 -23.27 11.05
CA ALA G 459 -33.21 -23.61 9.74
C ALA G 459 -31.90 -22.84 9.51
N MET G 460 -31.93 -21.52 9.72
CA MET G 460 -30.75 -20.70 9.46
C MET G 460 -29.63 -20.99 10.45
N LEU G 461 -29.97 -21.27 11.72
CA LEU G 461 -28.93 -21.62 12.69
C LEU G 461 -28.26 -22.93 12.31
N SER G 462 -29.03 -23.91 11.83
CA SER G 462 -28.43 -25.15 11.39
C SER G 462 -27.50 -24.91 10.21
N LEU G 463 -27.92 -24.08 9.25
CA LEU G 463 -27.05 -23.77 8.11
C LEU G 463 -25.76 -23.12 8.56
N PHE G 464 -25.87 -22.11 9.44
CA PHE G 464 -24.69 -21.38 9.90
C PHE G 464 -23.73 -22.31 10.64
N VAL G 465 -24.26 -23.11 11.56
CA VAL G 465 -23.41 -24.00 12.34
C VAL G 465 -22.76 -25.05 11.44
N CYS G 466 -23.53 -25.61 10.50
CA CYS G 466 -22.96 -26.65 9.64
C CYS G 466 -21.85 -26.10 8.76
N GLY G 467 -22.06 -24.94 8.13
CA GLY G 467 -21.01 -24.36 7.31
C GLY G 467 -19.79 -23.98 8.12
N THR G 468 -20.00 -23.38 9.29
CA THR G 468 -18.89 -23.02 10.16
C THR G 468 -18.08 -24.24 10.57
N ALA G 469 -18.77 -25.32 10.98
CA ALA G 469 -18.07 -26.52 11.40
C ALA G 469 -17.33 -27.16 10.24
N GLY G 470 -17.94 -27.18 9.05
CA GLY G 470 -17.25 -27.75 7.90
C GLY G 470 -15.97 -27.00 7.58
N ILE G 471 -16.04 -25.67 7.51
CA ILE G 471 -14.86 -24.88 7.20
C ILE G 471 -13.80 -25.06 8.28
N PHE G 472 -14.21 -25.04 9.55
CA PHE G 472 -13.24 -25.12 10.64
C PHE G 472 -12.59 -26.49 10.70
N LEU G 473 -13.32 -27.56 10.37
CA LEU G 473 -12.72 -28.88 10.39
C LEU G 473 -11.81 -29.12 9.18
N MET G 474 -12.16 -28.56 8.01
CA MET G 474 -11.20 -28.58 6.91
C MET G 474 -9.94 -27.80 7.26
N ALA G 475 -10.06 -26.72 8.03
CA ALA G 475 -8.86 -26.05 8.53
C ALA G 475 -8.10 -26.95 9.50
N HIS G 476 -8.82 -27.62 10.39
CA HIS G 476 -8.20 -28.39 11.46
C HIS G 476 -7.45 -29.61 10.95
N TYR G 477 -7.98 -30.27 9.92
CA TYR G 477 -7.39 -31.51 9.41
C TYR G 477 -6.28 -31.27 8.40
N ASN G 478 -6.00 -30.03 8.01
CA ASN G 478 -4.91 -29.73 7.08
C ASN G 478 -3.61 -29.65 7.87
N ARG G 479 -2.98 -30.80 8.08
CA ARG G 479 -1.72 -30.91 8.79
C ARG G 479 -0.60 -31.30 7.83
N VAL G 480 0.62 -30.96 8.21
CA VAL G 480 1.77 -31.38 7.40
C VAL G 480 1.87 -32.90 7.48
N PRO G 481 2.22 -33.61 6.40
CA PRO G 481 2.36 -35.07 6.51
C PRO G 481 3.50 -35.45 7.46
N ALA G 482 3.35 -36.63 8.07
CA ALA G 482 4.32 -37.08 9.05
C ALA G 482 5.70 -37.32 8.46
N LEU G 483 5.79 -37.62 7.15
CA LEU G 483 7.04 -37.89 6.47
C LEU G 483 7.25 -36.85 5.36
N PRO G 484 8.50 -36.40 5.12
CA PRO G 484 8.69 -35.37 4.08
C PRO G 484 8.31 -35.79 2.68
N PHE G 485 8.53 -37.07 2.34
CA PHE G 485 8.33 -37.58 0.98
C PHE G 485 7.29 -38.70 1.02
N PRO G 486 6.15 -38.60 0.33
CA PRO G 486 5.21 -39.72 0.34
C PRO G 486 5.80 -40.94 -0.35
N GLY G 487 5.52 -42.12 0.21
CA GLY G 487 6.04 -43.36 -0.31
C GLY G 487 7.47 -43.68 0.09
N ASP G 488 8.10 -42.81 0.88
CA ASP G 488 9.48 -42.98 1.35
C ASP G 488 9.41 -43.11 2.87
N PRO G 489 9.86 -44.20 3.49
CA PRO G 489 9.69 -44.35 4.94
C PRO G 489 10.64 -43.53 5.79
N ARG G 490 11.62 -42.86 5.20
CA ARG G 490 12.64 -42.16 5.96
C ARG G 490 12.18 -40.79 6.40
N SER G 491 12.80 -40.29 7.47
CA SER G 491 12.42 -39.04 8.12
C SER G 491 13.42 -37.90 7.92
N TYR G 492 14.66 -38.21 7.54
CA TYR G 492 15.65 -37.20 7.14
C TYR G 492 15.95 -36.20 8.26
N LEU G 493 16.05 -36.70 9.51
CA LEU G 493 16.57 -35.92 10.63
C LEU G 493 17.91 -36.48 11.09
N PRO G 494 18.76 -35.67 11.72
CA PRO G 494 20.02 -36.23 12.26
C PRO G 494 19.73 -37.20 13.40
N SER G 495 20.26 -38.41 13.27
CA SER G 495 20.10 -39.39 14.32
C SER G 495 20.95 -39.01 15.53
N SER G 496 20.50 -39.42 16.71
CA SER G 496 21.20 -39.10 17.94
C SER G 496 21.39 -40.36 18.79
#